data_9KHW
# 
_entry.id   9KHW 
# 
_audit_conform.dict_name       mmcif_pdbx.dic 
_audit_conform.dict_version    5.402 
_audit_conform.dict_location   http://mmcif.pdb.org/dictionaries/ascii/mmcif_pdbx.dic 
# 
loop_
_database_2.database_id 
_database_2.database_code 
_database_2.pdbx_database_accession 
_database_2.pdbx_DOI 
PDB   9KHW         pdb_00009khw 10.2210/pdb9khw/pdb 
WWPDB D_1300053210 ?            ?                   
# 
_pdbx_audit_revision_history.ordinal             1 
_pdbx_audit_revision_history.data_content_type   'Structure model' 
_pdbx_audit_revision_history.major_revision      1 
_pdbx_audit_revision_history.minor_revision      0 
_pdbx_audit_revision_history.revision_date       2025-04-02 
_pdbx_audit_revision_history.part_number         ? 
# 
_pdbx_audit_revision_details.ordinal             1 
_pdbx_audit_revision_details.revision_ordinal    1 
_pdbx_audit_revision_details.data_content_type   'Structure model' 
_pdbx_audit_revision_details.provider            repository 
_pdbx_audit_revision_details.type                'Initial release' 
_pdbx_audit_revision_details.description         ? 
_pdbx_audit_revision_details.details             ? 
# 
_pdbx_database_status.status_code                     REL 
_pdbx_database_status.status_code_sf                  REL 
_pdbx_database_status.status_code_mr                  ? 
_pdbx_database_status.entry_id                        9KHW 
_pdbx_database_status.recvd_initial_deposition_date   2024-11-11 
_pdbx_database_status.SG_entry                        N 
_pdbx_database_status.deposit_site                    PDBJ 
_pdbx_database_status.process_site                    PDBJ 
_pdbx_database_status.status_code_cs                  ? 
_pdbx_database_status.status_code_nmr_data            ? 
_pdbx_database_status.methods_development_category    ? 
_pdbx_database_status.pdb_format_compatible           Y 
# 
loop_
_pdbx_contact_author.id 
_pdbx_contact_author.email 
_pdbx_contact_author.name_first 
_pdbx_contact_author.name_last 
_pdbx_contact_author.name_mi 
_pdbx_contact_author.role 
_pdbx_contact_author.identifier_ORCID 
3 j.kondo@sophia.ac.jp Kondo Jiro  ? 'principal investigator/group leader' 0000-0002-5682-3685 
4 tom@chem.ku.dk       Tom   Vosch ? 'principal investigator/group leader' 0000-0001-5435-2181 
# 
loop_
_audit_author.name 
_audit_author.pdbx_ordinal 
_audit_author.identifier_ORCID 
'Kanazawa, H.'  1 ? 
'Kondo, J.'     2 ? 
'Romolini, G.'  3 ? 
'Cerretani, C.' 4 ? 
'Lanza, A.'     5 ? 
'Huang, Z.'     6 ? 
'Vosch, T.'     7 ? 
# 
_citation.abstract                  ? 
_citation.abstract_id_CAS           ? 
_citation.book_id_ISBN              ? 
_citation.book_publisher            ? 
_citation.book_publisher_city       ? 
_citation.book_title                ? 
_citation.coordinate_linkage        ? 
_citation.country                   DE 
_citation.database_id_Medline       ? 
_citation.details                   ? 
_citation.id                        primary 
_citation.journal_abbrev            'Small Struct' 
_citation.journal_id_ASTM           ? 
_citation.journal_id_CSD            ? 
_citation.journal_id_ISSN           2688-4062 
_citation.journal_full              ? 
_citation.journal_issue             ? 
_citation.journal_volume            ? 
_citation.language                  ? 
_citation.page_first                ? 
_citation.page_last                 ? 
_citation.title                     'Shining Bright at 960 nm: A 28-Silver-Atom Nanorod Stabilized by DNA' 
_citation.year                      2025 
_citation.database_id_CSD           ? 
_citation.pdbx_database_id_DOI      10.1002/sstr.202500022 
_citation.pdbx_database_id_PubMed   ? 
_citation.pdbx_database_id_patent   ? 
_citation.unpublished_flag          ? 
# 
loop_
_citation_author.citation_id 
_citation_author.name 
_citation_author.ordinal 
_citation_author.identifier_ORCID 
primary 'Romolini, G.'  1 ? 
primary 'Kanazawa, H.'  2 ? 
primary 'Mollerup, C.'  3 ? 
primary 'Lisberg, M.'   4 ? 
primary 'Lind, S.'      5 ? 
primary 'Huang, Z.'     6 ? 
primary 'Cerretani, C.' 7 ? 
primary 'Kondo, J.'     8 ? 
primary 'Vosch, T.'     9 ? 
# 
loop_
_entity.id 
_entity.type 
_entity.src_method 
_entity.pdbx_description 
_entity.formula_weight 
_entity.pdbx_number_of_molecules 
_entity.pdbx_ec 
_entity.pdbx_mutation 
_entity.pdbx_fragment 
_entity.details 
1 polymer     syn 
;DNA (5'-D(*CP*CP*GP*CP*GP*CP*GP*CP*GP*CP*CP*GP*CP*GP*AP*A)-3')
;
4870.146 2  ? ? ? ? 
2 non-polymer syn 'SILVER ION'                                                     107.868  28 ? ? ? ? 
3 non-polymer syn 'CHLORIDE ION'                                                   35.453   2  ? ? ? ? 
4 water       nat water                                                            18.015   39 ? ? ? ? 
# 
_entity_poly.entity_id                      1 
_entity_poly.type                           polydeoxyribonucleotide 
_entity_poly.nstd_linkage                   no 
_entity_poly.nstd_monomer                   no 
_entity_poly.pdbx_seq_one_letter_code       '(DC)(DC)(DG)(DC)(DG)(DC)(DG)(DC)(DG)(DC)(DC)(DG)(DC)(DG)(DA)(DA)' 
_entity_poly.pdbx_seq_one_letter_code_can   CCGCGCGCGCCGCGAA 
_entity_poly.pdbx_strand_id                 A,B 
_entity_poly.pdbx_target_identifier         ? 
# 
loop_
_pdbx_entity_nonpoly.entity_id 
_pdbx_entity_nonpoly.name 
_pdbx_entity_nonpoly.comp_id 
2 'SILVER ION'   AG  
3 'CHLORIDE ION' CL  
4 water          HOH 
# 
loop_
_entity_poly_seq.entity_id 
_entity_poly_seq.num 
_entity_poly_seq.mon_id 
_entity_poly_seq.hetero 
1 1  DC n 
1 2  DC n 
1 3  DG n 
1 4  DC n 
1 5  DG n 
1 6  DC n 
1 7  DG n 
1 8  DC n 
1 9  DG n 
1 10 DC n 
1 11 DC n 
1 12 DG n 
1 13 DC n 
1 14 DG n 
1 15 DA n 
1 16 DA n 
# 
_pdbx_entity_src_syn.entity_id              1 
_pdbx_entity_src_syn.pdbx_src_id            1 
_pdbx_entity_src_syn.pdbx_alt_source_flag   sample 
_pdbx_entity_src_syn.pdbx_beg_seq_num       1 
_pdbx_entity_src_syn.pdbx_end_seq_num       16 
_pdbx_entity_src_syn.organism_scientific    'synthetic construct' 
_pdbx_entity_src_syn.organism_common_name   ? 
_pdbx_entity_src_syn.ncbi_taxonomy_id       32630 
_pdbx_entity_src_syn.details                ? 
# 
loop_
_chem_comp.id 
_chem_comp.type 
_chem_comp.mon_nstd_flag 
_chem_comp.name 
_chem_comp.pdbx_synonyms 
_chem_comp.formula 
_chem_comp.formula_weight 
AG  non-polymer   . 'SILVER ION'                         ? 'Ag 1'            107.868 
CL  non-polymer   . 'CHLORIDE ION'                       ? 'Cl -1'           35.453  
DA  'DNA linking' y "2'-DEOXYADENOSINE-5'-MONOPHOSPHATE" ? 'C10 H14 N5 O6 P' 331.222 
DC  'DNA linking' y "2'-DEOXYCYTIDINE-5'-MONOPHOSPHATE"  ? 'C9 H14 N3 O7 P'  307.197 
DG  'DNA linking' y "2'-DEOXYGUANOSINE-5'-MONOPHOSPHATE" ? 'C10 H14 N5 O7 P' 347.221 
HOH non-polymer   . WATER                                ? 'H2 O'            18.015  
# 
loop_
_pdbx_poly_seq_scheme.asym_id 
_pdbx_poly_seq_scheme.entity_id 
_pdbx_poly_seq_scheme.seq_id 
_pdbx_poly_seq_scheme.mon_id 
_pdbx_poly_seq_scheme.ndb_seq_num 
_pdbx_poly_seq_scheme.pdb_seq_num 
_pdbx_poly_seq_scheme.auth_seq_num 
_pdbx_poly_seq_scheme.pdb_mon_id 
_pdbx_poly_seq_scheme.auth_mon_id 
_pdbx_poly_seq_scheme.pdb_strand_id 
_pdbx_poly_seq_scheme.pdb_ins_code 
_pdbx_poly_seq_scheme.hetero 
A 1 1  DC 1  1  1  DC DC A . n 
A 1 2  DC 2  2  2  DC DC A . n 
A 1 3  DG 3  3  3  DG DG A . n 
A 1 4  DC 4  4  4  DC DC A . n 
A 1 5  DG 5  5  5  DG DG A . n 
A 1 6  DC 6  6  6  DC DC A . n 
A 1 7  DG 7  7  7  DG DG A . n 
A 1 8  DC 8  8  8  DC DC A . n 
A 1 9  DG 9  9  9  DG DG A . n 
A 1 10 DC 10 10 10 DC DC A . n 
A 1 11 DC 11 11 11 DC DC A . n 
A 1 12 DG 12 12 12 DG DG A . n 
A 1 13 DC 13 13 13 DC DC A . n 
A 1 14 DG 14 14 14 DG DG A . n 
A 1 15 DA 15 15 15 DA DA A . n 
A 1 16 DA 16 16 16 DA DA A . n 
B 1 1  DC 1  1  1  DC DC B . n 
B 1 2  DC 2  2  2  DC DC B . n 
B 1 3  DG 3  3  3  DG DG B . n 
B 1 4  DC 4  4  4  DC DC B . n 
B 1 5  DG 5  5  5  DG DG B . n 
B 1 6  DC 6  6  6  DC DC B . n 
B 1 7  DG 7  7  7  DG DG B . n 
B 1 8  DC 8  8  8  DC DC B . n 
B 1 9  DG 9  9  9  DG DG B . n 
B 1 10 DC 10 10 10 DC DC B . n 
B 1 11 DC 11 11 11 DC DC B . n 
B 1 12 DG 12 12 12 DG DG B . n 
B 1 13 DC 13 13 13 DC DC B . n 
B 1 14 DG 14 14 14 DG DG B . n 
B 1 15 DA 15 15 15 DA DA B . n 
B 1 16 DA 16 16 16 DA DA B . n 
# 
loop_
_pdbx_entity_instance_feature.ordinal 
_pdbx_entity_instance_feature.comp_id 
_pdbx_entity_instance_feature.asym_id 
_pdbx_entity_instance_feature.seq_num 
_pdbx_entity_instance_feature.auth_comp_id 
_pdbx_entity_instance_feature.auth_asym_id 
_pdbx_entity_instance_feature.auth_seq_num 
_pdbx_entity_instance_feature.feature_type 
_pdbx_entity_instance_feature.details 
1 CL ? ? CL ? ? 'SUBJECT OF INVESTIGATION' ? 
2 AG ? ? AG ? ? 'SUBJECT OF INVESTIGATION' ? 
# 
loop_
_pdbx_nonpoly_scheme.asym_id 
_pdbx_nonpoly_scheme.entity_id 
_pdbx_nonpoly_scheme.mon_id 
_pdbx_nonpoly_scheme.ndb_seq_num 
_pdbx_nonpoly_scheme.pdb_seq_num 
_pdbx_nonpoly_scheme.auth_seq_num 
_pdbx_nonpoly_scheme.pdb_mon_id 
_pdbx_nonpoly_scheme.auth_mon_id 
_pdbx_nonpoly_scheme.pdb_strand_id 
_pdbx_nonpoly_scheme.pdb_ins_code 
C  2 AG  1  101 1  AG  AG  A . 
D  2 AG  1  102 2  AG  AG  A . 
E  2 AG  1  103 3  AG  AG  A . 
F  2 AG  1  104 4  AG  AG  A . 
G  2 AG  1  105 5  AG  AG  A . 
H  2 AG  1  106 6  AG  AG  A . 
I  2 AG  1  107 7  AG  AG  A . 
J  2 AG  1  108 8  AG  AG  A . 
K  2 AG  1  109 9  AG  AG  A . 
L  2 AG  1  110 10 AG  AG  A . 
M  2 AG  1  111 11 AG  AG  A . 
N  2 AG  1  112 12 AG  AG  A . 
O  2 AG  1  113 13 AG  AG  A . 
P  2 AG  1  114 14 AG  AG  A . 
Q  3 CL  1  115 1  CL  CL  A . 
R  2 AG  1  101 15 AG  AG  B . 
S  2 AG  1  102 16 AG  AG  B . 
T  2 AG  1  103 17 AG  AG  B . 
U  2 AG  1  104 18 AG  AG  B . 
V  2 AG  1  105 19 AG  AG  B . 
W  2 AG  1  106 20 AG  AG  B . 
X  2 AG  1  107 21 AG  AG  B . 
Y  2 AG  1  108 22 AG  AG  B . 
Z  2 AG  1  109 23 AG  AG  B . 
AA 2 AG  1  110 24 AG  AG  B . 
BA 2 AG  1  111 25 AG  AG  B . 
CA 2 AG  1  112 26 AG  AG  B . 
DA 2 AG  1  113 27 AG  AG  B . 
EA 2 AG  1  114 28 AG  AG  B . 
FA 3 CL  1  115 2  CL  CL  B . 
GA 4 HOH 1  201 1  HOH HOH A . 
GA 4 HOH 2  202 25 HOH HOH A . 
GA 4 HOH 3  203 22 HOH HOH A . 
GA 4 HOH 4  204 21 HOH HOH A . 
GA 4 HOH 5  205 11 HOH HOH A . 
GA 4 HOH 6  206 8  HOH HOH A . 
GA 4 HOH 7  207 3  HOH HOH A . 
GA 4 HOH 8  208 6  HOH HOH A . 
GA 4 HOH 9  209 12 HOH HOH A . 
GA 4 HOH 10 210 19 HOH HOH A . 
GA 4 HOH 11 211 33 HOH HOH A . 
GA 4 HOH 12 212 4  HOH HOH A . 
GA 4 HOH 13 213 32 HOH HOH A . 
GA 4 HOH 14 214 15 HOH HOH A . 
GA 4 HOH 15 215 16 HOH HOH A . 
GA 4 HOH 16 216 31 HOH HOH A . 
GA 4 HOH 17 217 36 HOH HOH A . 
HA 4 HOH 1  201 14 HOH HOH B . 
HA 4 HOH 2  202 34 HOH HOH B . 
HA 4 HOH 3  203 17 HOH HOH B . 
HA 4 HOH 4  204 24 HOH HOH B . 
HA 4 HOH 5  205 10 HOH HOH B . 
HA 4 HOH 6  206 18 HOH HOH B . 
HA 4 HOH 7  207 7  HOH HOH B . 
HA 4 HOH 8  208 2  HOH HOH B . 
HA 4 HOH 9  209 26 HOH HOH B . 
HA 4 HOH 10 210 9  HOH HOH B . 
HA 4 HOH 11 211 13 HOH HOH B . 
HA 4 HOH 12 212 28 HOH HOH B . 
HA 4 HOH 13 213 5  HOH HOH B . 
HA 4 HOH 14 214 39 HOH HOH B . 
HA 4 HOH 15 215 29 HOH HOH B . 
HA 4 HOH 16 216 20 HOH HOH B . 
HA 4 HOH 17 217 27 HOH HOH B . 
HA 4 HOH 18 218 23 HOH HOH B . 
HA 4 HOH 19 219 30 HOH HOH B . 
HA 4 HOH 20 220 35 HOH HOH B . 
HA 4 HOH 21 221 38 HOH HOH B . 
HA 4 HOH 22 222 37 HOH HOH B . 
# 
loop_
_software.citation_id 
_software.classification 
_software.compiler_name 
_software.compiler_version 
_software.contact_author 
_software.contact_author_email 
_software.date 
_software.description 
_software.dependencies 
_software.hardware 
_software.language 
_software.location 
_software.mods 
_software.name 
_software.os 
_software.os_version 
_software.type 
_software.version 
_software.pdbx_ordinal 
? refinement       ? ? ? ? ? ? ? ? ? ? ? PHENIX  ? ? ? '(1.20.1_4487: ???)' 1 
? 'data scaling'   ? ? ? ? ? ? ? ? ? ? ? XSCALE  ? ? ? .                    2 
? phasing          ? ? ? ? ? ? ? ? ? ? ? Sir2014 ? ? ? Sir2019              3 
? phasing          ? ? ? ? ? ? ? ? ? ? ? AutoSol ? ? ? .                    4 
? 'data reduction' ? ? ? ? ? ? ? ? ? ? ? XDS     ? ? ? .                    5 
# 
_cell.angle_alpha                  90.00 
_cell.angle_alpha_esd              ? 
_cell.angle_beta                   103.67 
_cell.angle_beta_esd               ? 
_cell.angle_gamma                  90.00 
_cell.angle_gamma_esd              ? 
_cell.entry_id                     9KHW 
_cell.details                      ? 
_cell.formula_units_Z              ? 
_cell.length_a                     27.215 
_cell.length_a_esd                 ? 
_cell.length_b                     53.171 
_cell.length_b_esd                 ? 
_cell.length_c                     27.215 
_cell.length_c_esd                 ? 
_cell.volume                       ? 
_cell.volume_esd                   ? 
_cell.Z_PDB                        4 
_cell.reciprocal_angle_alpha       ? 
_cell.reciprocal_angle_beta        ? 
_cell.reciprocal_angle_gamma       ? 
_cell.reciprocal_angle_alpha_esd   ? 
_cell.reciprocal_angle_beta_esd    ? 
_cell.reciprocal_angle_gamma_esd   ? 
_cell.reciprocal_length_a          ? 
_cell.reciprocal_length_b          ? 
_cell.reciprocal_length_c          ? 
_cell.reciprocal_length_a_esd      ? 
_cell.reciprocal_length_b_esd      ? 
_cell.reciprocal_length_c_esd      ? 
_cell.pdbx_unique_axis             ? 
_cell.pdbx_esd_method              ? 
# 
_symmetry.entry_id                         9KHW 
_symmetry.cell_setting                     ? 
_symmetry.Int_Tables_number                4 
_symmetry.space_group_name_Hall            ? 
_symmetry.space_group_name_H-M             'P 1 21 1' 
_symmetry.pdbx_full_space_group_name_H-M   ? 
# 
_exptl.absorpt_coefficient_mu     ? 
_exptl.absorpt_correction_T_max   ? 
_exptl.absorpt_correction_T_min   ? 
_exptl.absorpt_correction_type    ? 
_exptl.absorpt_process_details    ? 
_exptl.entry_id                   9KHW 
_exptl.crystals_number            2 
_exptl.details                    ? 
_exptl.method                     'X-RAY DIFFRACTION' 
_exptl.method_details             ? 
# 
loop_
_exptl_crystal.colour 
_exptl_crystal.density_diffrn 
_exptl_crystal.density_Matthews 
_exptl_crystal.density_method 
_exptl_crystal.density_percent_sol 
_exptl_crystal.description 
_exptl_crystal.F_000 
_exptl_crystal.id 
_exptl_crystal.preparation 
_exptl_crystal.size_max 
_exptl_crystal.size_mid 
_exptl_crystal.size_min 
_exptl_crystal.size_rad 
_exptl_crystal.colour_lustre 
_exptl_crystal.colour_modifier 
_exptl_crystal.colour_primary 
_exptl_crystal.density_meas 
_exptl_crystal.density_meas_esd 
_exptl_crystal.density_meas_gt 
_exptl_crystal.density_meas_lt 
_exptl_crystal.density_meas_temp 
_exptl_crystal.density_meas_temp_esd 
_exptl_crystal.density_meas_temp_gt 
_exptl_crystal.density_meas_temp_lt 
_exptl_crystal.pdbx_crystal_image_url 
_exptl_crystal.pdbx_crystal_image_format 
_exptl_crystal.pdbx_mosaicity 
_exptl_crystal.pdbx_mosaicity_esd 
_exptl_crystal.pdbx_mosaic_method 
_exptl_crystal.pdbx_mosaic_block_size 
_exptl_crystal.pdbx_mosaic_block_size_esd 
? ? 1.96 ? 37.38 ? ? 1 ? ? ? ? ? ? ? ? ? ? ? ? ? ? ? ? ? ? ? ? ? ? ? 
? ? ?    ? ?     ? ? 2 ? ? ? ? ? ? ? ? ? ? ? ? ? ? ? ? ? ? ? ? ? ? ? 
# 
loop_
_exptl_crystal_grow.apparatus 
_exptl_crystal_grow.atmosphere 
_exptl_crystal_grow.crystal_id 
_exptl_crystal_grow.details 
_exptl_crystal_grow.method 
_exptl_crystal_grow.method_ref 
_exptl_crystal_grow.pH 
_exptl_crystal_grow.pressure 
_exptl_crystal_grow.pressure_esd 
_exptl_crystal_grow.seeding 
_exptl_crystal_grow.seeding_ref 
_exptl_crystal_grow.temp_details 
_exptl_crystal_grow.temp_esd 
_exptl_crystal_grow.time 
_exptl_crystal_grow.pdbx_details 
_exptl_crystal_grow.pdbx_pH_range 
_exptl_crystal_grow.temp 
? ? 1 ? 'VAPOR DIFFUSION, SITTING DROP' ? 7.0 ? ? ? ? ? ? ? '50 mM MOPS, 10 mM spermine, 10 mM KNO3, 10% MPD' ? 293 
? ? 2 ? 'VAPOR DIFFUSION, HANGING DROP' ? 7.0 ? ? ? ? ? ? ? 
;50 mM 3-(N-morpholino)propanesulfonic acid, 10 mM spermine, 10 mM Ca(NO3), 10% 2-methyl-2,4-pentanediol against a reservoir solution of 40% 2-methyl-2,4-pentanediol.
;
? 293 
# 
loop_
_diffrn.ambient_environment 
_diffrn.ambient_temp 
_diffrn.ambient_temp_details 
_diffrn.ambient_temp_esd 
_diffrn.crystal_id 
_diffrn.crystal_support 
_diffrn.crystal_treatment 
_diffrn.details 
_diffrn.id 
_diffrn.ambient_pressure 
_diffrn.ambient_pressure_esd 
_diffrn.ambient_pressure_gt 
_diffrn.ambient_pressure_lt 
_diffrn.ambient_temp_gt 
_diffrn.ambient_temp_lt 
_diffrn.pdbx_serial_crystal_experiment 
? 100 ? ? 1 ? ? ? 1 ? ? ? ? ? ? Y 
? 100 ? ? 2 ? ? ? 2 ? ? ? ? ? ? Y 
# 
loop_
_diffrn_detector.details 
_diffrn_detector.detector 
_diffrn_detector.diffrn_id 
_diffrn_detector.type 
_diffrn_detector.area_resol_mean 
_diffrn_detector.dtime 
_diffrn_detector.pdbx_frames_total 
_diffrn_detector.pdbx_collection_time_total 
_diffrn_detector.pdbx_collection_date 
_diffrn_detector.pdbx_frequency 
_diffrn_detector.id 
_diffrn_detector.number_of_axes 
? PIXEL 1 'DECTRIS PILATUS 6M'   ? ? ? ? 2024-10-12 ? ? ? 
? PIXEL 2 'DECTRIS EIGER2 S 16M' ? ? ? ? 2024-10-20 ? ? ? 
# 
loop_
_diffrn_radiation.collimation 
_diffrn_radiation.diffrn_id 
_diffrn_radiation.filter_edge 
_diffrn_radiation.inhomogeneity 
_diffrn_radiation.monochromator 
_diffrn_radiation.polarisn_norm 
_diffrn_radiation.polarisn_ratio 
_diffrn_radiation.probe 
_diffrn_radiation.type 
_diffrn_radiation.xray_symbol 
_diffrn_radiation.wavelength_id 
_diffrn_radiation.pdbx_monochromatic_or_laue_m_l 
_diffrn_radiation.pdbx_wavelength_list 
_diffrn_radiation.pdbx_wavelength 
_diffrn_radiation.pdbx_diffrn_protocol 
_diffrn_radiation.pdbx_analyzer 
_diffrn_radiation.pdbx_scattering_type 
? 1 ? ? ? ? ? ? ? ? 1 M ? ? 'SINGLE WAVELENGTH' ? x-ray 
? 2 ? ? ? ? ? ? ? ? 2 M ? ? 'SINGLE WAVELENGTH' ? x-ray 
# 
loop_
_diffrn_radiation_wavelength.id 
_diffrn_radiation_wavelength.wavelength 
_diffrn_radiation_wavelength.wt 
1 1.9    1.0 
2 0.6199 1.0 
# 
loop_
_diffrn_source.current 
_diffrn_source.details 
_diffrn_source.diffrn_id 
_diffrn_source.power 
_diffrn_source.size 
_diffrn_source.source 
_diffrn_source.target 
_diffrn_source.type 
_diffrn_source.voltage 
_diffrn_source.take-off_angle 
_diffrn_source.pdbx_wavelength_list 
_diffrn_source.pdbx_wavelength 
_diffrn_source.pdbx_synchrotron_beamline 
_diffrn_source.pdbx_synchrotron_site 
? ? 1 ? ? SYNCHROTRON ? 'PHOTON FACTORY BEAMLINE BL-5A' ? ? 1.9    ? BL-5A  'Photon Factory' 
? ? 2 ? ? SYNCHROTRON ? 'MAX IV BEAMLINE BioMAX'        ? ? 0.6199 ? BioMAX 'MAX IV'         
# 
_reflns.B_iso_Wilson_estimate                          ? 
_reflns.entry_id                                       9KHW 
_reflns.data_reduction_details                         ? 
_reflns.data_reduction_method                          ? 
_reflns.d_resolution_high                              1.3 
_reflns.d_resolution_low                               26.4 
_reflns.details                                        ? 
_reflns.limit_h_max                                    ? 
_reflns.limit_h_min                                    ? 
_reflns.limit_k_max                                    ? 
_reflns.limit_k_min                                    ? 
_reflns.limit_l_max                                    ? 
_reflns.limit_l_min                                    ? 
_reflns.number_all                                     ? 
_reflns.number_obs                                     35689 
_reflns.observed_criterion                             ? 
_reflns.observed_criterion_F_max                       ? 
_reflns.observed_criterion_F_min                       ? 
_reflns.observed_criterion_I_max                       ? 
_reflns.observed_criterion_I_min                       ? 
_reflns.observed_criterion_sigma_F                     ? 
_reflns.observed_criterion_sigma_I                     ? 
_reflns.percent_possible_obs                           97.1 
_reflns.R_free_details                                 ? 
_reflns.Rmerge_F_all                                   ? 
_reflns.Rmerge_F_obs                                   ? 
_reflns.Friedel_coverage                               ? 
_reflns.number_gt                                      ? 
_reflns.threshold_expression                           ? 
_reflns.pdbx_redundancy                                3.6 
_reflns.pdbx_netI_over_av_sigmaI                       ? 
_reflns.pdbx_netI_over_sigmaI                          7.25 
_reflns.pdbx_res_netI_over_av_sigmaI_2                 ? 
_reflns.pdbx_res_netI_over_sigmaI_2                    ? 
_reflns.pdbx_chi_squared                               ? 
_reflns.pdbx_scaling_rejects                           ? 
_reflns.pdbx_d_res_high_opt                            ? 
_reflns.pdbx_d_res_low_opt                             ? 
_reflns.pdbx_d_res_opt_method                          ? 
_reflns.phase_calculation_details                      ? 
_reflns.pdbx_Rrim_I_all                                0.13 
_reflns.pdbx_Rpim_I_all                                ? 
_reflns.pdbx_d_opt                                     ? 
_reflns.pdbx_number_measured_all                       ? 
_reflns.pdbx_diffrn_id                                 2 
_reflns.pdbx_ordinal                                   1 
_reflns.pdbx_CC_half                                   0.993 
_reflns.pdbx_CC_star                                   ? 
_reflns.pdbx_R_split                                   ? 
_reflns.pdbx_Rmerge_I_obs                              0.111 
_reflns.pdbx_Rmerge_I_all                              ? 
_reflns.pdbx_Rsym_value                                ? 
_reflns.pdbx_CC_split_method                           ? 
_reflns.pdbx_aniso_diffraction_limit_axis_1_ortho[1]   ? 
_reflns.pdbx_aniso_diffraction_limit_axis_1_ortho[2]   ? 
_reflns.pdbx_aniso_diffraction_limit_axis_1_ortho[3]   ? 
_reflns.pdbx_aniso_diffraction_limit_axis_2_ortho[1]   ? 
_reflns.pdbx_aniso_diffraction_limit_axis_2_ortho[2]   ? 
_reflns.pdbx_aniso_diffraction_limit_axis_2_ortho[3]   ? 
_reflns.pdbx_aniso_diffraction_limit_axis_3_ortho[1]   ? 
_reflns.pdbx_aniso_diffraction_limit_axis_3_ortho[2]   ? 
_reflns.pdbx_aniso_diffraction_limit_axis_3_ortho[3]   ? 
_reflns.pdbx_aniso_diffraction_limit_1                 ? 
_reflns.pdbx_aniso_diffraction_limit_2                 ? 
_reflns.pdbx_aniso_diffraction_limit_3                 ? 
_reflns.pdbx_aniso_B_tensor_eigenvector_1_ortho[1]     ? 
_reflns.pdbx_aniso_B_tensor_eigenvector_1_ortho[2]     ? 
_reflns.pdbx_aniso_B_tensor_eigenvector_1_ortho[3]     ? 
_reflns.pdbx_aniso_B_tensor_eigenvector_2_ortho[1]     ? 
_reflns.pdbx_aniso_B_tensor_eigenvector_2_ortho[2]     ? 
_reflns.pdbx_aniso_B_tensor_eigenvector_2_ortho[3]     ? 
_reflns.pdbx_aniso_B_tensor_eigenvector_3_ortho[1]     ? 
_reflns.pdbx_aniso_B_tensor_eigenvector_3_ortho[2]     ? 
_reflns.pdbx_aniso_B_tensor_eigenvector_3_ortho[3]     ? 
_reflns.pdbx_aniso_B_tensor_eigenvalue_1               ? 
_reflns.pdbx_aniso_B_tensor_eigenvalue_2               ? 
_reflns.pdbx_aniso_B_tensor_eigenvalue_3               ? 
_reflns.pdbx_orthogonalization_convention              ? 
_reflns.pdbx_percent_possible_ellipsoidal              ? 
_reflns.pdbx_percent_possible_spherical                ? 
_reflns.pdbx_percent_possible_ellipsoidal_anomalous    ? 
_reflns.pdbx_percent_possible_spherical_anomalous      ? 
_reflns.pdbx_redundancy_anomalous                      ? 
_reflns.pdbx_CC_half_anomalous                         ? 
_reflns.pdbx_absDiff_over_sigma_anomalous              ? 
_reflns.pdbx_percent_possible_anomalous                ? 
_reflns.pdbx_observed_signal_threshold                 ? 
_reflns.pdbx_signal_type                               ? 
_reflns.pdbx_signal_details                            ? 
_reflns.pdbx_signal_software_id                        ? 
# 
loop_
_reflns_shell.d_res_high 
_reflns_shell.d_res_low 
_reflns_shell.meanI_over_sigI_all 
_reflns_shell.meanI_over_sigI_obs 
_reflns_shell.number_measured_all 
_reflns_shell.number_measured_obs 
_reflns_shell.number_possible 
_reflns_shell.number_unique_all 
_reflns_shell.number_unique_obs 
_reflns_shell.percent_possible_obs 
_reflns_shell.Rmerge_F_all 
_reflns_shell.Rmerge_F_obs 
_reflns_shell.meanI_over_sigI_gt 
_reflns_shell.meanI_over_uI_all 
_reflns_shell.meanI_over_uI_gt 
_reflns_shell.number_measured_gt 
_reflns_shell.number_unique_gt 
_reflns_shell.percent_possible_gt 
_reflns_shell.Rmerge_F_gt 
_reflns_shell.Rmerge_I_gt 
_reflns_shell.pdbx_redundancy 
_reflns_shell.pdbx_chi_squared 
_reflns_shell.pdbx_netI_over_sigmaI_all 
_reflns_shell.pdbx_netI_over_sigmaI_obs 
_reflns_shell.pdbx_Rrim_I_all 
_reflns_shell.pdbx_Rpim_I_all 
_reflns_shell.pdbx_rejects 
_reflns_shell.pdbx_ordinal 
_reflns_shell.pdbx_diffrn_id 
_reflns_shell.pdbx_CC_half 
_reflns_shell.pdbx_CC_star 
_reflns_shell.pdbx_R_split 
_reflns_shell.percent_possible_all 
_reflns_shell.Rmerge_I_all 
_reflns_shell.Rmerge_I_obs 
_reflns_shell.pdbx_Rsym_value 
_reflns_shell.pdbx_percent_possible_ellipsoidal 
_reflns_shell.pdbx_percent_possible_spherical 
_reflns_shell.pdbx_percent_possible_ellipsoidal_anomalous 
_reflns_shell.pdbx_percent_possible_spherical_anomalous 
_reflns_shell.pdbx_redundancy_anomalous 
_reflns_shell.pdbx_CC_half_anomalous 
_reflns_shell.pdbx_absDiff_over_sigma_anomalous 
_reflns_shell.pdbx_percent_possible_anomalous 
1.30 1.33 ? ? ? ? ? ? 2549 ? ? ? ? ? ? ? ? ? ? ? ? ? ? ? 0.376 ? ? 1  2 0.899 ? ? ? ? 0.319 ? ? ? ? ? ? ? ? ? 
1.33 1.37 ? ? ? ? ? ? 2543 ? ? ? ? ? ? ? ? ? ? ? ? ? ? ? 0.339 ? ? 2  2 0.918 ? ? ? ? 0.288 ? ? ? ? ? ? ? ? ? 
1.37 1.41 ? ? ? ? ? ? 2478 ? ? ? ? ? ? ? ? ? ? ? ? ? ? ? 0.314 ? ? 3  2 0.939 ? ? ? ? 0.266 ? ? ? ? ? ? ? ? ? 
1.41 1.45 ? ? ? ? ? ? 2443 ? ? ? ? ? ? ? ? ? ? ? ? ? ? ? 0.315 ? ? 4  2 0.933 ? ? ? ? 0.267 ? ? ? ? ? ? ? ? ? 
1.45 1.5  ? ? ? ? ? ? 2414 ? ? ? ? ? ? ? ? ? ? ? ? ? ? ? 0.291 ? ? 5  2 0.938 ? ? ? ? 0.247 ? ? ? ? ? ? ? ? ? 
1.50 1.55 ? ? ? ? ? ? 2202 ? ? ? ? ? ? ? ? ? ? ? ? ? ? ? 0.295 ? ? 6  2 0.931 ? ? ? ? 0.249 ? ? ? ? ? ? ? ? ? 
1.55 1.61 ? ? ? ? ? ? 2257 ? ? ? ? ? ? ? ? ? ? ? ? ? ? ? 0.275 ? ? 7  2 0.951 ? ? ? ? 0.235 ? ? ? ? ? ? ? ? ? 
1.61 1.67 ? ? ? ? ? ? 2089 ? ? ? ? ? ? ? ? ? ? ? ? ? ? ? 0.238 ? ? 8  2 0.96  ? ? ? ? 0.203 ? ? ? ? ? ? ? ? ? 
1.67 1.75 ? ? ? ? ? ? 2071 ? ? ? ? ? ? ? ? ? ? ? ? ? ? ? 0.216 ? ? 9  2 0.962 ? ? ? ? 0.184 ? ? ? ? ? ? ? ? ? 
1.75 1.83 ? ? ? ? ? ? 1967 ? ? ? ? ? ? ? ? ? ? ? ? ? ? ? 0.181 ? ? 10 2 0.973 ? ? ? ? 0.154 ? ? ? ? ? ? ? ? ? 
1.83 1.93 ? ? ? ? ? ? 1919 ? ? ? ? ? ? ? ? ? ? ? ? ? ? ? 0.156 ? ? 11 2 0.982 ? ? ? ? 0.133 ? ? ? ? ? ? ? ? ? 
1.93 2.05 ? ? ? ? ? ? 1737 ? ? ? ? ? ? ? ? ? ? ? ? ? ? ? 0.12  ? ? 12 2 0.987 ? ? ? ? 0.102 ? ? ? ? ? ? ? ? ? 
2.05 2.19 ? ? ? ? ? ? 1646 ? ? ? ? ? ? ? ? ? ? ? ? ? ? ? 0.104 ? ? 13 2 0.989 ? ? ? ? 0.089 ? ? ? ? ? ? ? ? ? 
2.19 2.37 ? ? ? ? ? ? 1539 ? ? ? ? ? ? ? ? ? ? ? ? ? ? ? 0.087 ? ? 14 2 0.992 ? ? ? ? 0.074 ? ? ? ? ? ? ? ? ? 
2.37 2.59 ? ? ? ? ? ? 1371 ? ? ? ? ? ? ? ? ? ? ? ? ? ? ? 0.08  ? ? 15 2 0.996 ? ? ? ? 0.068 ? ? ? ? ? ? ? ? ? 
2.59 2.9  ? ? ? ? ? ? 1268 ? ? ? ? ? ? ? ? ? ? ? ? ? ? ? 0.089 ? ? 16 2 0.991 ? ? ? ? 0.076 ? ? ? ? ? ? ? ? ? 
2.90 3.35 ? ? ? ? ? ? 1143 ? ? ? ? ? ? ? ? ? ? ? ? ? ? ? 0.079 ? ? 17 2 0.995 ? ? ? ? 0.068 ? ? ? ? ? ? ? ? ? 
3.35 4.1  ? ? ? ? ? ? 939  ? ? ? ? ? ? ? ? ? ? ? ? ? ? ? 0.077 ? ? 18 2 0.995 ? ? ? ? 0.067 ? ? ? ? ? ? ? ? ? 
4.10 5.8  ? ? ? ? ? ? 742  ? ? ? ? ? ? ? ? ? ? ? ? ? ? ? 0.074 ? ? 19 2 0.994 ? ? ? ? 0.063 ? ? ? ? ? ? ? ? ? 
5.80 26.4 ? ? ? ? ? ? 372  ? ? ? ? ? ? ? ? ? ? ? ? ? ? ? 0.065 ? ? 20 2 0.995 ? ? ? ? 0.056 ? ? ? ? ? ? ? ? ? 
2.0  26.6 ? ? ? ? ? ? 9236 ? ? ? ? ? ? ? ? ? ? ? ? ? ? ? ?     ? ? 21 1 0.994 ? ? ? ? ?     ? ? ? ? ? ? ? ? ? 
# 
_refine.aniso_B[1][1]                            ? 
_refine.aniso_B[1][2]                            ? 
_refine.aniso_B[1][3]                            ? 
_refine.aniso_B[2][2]                            ? 
_refine.aniso_B[2][3]                            ? 
_refine.aniso_B[3][3]                            ? 
_refine.B_iso_max                                ? 
_refine.B_iso_mean                               ? 
_refine.B_iso_min                                ? 
_refine.correlation_coeff_Fo_to_Fc               ? 
_refine.correlation_coeff_Fo_to_Fc_free          ? 
_refine.details                                  ? 
_refine.diff_density_max                         ? 
_refine.diff_density_max_esd                     ? 
_refine.diff_density_min                         ? 
_refine.diff_density_min_esd                     ? 
_refine.diff_density_rms                         ? 
_refine.diff_density_rms_esd                     ? 
_refine.entry_id                                 9KHW 
_refine.pdbx_refine_id                           'X-RAY DIFFRACTION' 
_refine.ls_abs_structure_details                 ? 
_refine.ls_abs_structure_Flack                   ? 
_refine.ls_abs_structure_Flack_esd               ? 
_refine.ls_abs_structure_Rogers                  ? 
_refine.ls_abs_structure_Rogers_esd              ? 
_refine.ls_d_res_high                            1.30 
_refine.ls_d_res_low                             16.82 
_refine.ls_extinction_coef                       ? 
_refine.ls_extinction_coef_esd                   ? 
_refine.ls_extinction_expression                 ? 
_refine.ls_extinction_method                     ? 
_refine.ls_goodness_of_fit_all                   ? 
_refine.ls_goodness_of_fit_all_esd               ? 
_refine.ls_goodness_of_fit_obs                   ? 
_refine.ls_goodness_of_fit_obs_esd               ? 
_refine.ls_hydrogen_treatment                    ? 
_refine.ls_matrix_type                           ? 
_refine.ls_number_constraints                    ? 
_refine.ls_number_parameters                     ? 
_refine.ls_number_reflns_all                     ? 
_refine.ls_number_reflns_obs                     35654 
_refine.ls_number_reflns_R_free                  3521 
_refine.ls_number_reflns_R_work                  ? 
_refine.ls_number_restraints                     ? 
_refine.ls_percent_reflns_obs                    97.16 
_refine.ls_percent_reflns_R_free                 9.88 
_refine.ls_R_factor_all                          ? 
_refine.ls_R_factor_obs                          0.1632 
_refine.ls_R_factor_R_free                       0.1642 
_refine.ls_R_factor_R_free_error                 ? 
_refine.ls_R_factor_R_free_error_details         ? 
_refine.ls_R_factor_R_work                       0.1631 
_refine.ls_R_Fsqd_factor_obs                     ? 
_refine.ls_R_I_factor_obs                        ? 
_refine.ls_redundancy_reflns_all                 ? 
_refine.ls_redundancy_reflns_obs                 ? 
_refine.ls_restrained_S_all                      ? 
_refine.ls_restrained_S_obs                      ? 
_refine.ls_shift_over_esd_max                    ? 
_refine.ls_shift_over_esd_mean                   ? 
_refine.ls_structure_factor_coef                 ? 
_refine.ls_weighting_details                     ? 
_refine.ls_weighting_scheme                      ? 
_refine.ls_wR_factor_all                         ? 
_refine.ls_wR_factor_obs                         ? 
_refine.ls_wR_factor_R_free                      ? 
_refine.ls_wR_factor_R_work                      ? 
_refine.occupancy_max                            ? 
_refine.occupancy_min                            ? 
_refine.solvent_model_details                    'FLAT BULK SOLVENT MODEL' 
_refine.solvent_model_param_bsol                 ? 
_refine.solvent_model_param_ksol                 ? 
_refine.pdbx_R_complete                          ? 
_refine.ls_R_factor_gt                           ? 
_refine.ls_goodness_of_fit_gt                    ? 
_refine.ls_goodness_of_fit_ref                   ? 
_refine.ls_shift_over_su_max                     ? 
_refine.ls_shift_over_su_max_lt                  ? 
_refine.ls_shift_over_su_mean                    ? 
_refine.ls_shift_over_su_mean_lt                 ? 
_refine.pdbx_ls_sigma_I                          ? 
_refine.pdbx_ls_sigma_F                          1.98 
_refine.pdbx_ls_sigma_Fsqd                       ? 
_refine.pdbx_data_cutoff_high_absF               ? 
_refine.pdbx_data_cutoff_high_rms_absF           ? 
_refine.pdbx_data_cutoff_low_absF                ? 
_refine.pdbx_isotropic_thermal_model             ? 
_refine.pdbx_ls_cross_valid_method               'FREE R-VALUE' 
_refine.pdbx_method_to_determine_struct          'AB INITIO PHASING' 
_refine.pdbx_starting_model                      ? 
_refine.pdbx_stereochemistry_target_values       ML 
_refine.pdbx_R_Free_selection_details            ? 
_refine.pdbx_stereochem_target_val_spec_case     ? 
_refine.pdbx_overall_ESU_R                       ? 
_refine.pdbx_overall_ESU_R_Free                  ? 
_refine.pdbx_solvent_vdw_probe_radii             1.10 
_refine.pdbx_solvent_ion_probe_radii             ? 
_refine.pdbx_solvent_shrinkage_radii             0.90 
_refine.pdbx_real_space_R                        ? 
_refine.pdbx_density_correlation                 ? 
_refine.pdbx_pd_number_of_powder_patterns        ? 
_refine.pdbx_pd_number_of_points                 ? 
_refine.pdbx_pd_meas_number_of_points            ? 
_refine.pdbx_pd_proc_ls_prof_R_factor            ? 
_refine.pdbx_pd_proc_ls_prof_wR_factor           ? 
_refine.pdbx_pd_Marquardt_correlation_coeff      ? 
_refine.pdbx_pd_Fsqrd_R_factor                   ? 
_refine.pdbx_pd_ls_matrix_band_width             ? 
_refine.pdbx_overall_phase_error                 19.95 
_refine.pdbx_overall_SU_R_free_Cruickshank_DPI   ? 
_refine.pdbx_overall_SU_R_free_Blow_DPI          ? 
_refine.pdbx_overall_SU_R_Blow_DPI               ? 
_refine.pdbx_TLS_residual_ADP_flag               ? 
_refine.pdbx_diffrn_id                           1 
_refine.overall_SU_B                             ? 
_refine.overall_SU_ML                            0.10 
_refine.overall_SU_R_Cruickshank_DPI             ? 
_refine.overall_SU_R_free                        ? 
_refine.overall_FOM_free_R_set                   ? 
_refine.overall_FOM_work_R_set                   ? 
_refine.pdbx_average_fsc_overall                 ? 
_refine.pdbx_average_fsc_work                    ? 
_refine.pdbx_average_fsc_free                    ? 
# 
_refine_hist.pdbx_refine_id                   'X-RAY DIFFRACTION' 
_refine_hist.cycle_id                         LAST 
_refine_hist.details                          ? 
_refine_hist.d_res_high                       1.30 
_refine_hist.d_res_low                        16.82 
_refine_hist.number_atoms_solvent             39 
_refine_hist.number_atoms_total               715 
_refine_hist.number_reflns_all                ? 
_refine_hist.number_reflns_obs                ? 
_refine_hist.number_reflns_R_free             ? 
_refine_hist.number_reflns_R_work             ? 
_refine_hist.R_factor_all                     ? 
_refine_hist.R_factor_obs                     ? 
_refine_hist.R_factor_R_free                  ? 
_refine_hist.R_factor_R_work                  ? 
_refine_hist.pdbx_number_residues_total       ? 
_refine_hist.pdbx_B_iso_mean_ligand           ? 
_refine_hist.pdbx_B_iso_mean_solvent          ? 
_refine_hist.pdbx_number_atoms_protein        0 
_refine_hist.pdbx_number_atoms_nucleic_acid   646 
_refine_hist.pdbx_number_atoms_ligand         30 
_refine_hist.pdbx_number_atoms_lipid          ? 
_refine_hist.pdbx_number_atoms_carb           ? 
_refine_hist.pdbx_pseudo_atom_details         ? 
# 
loop_
_refine_ls_restr.pdbx_refine_id 
_refine_ls_restr.criterion 
_refine_ls_restr.dev_ideal 
_refine_ls_restr.dev_ideal_target 
_refine_ls_restr.number 
_refine_ls_restr.rejects 
_refine_ls_restr.type 
_refine_ls_restr.weight 
_refine_ls_restr.pdbx_restraint_function 
'X-RAY DIFFRACTION' ? 0.009  ? 724  ? f_bond_d           ? ? 
'X-RAY DIFFRACTION' ? 1.210  ? 1112 ? f_angle_d          ? ? 
'X-RAY DIFFRACTION' ? 28.714 ? 312  ? f_dihedral_angle_d ? ? 
'X-RAY DIFFRACTION' ? 0.097  ? 126  ? f_chiral_restr     ? ? 
'X-RAY DIFFRACTION' ? 0.018  ? 32   ? f_plane_restr      ? ? 
# 
loop_
_refine_ls_shell.pdbx_refine_id 
_refine_ls_shell.d_res_high 
_refine_ls_shell.d_res_low 
_refine_ls_shell.number_reflns_all 
_refine_ls_shell.number_reflns_obs 
_refine_ls_shell.number_reflns_R_free 
_refine_ls_shell.number_reflns_R_work 
_refine_ls_shell.percent_reflns_obs 
_refine_ls_shell.percent_reflns_R_free 
_refine_ls_shell.R_factor_all 
_refine_ls_shell.R_factor_obs 
_refine_ls_shell.R_factor_R_free_error 
_refine_ls_shell.R_factor_R_work 
_refine_ls_shell.redundancy_reflns_all 
_refine_ls_shell.redundancy_reflns_obs 
_refine_ls_shell.wR_factor_all 
_refine_ls_shell.wR_factor_obs 
_refine_ls_shell.wR_factor_R_free 
_refine_ls_shell.wR_factor_R_work 
_refine_ls_shell.pdbx_R_complete 
_refine_ls_shell.pdbx_total_number_of_bins_used 
_refine_ls_shell.pdbx_phase_error 
_refine_ls_shell.pdbx_fsc_work 
_refine_ls_shell.pdbx_fsc_free 
_refine_ls_shell.R_factor_R_free 
'X-RAY DIFFRACTION' 1.30 1.31  . . 132 1189 96.00 . . . . 0.2335 . . . . . . . . . . . 0.2676 
'X-RAY DIFFRACTION' 1.31 1.33  . . 138 1257 96.00 . . . . 0.2342 . . . . . . . . . . . 0.2502 
'X-RAY DIFFRACTION' 1.33 1.35  . . 146 1303 97.00 . . . . 0.2214 . . . . . . . . . . . 0.2243 
'X-RAY DIFFRACTION' 1.35 1.37  . . 143 1280 96.00 . . . . 0.2155 . . . . . . . . . . . 0.2757 
'X-RAY DIFFRACTION' 1.37 1.40  . . 139 1244 96.00 . . . . 0.2181 . . . . . . . . . . . 0.2001 
'X-RAY DIFFRACTION' 1.40 1.42  . . 142 1318 98.00 . . . . 0.2176 . . . . . . . . . . . 0.1800 
'X-RAY DIFFRACTION' 1.42 1.45  . . 136 1272 97.00 . . . . 0.2127 . . . . . . . . . . . 0.1995 
'X-RAY DIFFRACTION' 1.45 1.47  . . 147 1337 98.00 . . . . 0.2026 . . . . . . . . . . . 0.1992 
'X-RAY DIFFRACTION' 1.47 1.50  . . 143 1276 97.00 . . . . 0.2146 . . . . . . . . . . . 0.1946 
'X-RAY DIFFRACTION' 1.50 1.54  . . 147 1256 97.00 . . . . 0.2155 . . . . . . . . . . . 0.2174 
'X-RAY DIFFRACTION' 1.54 1.57  . . 140 1311 97.00 . . . . 0.1921 . . . . . . . . . . . 0.2367 
'X-RAY DIFFRACTION' 1.57 1.61  . . 142 1291 98.00 . . . . 0.2110 . . . . . . . . . . . 0.2775 
'X-RAY DIFFRACTION' 1.61 1.66  . . 139 1287 98.00 . . . . 0.1801 . . . . . . . . . . . 0.2026 
'X-RAY DIFFRACTION' 1.66 1.70  . . 148 1335 98.00 . . . . 0.1841 . . . . . . . . . . . 0.1607 
'X-RAY DIFFRACTION' 1.70 1.76  . . 141 1258 98.00 . . . . 0.1702 . . . . . . . . . . . 0.1409 
'X-RAY DIFFRACTION' 1.76 1.82  . . 145 1323 98.00 . . . . 0.1652 . . . . . . . . . . . 0.1497 
'X-RAY DIFFRACTION' 1.82 1.89  . . 136 1283 98.00 . . . . 0.1396 . . . . . . . . . . . 0.1351 
'X-RAY DIFFRACTION' 1.89 1.98  . . 145 1309 98.00 . . . . 0.1281 . . . . . . . . . . . 0.1499 
'X-RAY DIFFRACTION' 1.98 2.08  . . 137 1310 98.00 . . . . 0.1284 . . . . . . . . . . . 0.1304 
'X-RAY DIFFRACTION' 2.09 2.21  . . 125 1313 98.00 . . . . 0.1232 . . . . . . . . . . . 0.1258 
'X-RAY DIFFRACTION' 2.21 2.39  . . 144 1294 97.00 . . . . 0.1226 . . . . . . . . . . . 0.1093 
'X-RAY DIFFRACTION' 2.39 2.62  . . 149 1239 96.00 . . . . 0.1157 . . . . . . . . . . . 0.1062 
'X-RAY DIFFRACTION' 2.62 3.00  . . 133 1298 97.00 . . . . 0.1430 . . . . . . . . . . . 0.1635 
'X-RAY DIFFRACTION' 3.00 3.78  . . 138 1302 98.00 . . . . 0.1657 . . . . . . . . . . . 0.1747 
'X-RAY DIFFRACTION' 3.78 16.82 . . 146 1248 95.00 . . . . 0.1688 . . . . . . . . . . . 0.1749 
# 
_struct.entry_id                     9KHW 
_struct.title                        'A DNA-stabilized atomically precise silver nanorod with emission at 960 nm' 
_struct.pdbx_model_details           ? 
_struct.pdbx_formula_weight          ? 
_struct.pdbx_formula_weight_method   ? 
_struct.pdbx_model_type_details      ? 
_struct.pdbx_CASP_flag               N 
# 
_struct_keywords.entry_id        9KHW 
_struct_keywords.text            'DNA, silver, Ag28, near infrared emission, fluorescence, DNA-AgNC' 
_struct_keywords.pdbx_keywords   DNA 
# 
loop_
_struct_asym.id 
_struct_asym.pdbx_blank_PDB_chainid_flag 
_struct_asym.pdbx_modified 
_struct_asym.entity_id 
_struct_asym.details 
A  N N 1 ? 
B  N N 1 ? 
C  N N 2 ? 
D  N N 2 ? 
E  N N 2 ? 
F  N N 2 ? 
G  N N 2 ? 
H  N N 2 ? 
I  N N 2 ? 
J  N N 2 ? 
K  N N 2 ? 
L  N N 2 ? 
M  N N 2 ? 
N  N N 2 ? 
O  N N 2 ? 
P  N N 2 ? 
Q  N N 3 ? 
R  N N 2 ? 
S  N N 2 ? 
T  N N 2 ? 
U  N N 2 ? 
V  N N 2 ? 
W  N N 2 ? 
X  N N 2 ? 
Y  N N 2 ? 
Z  N N 2 ? 
AA N N 2 ? 
BA N N 2 ? 
CA N N 2 ? 
DA N N 2 ? 
EA N N 2 ? 
FA N N 3 ? 
GA N N 4 ? 
HA N N 4 ? 
# 
_struct_ref.id                         1 
_struct_ref.db_name                    PDB 
_struct_ref.db_code                    9KHW 
_struct_ref.pdbx_db_accession          9KHW 
_struct_ref.pdbx_db_isoform            ? 
_struct_ref.entity_id                  1 
_struct_ref.pdbx_seq_one_letter_code   ? 
_struct_ref.pdbx_align_begin           1 
# 
loop_
_struct_ref_seq.align_id 
_struct_ref_seq.ref_id 
_struct_ref_seq.pdbx_PDB_id_code 
_struct_ref_seq.pdbx_strand_id 
_struct_ref_seq.seq_align_beg 
_struct_ref_seq.pdbx_seq_align_beg_ins_code 
_struct_ref_seq.seq_align_end 
_struct_ref_seq.pdbx_seq_align_end_ins_code 
_struct_ref_seq.pdbx_db_accession 
_struct_ref_seq.db_align_beg 
_struct_ref_seq.pdbx_db_align_beg_ins_code 
_struct_ref_seq.db_align_end 
_struct_ref_seq.pdbx_db_align_end_ins_code 
_struct_ref_seq.pdbx_auth_seq_align_beg 
_struct_ref_seq.pdbx_auth_seq_align_end 
1 1 9KHW A 1 ? 16 ? 9KHW 1 ? 16 ? 1 16 
2 1 9KHW B 1 ? 16 ? 9KHW 1 ? 16 ? 1 16 
# 
_pdbx_struct_assembly.id                   1 
_pdbx_struct_assembly.details              author_and_software_defined_assembly 
_pdbx_struct_assembly.method_details       PISA 
_pdbx_struct_assembly.oligomeric_details   dimeric 
_pdbx_struct_assembly.oligomeric_count     2 
# 
loop_
_pdbx_struct_assembly_prop.biol_id 
_pdbx_struct_assembly_prop.type 
_pdbx_struct_assembly_prop.value 
_pdbx_struct_assembly_prop.details 
1 'ABSA (A^2)' 5790 ? 
1 MORE         -196 ? 
1 'SSA (A^2)'  3790 ? 
# 
_pdbx_struct_assembly_gen.assembly_id       1 
_pdbx_struct_assembly_gen.oper_expression   1 
_pdbx_struct_assembly_gen.asym_id_list      A,B,C,D,E,F,G,H,I,J,K,L,M,N,O,P,Q,R,S,T,U,V,W,X,Y,Z,AA,BA,CA,DA,EA,FA,GA,HA 
# 
_pdbx_struct_assembly_auth_evidence.id                     1 
_pdbx_struct_assembly_auth_evidence.assembly_id            1 
_pdbx_struct_assembly_auth_evidence.experimental_support   'mass spectrometry' 
_pdbx_struct_assembly_auth_evidence.details                'Electron Dispersive X-ray Spectroscopy' 
# 
_pdbx_struct_oper_list.id                   1 
_pdbx_struct_oper_list.type                 'identity operation' 
_pdbx_struct_oper_list.name                 1_555 
_pdbx_struct_oper_list.symmetry_operation   x,y,z 
_pdbx_struct_oper_list.matrix[1][1]         1.0000000000 
_pdbx_struct_oper_list.matrix[1][2]         0.0000000000 
_pdbx_struct_oper_list.matrix[1][3]         0.0000000000 
_pdbx_struct_oper_list.vector[1]            0.0000000000 
_pdbx_struct_oper_list.matrix[2][1]         0.0000000000 
_pdbx_struct_oper_list.matrix[2][2]         1.0000000000 
_pdbx_struct_oper_list.matrix[2][3]         0.0000000000 
_pdbx_struct_oper_list.vector[2]            0.0000000000 
_pdbx_struct_oper_list.matrix[3][1]         0.0000000000 
_pdbx_struct_oper_list.matrix[3][2]         0.0000000000 
_pdbx_struct_oper_list.matrix[3][3]         1.0000000000 
_pdbx_struct_oper_list.vector[3]            0.0000000000 
# 
loop_
_struct_conn.id 
_struct_conn.conn_type_id 
_struct_conn.pdbx_leaving_atom_flag 
_struct_conn.pdbx_PDB_id 
_struct_conn.ptnr1_label_asym_id 
_struct_conn.ptnr1_label_comp_id 
_struct_conn.ptnr1_label_seq_id 
_struct_conn.ptnr1_label_atom_id 
_struct_conn.pdbx_ptnr1_label_alt_id 
_struct_conn.pdbx_ptnr1_PDB_ins_code 
_struct_conn.pdbx_ptnr1_standard_comp_id 
_struct_conn.ptnr1_symmetry 
_struct_conn.ptnr2_label_asym_id 
_struct_conn.ptnr2_label_comp_id 
_struct_conn.ptnr2_label_seq_id 
_struct_conn.ptnr2_label_atom_id 
_struct_conn.pdbx_ptnr2_label_alt_id 
_struct_conn.pdbx_ptnr2_PDB_ins_code 
_struct_conn.ptnr1_auth_asym_id 
_struct_conn.ptnr1_auth_comp_id 
_struct_conn.ptnr1_auth_seq_id 
_struct_conn.ptnr2_auth_asym_id 
_struct_conn.ptnr2_auth_comp_id 
_struct_conn.ptnr2_auth_seq_id 
_struct_conn.ptnr2_symmetry 
_struct_conn.pdbx_ptnr3_label_atom_id 
_struct_conn.pdbx_ptnr3_label_seq_id 
_struct_conn.pdbx_ptnr3_label_comp_id 
_struct_conn.pdbx_ptnr3_label_asym_id 
_struct_conn.pdbx_ptnr3_label_alt_id 
_struct_conn.pdbx_ptnr3_PDB_ins_code 
_struct_conn.details 
_struct_conn.pdbx_dist_value 
_struct_conn.pdbx_value_order 
_struct_conn.pdbx_role 
metalc1  metalc ? ? A DC 1  O2 ? ? ? 1_555 I  AG .  AG ? ? A DC 1  A AG 107 1_555 ? ? ? ? ? ? ?               2.306 ? ? 
metalc2  metalc ? ? A DC 1  N3 ? ? ? 1_555 L  AG .  AG ? ? A DC 1  A AG 110 1_555 ? ? ? ? ? ? ?               2.372 ? ? 
metalc3  metalc ? ? A DC 2  N3 ? ? ? 1_555 D  AG .  AG ? ? A DC 2  A AG 102 1_555 ? ? ? ? ? ? ?               2.284 ? ? 
metalc4  metalc ? ? A DC 2  O2 ? ? ? 1_555 G  AG .  AG ? ? A DC 2  A AG 105 1_555 ? ? ? ? ? ? ?               2.632 ? ? 
metalc5  metalc ? ? A DG 3  N7 ? ? ? 1_555 C  AG .  AG ? ? A DG 3  A AG 101 1_555 ? ? ? ? ? ? ?               2.303 ? ? 
metalc6  metalc ? ? A DC 4  O2 ? ? ? 1_555 F  AG .  AG ? ? A DC 4  A AG 104 1_555 ? ? ? ? ? ? ?               2.370 ? ? 
metalc7  metalc ? ? A DC 4  N3 ? ? ? 1_555 G  AG .  AG ? ? A DC 4  A AG 105 1_555 ? ? ? ? ? ? ?               2.285 ? ? 
metalc8  metalc ? ? A DG 5  N7 ? ? ? 1_555 J  AG .  AG ? ? A DG 5  A AG 108 1_555 ? ? ? ? ? ? ?               2.235 ? ? 
metalc9  metalc ? ? A DG 5  O6 ? ? ? 1_555 L  AG .  AG ? ? A DG 5  A AG 110 1_555 ? ? ? ? ? ? ?               2.513 ? ? 
metalc10 metalc ? ? A DC 6  O2 ? ? ? 1_555 M  AG .  AG ? ? A DC 6  A AG 111 1_555 ? ? ? ? ? ? ?               2.495 ? ? 
metalc11 metalc ? ? A DC 6  N3 ? ? ? 1_555 N  AG .  AG ? ? A DC 6  A AG 112 1_555 ? ? ? ? ? ? ?               2.225 ? ? 
metalc12 metalc ? ? A DG 7  O6 ? ? ? 1_555 O  AG .  AG ? ? A DG 7  A AG 113 1_555 ? ? ? ? ? ? ?               2.652 ? ? 
metalc13 metalc ? ? A DG 7  N7 ? ? ? 1_555 P  AG .  AG ? ? A DG 7  A AG 114 1_555 ? ? ? ? ? ? ?               2.312 ? ? 
metalc14 metalc ? ? A DG 9  O6 ? ? ? 1_555 K  AG .  AG ? ? A DG 9  A AG 109 1_555 ? ? ? ? ? ? ?               2.200 ? ? 
metalc15 metalc ? ? A DG 9  N1 ? ? ? 1_555 M  AG .  AG ? ? A DG 9  A AG 111 1_555 ? ? ? ? ? ? ?               2.305 ? ? 
metalc16 metalc ? ? A DC 10 O2 ? ? ? 1_555 F  AG .  AG ? ? A DC 10 A AG 104 1_555 ? ? ? ? ? ? ?               2.480 ? ? 
metalc17 metalc ? ? A DC 10 N3 ? ? ? 1_555 H  AG .  AG ? ? A DC 10 A AG 106 1_555 ? ? ? ? ? ? ?               2.348 ? ? 
metalc18 metalc ? ? A DC 11 O2 ? ? ? 1_555 E  AG .  AG ? ? A DC 11 A AG 103 1_555 ? ? ? ? ? ? ?               2.363 ? ? 
metalc19 metalc ? ? A DC 11 N3 ? ? ? 1_555 F  AG .  AG ? ? A DC 11 A AG 104 1_555 ? ? ? ? ? ? ?               2.441 ? ? 
metalc20 metalc ? ? A DG 12 N7 ? ? ? 1_555 C  AG .  AG ? ? A DG 12 A AG 101 1_555 ? ? ? ? ? ? ?               2.415 ? ? 
metalc21 metalc ? ? A DC 13 O2 ? ? ? 1_555 D  AG .  AG ? ? A DC 13 A AG 102 1_555 ? ? ? ? ? ? ?               2.604 ? ? 
metalc22 metalc ? ? A DC 13 N3 ? ? ? 1_555 E  AG .  AG ? ? A DC 13 A AG 103 1_555 ? ? ? ? ? ? ?               2.313 ? ? 
metalc23 metalc ? ? A DG 14 O6 ? ? ? 1_555 H  AG .  AG ? ? A DG 14 A AG 106 1_555 ? ? ? ? ? ? ?               2.352 ? ? 
metalc24 metalc ? ? A DG 14 N1 ? ? ? 1_555 I  AG .  AG ? ? A DG 14 A AG 107 1_555 ? ? ? ? ? ? ?               2.377 ? ? 
metalc25 metalc ? ? A DA 15 N1 ? ? ? 1_555 K  AG .  AG ? ? A DA 15 A AG 109 1_555 ? ? ? ? ? ? ?               2.345 ? ? 
metalc26 metalc ? ? A DA 16 N1 ? ? ? 1_555 O  AG .  AG ? ? A DA 16 A AG 113 1_555 ? ? ? ? ? ? ?               2.271 ? ? 
metalc27 metalc ? ? B DC 1  N3 ? ? ? 1_555 W  AG .  AG ? ? B DC 1  B AG 106 1_555 ? ? ? ? ? ? ?               2.377 ? ? 
metalc28 metalc ? ? B DC 1  O2 ? ? ? 1_555 Y  AG .  AG ? ? B DC 1  B AG 108 1_555 ? ? ? ? ? ? ?               2.314 ? ? 
metalc29 metalc ? ? B DC 2  O2 ? ? ? 1_555 AA AG .  AG ? ? B DC 2  B AG 110 1_555 ? ? ? ? ? ? ?               2.642 ? ? 
metalc30 metalc ? ? B DC 2  N3 ? ? ? 1_555 CA AG .  AG ? ? B DC 2  B AG 112 1_555 ? ? ? ? ? ? ?               2.289 ? ? 
metalc31 metalc ? ? B DG 3  N7 ? ? ? 1_555 EA AG .  AG ? ? B DG 3  B AG 114 1_555 ? ? ? ? ? ? ?               2.305 ? ? 
metalc32 metalc ? ? B DC 4  N3 ? ? ? 1_555 AA AG .  AG ? ? B DC 4  B AG 110 1_555 ? ? ? ? ? ? ?               2.233 ? ? 
metalc33 metalc ? ? B DC 4  O2 ? ? ? 1_555 BA AG .  AG ? ? B DC 4  B AG 111 1_555 ? ? ? ? ? ? ?               2.365 ? ? 
metalc34 metalc ? ? B DG 5  O6 ? ? ? 1_555 W  AG .  AG ? ? B DG 5  B AG 106 1_555 ? ? ? ? ? ? ?               2.470 ? ? 
metalc35 metalc ? ? B DG 5  N7 ? ? ? 1_555 X  AG .  AG ? ? B DG 5  B AG 107 1_555 ? ? ? ? ? ? ?               2.365 ? ? 
metalc36 metalc ? ? B DC 6  N3 ? ? ? 1_555 S  AG .  AG ? ? B DC 6  B AG 102 1_555 ? ? ? ? ? ? ?               2.263 ? ? 
metalc37 metalc ? ? B DC 6  O2 ? ? ? 1_555 T  AG .  AG ? ? B DC 6  B AG 103 1_555 ? ? ? ? ? ? ?               2.530 ? ? 
metalc38 metalc ? ? B DG 7  N7 ? ? ? 1_555 R  AG .  AG ? ? B DG 7  B AG 101 1_555 ? ? ? ? ? ? ?               2.337 ? ? 
metalc39 metalc ? ? B DG 7  O6 ? ? ? 1_555 U  AG .  AG ? ? B DG 7  B AG 104 1_555 ? ? ? ? ? ? ?               2.692 ? ? 
metalc40 metalc ? ? B DG 9  N1 ? ? ? 1_555 T  AG .  AG ? ? B DG 9  B AG 103 1_555 ? ? ? ? ? ? ?               2.324 ? ? 
metalc41 metalc ? ? B DG 9  O6 ? ? ? 1_555 V  AG .  AG ? ? B DG 9  B AG 105 1_555 ? ? ? ? ? ? ?               2.207 ? ? 
metalc42 metalc ? ? B DC 10 N3 ? ? ? 1_555 Z  AG .  AG ? ? B DC 10 B AG 109 1_555 ? ? ? ? ? ? ?               2.366 ? ? 
metalc43 metalc ? ? B DC 10 O2 ? ? ? 1_555 BA AG .  AG ? ? B DC 10 B AG 111 1_555 ? ? ? ? ? ? ?               2.465 ? ? 
metalc44 metalc ? ? B DC 11 N3 ? ? ? 1_555 BA AG .  AG ? ? B DC 11 B AG 111 1_555 ? ? ? ? ? ? ?               2.406 ? ? 
metalc45 metalc ? ? B DC 11 O2 ? ? ? 1_555 DA AG .  AG ? ? B DC 11 B AG 113 1_555 ? ? ? ? ? ? ?               2.357 ? ? 
metalc46 metalc ? ? B DG 12 N7 ? ? ? 1_555 EA AG .  AG ? ? B DG 12 B AG 114 1_555 ? ? ? ? ? ? ?               2.409 ? ? 
metalc47 metalc ? ? B DC 13 O2 ? ? ? 1_555 CA AG .  AG ? ? B DC 13 B AG 112 1_555 ? ? ? ? ? ? ?               2.593 ? ? 
metalc48 metalc ? ? B DC 13 N3 ? ? ? 1_555 DA AG .  AG ? ? B DC 13 B AG 113 1_555 ? ? ? ? ? ? ?               2.310 ? ? 
metalc49 metalc ? ? B DG 14 N1 ? ? ? 1_555 Y  AG .  AG ? ? B DG 14 B AG 108 1_555 ? ? ? ? ? ? ?               2.372 ? ? 
metalc50 metalc ? ? B DG 14 O6 ? ? ? 1_555 Z  AG .  AG ? ? B DG 14 B AG 109 1_555 ? ? ? ? ? ? ?               2.354 ? ? 
metalc51 metalc ? ? B DA 15 N1 ? ? ? 1_555 V  AG .  AG ? ? B DA 15 B AG 105 1_555 ? ? ? ? ? ? ?               2.351 ? ? 
metalc52 metalc ? ? B DA 16 N1 ? ? ? 1_555 U  AG .  AG ? ? B DA 16 B AG 104 1_555 ? ? ? ? ? ? ?               2.269 ? ? 
hydrog1  hydrog ? ? A DC 1  N3 ? ? ? 1_555 A  DC 4  N4 ? ? A DC 1  A DC 4   1_555 ? ? ? ? ? ? 'DC-DC MISPAIR' ?     ? ? 
hydrog2  hydrog ? ? A DC 1  N4 ? ? ? 1_555 A  DG 5  O6 ? ? A DC 1  A DG 5   1_555 ? ? ? ? ? ? 'DC-DG PAIR'    ?     ? ? 
hydrog3  hydrog ? ? A DC 1  O2 ? ? ? 1_555 A  DG 14 N2 ? ? A DC 1  A DG 14  1_555 ? ? ? ? ? ? 'DC-DG PAIR'    ?     ? ? 
hydrog4  hydrog ? ? A DC 2  O2 ? ? ? 1_555 A  DC 4  N4 ? ? A DC 2  A DC 4   1_555 ? ? ? ? ? ? 'DC-DC MISPAIR' ?     ? ? 
hydrog5  hydrog ? ? A DC 4  O2 ? ? ? 1_555 A  DC 11 N4 ? ? A DC 4  A DC 11  1_555 ? ? ? ? ? ? 'DC-DC MISPAIR' ?     ? ? 
hydrog6  hydrog ? ? A DG 5  N7 ? ? ? 1_555 A  DG 9  N2 ? ? A DG 5  A DG 9   1_555 ? ? ? ? ? ? 'DG-DG MISPAIR' ?     ? ? 
hydrog7  hydrog ? ? A DC 6  O2 ? ? ? 1_555 A  DG 9  N2 ? ? A DC 6  A DG 9   1_555 ? ? ? ? ? ? 'DC-DG PAIR'    ?     ? ? 
hydrog8  hydrog ? ? A DG 7  O6 ? ? ? 1_555 A  DA 16 N6 ? ? A DG 7  A DA 16  1_555 ? ? ? ? ? ? 'DG-DA MISPAIR' ?     ? ? 
hydrog9  hydrog ? ? A DG 9  O6 ? ? ? 1_555 A  DA 15 N6 ? ? A DG 9  A DA 15  1_555 ? ? ? ? ? ? 'DG-DA MISPAIR' ?     ? ? 
hydrog10 hydrog ? ? A DC 10 N4 ? ? ? 1_555 A  DG 14 O6 ? ? A DC 10 A DG 14  1_555 ? ? ? ? ? ? 'DC-DG PAIR'    ?     ? ? 
hydrog11 hydrog ? ? A DC 11 O2 ? ? ? 1_555 A  DC 13 N4 ? ? A DC 11 A DC 13  1_555 ? ? ? ? ? ? 'DC-DC MISPAIR' ?     ? ? 
hydrog12 hydrog ? ? B DC 1  N3 ? ? ? 1_555 B  DC 4  N4 ? ? B DC 1  B DC 4   1_555 ? ? ? ? ? ? 'DC-DC MISPAIR' ?     ? ? 
hydrog13 hydrog ? ? B DC 1  N4 ? ? ? 1_555 B  DG 5  O6 ? ? B DC 1  B DG 5   1_555 ? ? ? ? ? ? 'DC-DG PAIR'    ?     ? ? 
hydrog14 hydrog ? ? B DC 1  O2 ? ? ? 1_555 B  DG 14 N2 ? ? B DC 1  B DG 14  1_555 ? ? ? ? ? ? 'DC-DG PAIR'    ?     ? ? 
hydrog15 hydrog ? ? B DC 2  O2 ? ? ? 1_555 B  DC 4  N4 ? ? B DC 2  B DC 4   1_555 ? ? ? ? ? ? 'DC-DC MISPAIR' ?     ? ? 
hydrog16 hydrog ? ? B DC 2  N4 ? ? ? 1_555 B  DC 13 O2 ? ? B DC 2  B DC 13  1_555 ? ? ? ? ? ? 'DC-DC MISPAIR' ?     ? ? 
hydrog17 hydrog ? ? B DC 4  O2 ? ? ? 1_555 B  DC 11 N4 ? ? B DC 4  B DC 11  1_555 ? ? ? ? ? ? 'DC-DC MISPAIR' ?     ? ? 
hydrog18 hydrog ? ? B DG 5  N7 ? ? ? 1_555 B  DG 9  N2 ? ? B DG 5  B DG 9   1_555 ? ? ? ? ? ? 'DG-DG MISPAIR' ?     ? ? 
hydrog19 hydrog ? ? B DC 6  O2 ? ? ? 1_555 B  DG 9  N2 ? ? B DC 6  B DG 9   1_555 ? ? ? ? ? ? 'DC-DG PAIR'    ?     ? ? 
hydrog20 hydrog ? ? B DG 7  O6 ? ? ? 1_555 B  DA 16 N6 ? ? B DG 7  B DA 16  1_555 ? ? ? ? ? ? 'DG-DA MISPAIR' ?     ? ? 
hydrog21 hydrog ? ? B DG 9  O6 ? ? ? 1_555 B  DA 15 N6 ? ? B DG 9  B DA 15  1_555 ? ? ? ? ? ? 'DG-DA MISPAIR' ?     ? ? 
hydrog22 hydrog ? ? B DC 10 N4 ? ? ? 1_555 B  DG 14 O6 ? ? B DC 10 B DG 14  1_555 ? ? ? ? ? ? 'DC-DG PAIR'    ?     ? ? 
hydrog23 hydrog ? ? B DC 11 O2 ? ? ? 1_555 B  DC 13 N4 ? ? B DC 11 B DC 13  1_555 ? ? ? ? ? ? 'DC-DC MISPAIR' ?     ? ? 
# 
loop_
_struct_conn_type.id 
_struct_conn_type.criteria 
_struct_conn_type.reference 
metalc ? ? 
hydrog ? ? 
# 
loop_
_pdbx_struct_conn_angle.id 
_pdbx_struct_conn_angle.ptnr1_label_atom_id 
_pdbx_struct_conn_angle.ptnr1_label_alt_id 
_pdbx_struct_conn_angle.ptnr1_label_asym_id 
_pdbx_struct_conn_angle.ptnr1_label_comp_id 
_pdbx_struct_conn_angle.ptnr1_label_seq_id 
_pdbx_struct_conn_angle.ptnr1_auth_atom_id 
_pdbx_struct_conn_angle.ptnr1_auth_asym_id 
_pdbx_struct_conn_angle.ptnr1_auth_comp_id 
_pdbx_struct_conn_angle.ptnr1_auth_seq_id 
_pdbx_struct_conn_angle.ptnr1_PDB_ins_code 
_pdbx_struct_conn_angle.ptnr1_symmetry 
_pdbx_struct_conn_angle.ptnr2_label_atom_id 
_pdbx_struct_conn_angle.ptnr2_label_alt_id 
_pdbx_struct_conn_angle.ptnr2_label_asym_id 
_pdbx_struct_conn_angle.ptnr2_label_comp_id 
_pdbx_struct_conn_angle.ptnr2_label_seq_id 
_pdbx_struct_conn_angle.ptnr2_auth_atom_id 
_pdbx_struct_conn_angle.ptnr2_auth_asym_id 
_pdbx_struct_conn_angle.ptnr2_auth_comp_id 
_pdbx_struct_conn_angle.ptnr2_auth_seq_id 
_pdbx_struct_conn_angle.ptnr2_PDB_ins_code 
_pdbx_struct_conn_angle.ptnr2_symmetry 
_pdbx_struct_conn_angle.ptnr3_label_atom_id 
_pdbx_struct_conn_angle.ptnr3_label_alt_id 
_pdbx_struct_conn_angle.ptnr3_label_asym_id 
_pdbx_struct_conn_angle.ptnr3_label_comp_id 
_pdbx_struct_conn_angle.ptnr3_label_seq_id 
_pdbx_struct_conn_angle.ptnr3_auth_atom_id 
_pdbx_struct_conn_angle.ptnr3_auth_asym_id 
_pdbx_struct_conn_angle.ptnr3_auth_comp_id 
_pdbx_struct_conn_angle.ptnr3_auth_seq_id 
_pdbx_struct_conn_angle.ptnr3_PDB_ins_code 
_pdbx_struct_conn_angle.ptnr3_symmetry 
_pdbx_struct_conn_angle.value 
_pdbx_struct_conn_angle.value_esd 
1  O2 ? A DC 1  ? A DC 1  ? 1_555 AG ? I  AG . ? A AG 107 ? 1_555 N1 ? A DG 14 ? A DG 14 ? 1_555 97.5  ? 
2  N3 ? A DC 1  ? A DC 1  ? 1_555 AG ? L  AG . ? A AG 110 ? 1_555 O6 ? A DG 5  ? A DG 5  ? 1_555 92.2  ? 
3  N3 ? A DC 2  ? A DC 2  ? 1_555 AG ? D  AG . ? A AG 102 ? 1_555 O2 ? A DC 13 ? A DC 13 ? 1_555 99.6  ? 
4  O2 ? A DC 2  ? A DC 2  ? 1_555 AG ? G  AG . ? A AG 105 ? 1_555 N3 ? A DC 4  ? A DC 4  ? 1_555 91.9  ? 
5  N7 ? A DG 3  ? A DG 3  ? 1_555 AG ? C  AG . ? A AG 101 ? 1_555 N7 ? A DG 12 ? A DG 12 ? 1_555 102.4 ? 
6  O2 ? A DC 4  ? A DC 4  ? 1_555 AG ? F  AG . ? A AG 104 ? 1_555 O2 ? A DC 10 ? A DC 10 ? 1_555 119.6 ? 
7  O2 ? A DC 4  ? A DC 4  ? 1_555 AG ? F  AG . ? A AG 104 ? 1_555 N3 ? A DC 11 ? A DC 11 ? 1_555 88.9  ? 
8  O2 ? A DC 10 ? A DC 10 ? 1_555 AG ? F  AG . ? A AG 104 ? 1_555 N3 ? A DC 11 ? A DC 11 ? 1_555 87.0  ? 
9  O2 ? A DC 6  ? A DC 6  ? 1_555 AG ? M  AG . ? A AG 111 ? 1_555 N1 ? A DG 9  ? A DG 9  ? 1_555 95.4  ? 
10 O6 ? A DG 7  ? A DG 7  ? 1_555 AG ? O  AG . ? A AG 113 ? 1_555 N1 ? A DA 16 ? A DA 16 ? 1_555 92.0  ? 
11 O6 ? A DG 9  ? A DG 9  ? 1_555 AG ? K  AG . ? A AG 109 ? 1_555 N1 ? A DA 15 ? A DA 15 ? 1_555 92.1  ? 
12 N3 ? A DC 10 ? A DC 10 ? 1_555 AG ? H  AG . ? A AG 106 ? 1_555 O6 ? A DG 14 ? A DG 14 ? 1_555 92.6  ? 
13 O2 ? A DC 11 ? A DC 11 ? 1_555 AG ? E  AG . ? A AG 103 ? 1_555 N3 ? A DC 13 ? A DC 13 ? 1_555 99.3  ? 
14 N3 ? B DC 1  ? B DC 1  ? 1_555 AG ? W  AG . ? B AG 106 ? 1_555 O6 ? B DG 5  ? B DG 5  ? 1_555 92.2  ? 
15 O2 ? B DC 1  ? B DC 1  ? 1_555 AG ? Y  AG . ? B AG 108 ? 1_555 N1 ? B DG 14 ? B DG 14 ? 1_555 98.1  ? 
16 O2 ? B DC 2  ? B DC 2  ? 1_555 AG ? AA AG . ? B AG 110 ? 1_555 N3 ? B DC 4  ? B DC 4  ? 1_555 90.2  ? 
17 N3 ? B DC 2  ? B DC 2  ? 1_555 AG ? CA AG . ? B AG 112 ? 1_555 O2 ? B DC 13 ? B DC 13 ? 1_555 99.6  ? 
18 N7 ? B DG 3  ? B DG 3  ? 1_555 AG ? EA AG . ? B AG 114 ? 1_555 N7 ? B DG 12 ? B DG 12 ? 1_555 101.1 ? 
19 O2 ? B DC 4  ? B DC 4  ? 1_555 AG ? BA AG . ? B AG 111 ? 1_555 O2 ? B DC 10 ? B DC 10 ? 1_555 120.9 ? 
20 O2 ? B DC 4  ? B DC 4  ? 1_555 AG ? BA AG . ? B AG 111 ? 1_555 N3 ? B DC 11 ? B DC 11 ? 1_555 90.0  ? 
21 O2 ? B DC 10 ? B DC 10 ? 1_555 AG ? BA AG . ? B AG 111 ? 1_555 N3 ? B DC 11 ? B DC 11 ? 1_555 87.0  ? 
22 O2 ? B DC 6  ? B DC 6  ? 1_555 AG ? T  AG . ? B AG 103 ? 1_555 N1 ? B DG 9  ? B DG 9  ? 1_555 95.1  ? 
23 O6 ? B DG 7  ? B DG 7  ? 1_555 AG ? U  AG . ? B AG 104 ? 1_555 N1 ? B DA 16 ? B DA 16 ? 1_555 91.9  ? 
24 O6 ? B DG 9  ? B DG 9  ? 1_555 AG ? V  AG . ? B AG 105 ? 1_555 N1 ? B DA 15 ? B DA 15 ? 1_555 92.1  ? 
25 N3 ? B DC 10 ? B DC 10 ? 1_555 AG ? Z  AG . ? B AG 109 ? 1_555 O6 ? B DG 14 ? B DG 14 ? 1_555 91.5  ? 
26 O2 ? B DC 11 ? B DC 11 ? 1_555 AG ? DA AG . ? B AG 113 ? 1_555 N3 ? B DC 13 ? B DC 13 ? 1_555 99.0  ? 
# 
_pdbx_entry_details.entry_id                   9KHW 
_pdbx_entry_details.nonpolymer_details         ? 
_pdbx_entry_details.sequence_details           ? 
_pdbx_entry_details.compound_details           ? 
_pdbx_entry_details.source_details             ? 
_pdbx_entry_details.has_ligand_of_interest     Y 
_pdbx_entry_details.has_protein_modification   N 
# 
loop_
_chem_comp_atom.comp_id 
_chem_comp_atom.atom_id 
_chem_comp_atom.type_symbol 
_chem_comp_atom.pdbx_aromatic_flag 
_chem_comp_atom.pdbx_stereo_config 
_chem_comp_atom.pdbx_ordinal 
AG  AG     AG N N 1   
CL  CL     CL N N 2   
DA  OP3    O  N N 3   
DA  P      P  N N 4   
DA  OP1    O  N N 5   
DA  OP2    O  N N 6   
DA  "O5'"  O  N N 7   
DA  "C5'"  C  N N 8   
DA  "C4'"  C  N R 9   
DA  "O4'"  O  N N 10  
DA  "C3'"  C  N S 11  
DA  "O3'"  O  N N 12  
DA  "C2'"  C  N N 13  
DA  "C1'"  C  N R 14  
DA  N9     N  Y N 15  
DA  C8     C  Y N 16  
DA  N7     N  Y N 17  
DA  C5     C  Y N 18  
DA  C6     C  Y N 19  
DA  N6     N  N N 20  
DA  N1     N  Y N 21  
DA  C2     C  Y N 22  
DA  N3     N  Y N 23  
DA  C4     C  Y N 24  
DA  HOP3   H  N N 25  
DA  HOP2   H  N N 26  
DA  "H5'"  H  N N 27  
DA  "H5''" H  N N 28  
DA  "H4'"  H  N N 29  
DA  "H3'"  H  N N 30  
DA  "HO3'" H  N N 31  
DA  "H2'"  H  N N 32  
DA  "H2''" H  N N 33  
DA  "H1'"  H  N N 34  
DA  H8     H  N N 35  
DA  H61    H  N N 36  
DA  H62    H  N N 37  
DA  H2     H  N N 38  
DC  OP3    O  N N 39  
DC  P      P  N N 40  
DC  OP1    O  N N 41  
DC  OP2    O  N N 42  
DC  "O5'"  O  N N 43  
DC  "C5'"  C  N N 44  
DC  "C4'"  C  N R 45  
DC  "O4'"  O  N N 46  
DC  "C3'"  C  N S 47  
DC  "O3'"  O  N N 48  
DC  "C2'"  C  N N 49  
DC  "C1'"  C  N R 50  
DC  N1     N  N N 51  
DC  C2     C  N N 52  
DC  O2     O  N N 53  
DC  N3     N  N N 54  
DC  C4     C  N N 55  
DC  N4     N  N N 56  
DC  C5     C  N N 57  
DC  C6     C  N N 58  
DC  HOP3   H  N N 59  
DC  HOP2   H  N N 60  
DC  "H5'"  H  N N 61  
DC  "H5''" H  N N 62  
DC  "H4'"  H  N N 63  
DC  "H3'"  H  N N 64  
DC  "HO3'" H  N N 65  
DC  "H2'"  H  N N 66  
DC  "H2''" H  N N 67  
DC  "H1'"  H  N N 68  
DC  H41    H  N N 69  
DC  H42    H  N N 70  
DC  H5     H  N N 71  
DC  H6     H  N N 72  
DG  OP3    O  N N 73  
DG  P      P  N N 74  
DG  OP1    O  N N 75  
DG  OP2    O  N N 76  
DG  "O5'"  O  N N 77  
DG  "C5'"  C  N N 78  
DG  "C4'"  C  N R 79  
DG  "O4'"  O  N N 80  
DG  "C3'"  C  N S 81  
DG  "O3'"  O  N N 82  
DG  "C2'"  C  N N 83  
DG  "C1'"  C  N R 84  
DG  N9     N  Y N 85  
DG  C8     C  Y N 86  
DG  N7     N  Y N 87  
DG  C5     C  Y N 88  
DG  C6     C  N N 89  
DG  O6     O  N N 90  
DG  N1     N  N N 91  
DG  C2     C  N N 92  
DG  N2     N  N N 93  
DG  N3     N  N N 94  
DG  C4     C  Y N 95  
DG  HOP3   H  N N 96  
DG  HOP2   H  N N 97  
DG  "H5'"  H  N N 98  
DG  "H5''" H  N N 99  
DG  "H4'"  H  N N 100 
DG  "H3'"  H  N N 101 
DG  "HO3'" H  N N 102 
DG  "H2'"  H  N N 103 
DG  "H2''" H  N N 104 
DG  "H1'"  H  N N 105 
DG  H8     H  N N 106 
DG  H1     H  N N 107 
DG  H21    H  N N 108 
DG  H22    H  N N 109 
HOH O      O  N N 110 
HOH H1     H  N N 111 
HOH H2     H  N N 112 
# 
loop_
_chem_comp_bond.comp_id 
_chem_comp_bond.atom_id_1 
_chem_comp_bond.atom_id_2 
_chem_comp_bond.value_order 
_chem_comp_bond.pdbx_aromatic_flag 
_chem_comp_bond.pdbx_stereo_config 
_chem_comp_bond.pdbx_ordinal 
DA  OP3   P      sing N N 1   
DA  OP3   HOP3   sing N N 2   
DA  P     OP1    doub N N 3   
DA  P     OP2    sing N N 4   
DA  P     "O5'"  sing N N 5   
DA  OP2   HOP2   sing N N 6   
DA  "O5'" "C5'"  sing N N 7   
DA  "C5'" "C4'"  sing N N 8   
DA  "C5'" "H5'"  sing N N 9   
DA  "C5'" "H5''" sing N N 10  
DA  "C4'" "O4'"  sing N N 11  
DA  "C4'" "C3'"  sing N N 12  
DA  "C4'" "H4'"  sing N N 13  
DA  "O4'" "C1'"  sing N N 14  
DA  "C3'" "O3'"  sing N N 15  
DA  "C3'" "C2'"  sing N N 16  
DA  "C3'" "H3'"  sing N N 17  
DA  "O3'" "HO3'" sing N N 18  
DA  "C2'" "C1'"  sing N N 19  
DA  "C2'" "H2'"  sing N N 20  
DA  "C2'" "H2''" sing N N 21  
DA  "C1'" N9     sing N N 22  
DA  "C1'" "H1'"  sing N N 23  
DA  N9    C8     sing Y N 24  
DA  N9    C4     sing Y N 25  
DA  C8    N7     doub Y N 26  
DA  C8    H8     sing N N 27  
DA  N7    C5     sing Y N 28  
DA  C5    C6     sing Y N 29  
DA  C5    C4     doub Y N 30  
DA  C6    N6     sing N N 31  
DA  C6    N1     doub Y N 32  
DA  N6    H61    sing N N 33  
DA  N6    H62    sing N N 34  
DA  N1    C2     sing Y N 35  
DA  C2    N3     doub Y N 36  
DA  C2    H2     sing N N 37  
DA  N3    C4     sing Y N 38  
DC  OP3   P      sing N N 39  
DC  OP3   HOP3   sing N N 40  
DC  P     OP1    doub N N 41  
DC  P     OP2    sing N N 42  
DC  P     "O5'"  sing N N 43  
DC  OP2   HOP2   sing N N 44  
DC  "O5'" "C5'"  sing N N 45  
DC  "C5'" "C4'"  sing N N 46  
DC  "C5'" "H5'"  sing N N 47  
DC  "C5'" "H5''" sing N N 48  
DC  "C4'" "O4'"  sing N N 49  
DC  "C4'" "C3'"  sing N N 50  
DC  "C4'" "H4'"  sing N N 51  
DC  "O4'" "C1'"  sing N N 52  
DC  "C3'" "O3'"  sing N N 53  
DC  "C3'" "C2'"  sing N N 54  
DC  "C3'" "H3'"  sing N N 55  
DC  "O3'" "HO3'" sing N N 56  
DC  "C2'" "C1'"  sing N N 57  
DC  "C2'" "H2'"  sing N N 58  
DC  "C2'" "H2''" sing N N 59  
DC  "C1'" N1     sing N N 60  
DC  "C1'" "H1'"  sing N N 61  
DC  N1    C2     sing N N 62  
DC  N1    C6     sing N N 63  
DC  C2    O2     doub N N 64  
DC  C2    N3     sing N N 65  
DC  N3    C4     doub N N 66  
DC  C4    N4     sing N N 67  
DC  C4    C5     sing N N 68  
DC  N4    H41    sing N N 69  
DC  N4    H42    sing N N 70  
DC  C5    C6     doub N N 71  
DC  C5    H5     sing N N 72  
DC  C6    H6     sing N N 73  
DG  OP3   P      sing N N 74  
DG  OP3   HOP3   sing N N 75  
DG  P     OP1    doub N N 76  
DG  P     OP2    sing N N 77  
DG  P     "O5'"  sing N N 78  
DG  OP2   HOP2   sing N N 79  
DG  "O5'" "C5'"  sing N N 80  
DG  "C5'" "C4'"  sing N N 81  
DG  "C5'" "H5'"  sing N N 82  
DG  "C5'" "H5''" sing N N 83  
DG  "C4'" "O4'"  sing N N 84  
DG  "C4'" "C3'"  sing N N 85  
DG  "C4'" "H4'"  sing N N 86  
DG  "O4'" "C1'"  sing N N 87  
DG  "C3'" "O3'"  sing N N 88  
DG  "C3'" "C2'"  sing N N 89  
DG  "C3'" "H3'"  sing N N 90  
DG  "O3'" "HO3'" sing N N 91  
DG  "C2'" "C1'"  sing N N 92  
DG  "C2'" "H2'"  sing N N 93  
DG  "C2'" "H2''" sing N N 94  
DG  "C1'" N9     sing N N 95  
DG  "C1'" "H1'"  sing N N 96  
DG  N9    C8     sing Y N 97  
DG  N9    C4     sing Y N 98  
DG  C8    N7     doub Y N 99  
DG  C8    H8     sing N N 100 
DG  N7    C5     sing Y N 101 
DG  C5    C6     sing N N 102 
DG  C5    C4     doub Y N 103 
DG  C6    O6     doub N N 104 
DG  C6    N1     sing N N 105 
DG  N1    C2     sing N N 106 
DG  N1    H1     sing N N 107 
DG  C2    N2     sing N N 108 
DG  C2    N3     doub N N 109 
DG  N2    H21    sing N N 110 
DG  N2    H22    sing N N 111 
DG  N3    C4     sing N N 112 
HOH O     H1     sing N N 113 
HOH O     H2     sing N N 114 
# 
loop_
_ndb_struct_conf_na.entry_id 
_ndb_struct_conf_na.feature 
9KHW 'double helix'         
9KHW 'mismatched base pair' 
# 
loop_
_ndb_struct_na_base_pair.model_number 
_ndb_struct_na_base_pair.i_label_asym_id 
_ndb_struct_na_base_pair.i_label_comp_id 
_ndb_struct_na_base_pair.i_label_seq_id 
_ndb_struct_na_base_pair.i_symmetry 
_ndb_struct_na_base_pair.j_label_asym_id 
_ndb_struct_na_base_pair.j_label_comp_id 
_ndb_struct_na_base_pair.j_label_seq_id 
_ndb_struct_na_base_pair.j_symmetry 
_ndb_struct_na_base_pair.shear 
_ndb_struct_na_base_pair.stretch 
_ndb_struct_na_base_pair.stagger 
_ndb_struct_na_base_pair.buckle 
_ndb_struct_na_base_pair.propeller 
_ndb_struct_na_base_pair.opening 
_ndb_struct_na_base_pair.pair_number 
_ndb_struct_na_base_pair.pair_name 
_ndb_struct_na_base_pair.i_auth_asym_id 
_ndb_struct_na_base_pair.i_auth_seq_id 
_ndb_struct_na_base_pair.i_PDB_ins_code 
_ndb_struct_na_base_pair.j_auth_asym_id 
_ndb_struct_na_base_pair.j_auth_seq_id 
_ndb_struct_na_base_pair.j_PDB_ins_code 
_ndb_struct_na_base_pair.hbond_type_28 
_ndb_struct_na_base_pair.hbond_type_12 
1 A DC 4  1_555 A DC 11 1_555 1.614  -3.371 -0.470 -9.268  37.689  -82.521  1 A_DC4:DC11_A  A 4  ? A 11 ? ? ? 
1 A DG 5  1_555 A DC 1  1_555 0.049  -3.072 0.239  -25.985 -6.215  148.192  2 A_DG5:DC1_A   A 5  ? A 1  ? ? ? 
1 A DG 9  1_555 A DA 15 1_555 -2.120 3.185  -0.212 -0.964  -5.322  -114.814 3 A_DG9:DA15_A  A 9  ? A 15 ? ? 4 
1 A DA 16 1_555 A DG 7  1_555 0.896  3.860  0.350  -18.733 -19.336 -162.946 4 A_DA16:DG7_A  A 16 ? A 7  ? ? ? 
1 B DG 7  1_555 B DA 16 1_555 -0.852 -3.923 -0.296 18.546  19.210  162.875  5 B_DG7:DA16_B  B 7  ? B 16 ? ? ? 
1 B DG 9  1_555 B DA 15 1_555 -2.110 3.195  -0.238 -0.816  -5.480  -114.862 6 B_DG9:DA15_B  B 9  ? B 15 ? ? 4 
1 B DC 10 1_555 B DG 14 1_555 1.343  1.892  0.005  0.082   5.184   -97.452  7 B_DC10:DG14_B B 10 ? B 14 ? ? ? 
1 B DC 2  1_555 B DC 13 1_555 -0.944 3.271  2.496  -18.703 -1.363  96.927   8 B_DC2:DC13_B  B 2  ? B 13 ? ? ? 
# 
loop_
_ndb_struct_na_base_pair_step.model_number 
_ndb_struct_na_base_pair_step.i_label_asym_id_1 
_ndb_struct_na_base_pair_step.i_label_comp_id_1 
_ndb_struct_na_base_pair_step.i_label_seq_id_1 
_ndb_struct_na_base_pair_step.i_symmetry_1 
_ndb_struct_na_base_pair_step.j_label_asym_id_1 
_ndb_struct_na_base_pair_step.j_label_comp_id_1 
_ndb_struct_na_base_pair_step.j_label_seq_id_1 
_ndb_struct_na_base_pair_step.j_symmetry_1 
_ndb_struct_na_base_pair_step.i_label_asym_id_2 
_ndb_struct_na_base_pair_step.i_label_comp_id_2 
_ndb_struct_na_base_pair_step.i_label_seq_id_2 
_ndb_struct_na_base_pair_step.i_symmetry_2 
_ndb_struct_na_base_pair_step.j_label_asym_id_2 
_ndb_struct_na_base_pair_step.j_label_comp_id_2 
_ndb_struct_na_base_pair_step.j_label_seq_id_2 
_ndb_struct_na_base_pair_step.j_symmetry_2 
_ndb_struct_na_base_pair_step.shift 
_ndb_struct_na_base_pair_step.slide 
_ndb_struct_na_base_pair_step.rise 
_ndb_struct_na_base_pair_step.tilt 
_ndb_struct_na_base_pair_step.roll 
_ndb_struct_na_base_pair_step.twist 
_ndb_struct_na_base_pair_step.x_displacement 
_ndb_struct_na_base_pair_step.y_displacement 
_ndb_struct_na_base_pair_step.helical_rise 
_ndb_struct_na_base_pair_step.inclination 
_ndb_struct_na_base_pair_step.tip 
_ndb_struct_na_base_pair_step.helical_twist 
_ndb_struct_na_base_pair_step.step_number 
_ndb_struct_na_base_pair_step.step_name 
_ndb_struct_na_base_pair_step.i_auth_asym_id_1 
_ndb_struct_na_base_pair_step.i_auth_seq_id_1 
_ndb_struct_na_base_pair_step.i_PDB_ins_code_1 
_ndb_struct_na_base_pair_step.j_auth_asym_id_1 
_ndb_struct_na_base_pair_step.j_auth_seq_id_1 
_ndb_struct_na_base_pair_step.j_PDB_ins_code_1 
_ndb_struct_na_base_pair_step.i_auth_asym_id_2 
_ndb_struct_na_base_pair_step.i_auth_seq_id_2 
_ndb_struct_na_base_pair_step.i_PDB_ins_code_2 
_ndb_struct_na_base_pair_step.j_auth_asym_id_2 
_ndb_struct_na_base_pair_step.j_auth_seq_id_2 
_ndb_struct_na_base_pair_step.j_PDB_ins_code_2 
1 A DC 4  1_555 A DC 11 1_555 A DG 5  1_555 A DC 1  1_555 2.087  -2.747 -1.617 -147.831 63.788  76.779   -0.909 0.051  -3.355 
33.307  77.190  165.139  1 AA_DC4DG5:DC1DC11_AA   A 4  ? A 11 ? A 5  ? A 1  ? 
1 A DG 5  1_555 A DC 1  1_555 A DG 9  1_555 A DA 15 1_555 2.335  5.334  -1.918 -14.145  -5.471  106.121  3.273  -1.332 -2.314 
-3.411  8.820   106.872  2 AA_DG5DG9:DA15DC1_AA   A 5  ? A 1  ? A 9  ? A 15 ? 
1 A DA 16 1_555 A DG 7  1_555 B DG 7  1_555 B DA 16 1_555 -2.965 -2.484 0.105  -140.151 105.237 -169.094 1.240  -1.485 0.021  
-52.625 -70.084 -179.550 3 AB_DA16DG7:DA16DG7_BA  A 16 ? A 7  ? B 7  ? B 16 ? 
1 B DG 7  1_555 B DA 16 1_555 B DG 9  1_555 B DA 15 1_555 -0.201 3.222  0.436  -150.668 83.223  80.684   1.385  -0.312 1.603  
42.282  76.547  173.999  4 BB_DG7DG9:DA15DA16_BB  B 7  ? B 16 ? B 9  ? B 15 ? 
1 B DG 9  1_555 B DA 15 1_555 B DC 10 1_555 B DG 14 1_555 -0.023 -1.617 3.239  -0.038   -3.387  38.102   -2.038 0.030  3.365  
-5.176  0.058   38.247   5 BB_DG9DC10:DG14DA15_BB B 9  ? B 15 ? B 10 ? B 14 ? 
1 B DC 10 1_555 B DG 14 1_555 B DC 2  1_555 B DC 13 1_555 0.293  2.425  -0.674 161.276  -21.774 -30.557  -1.268 -0.165 -0.147 
11.735  86.921  -163.354 6 BB_DC10DC2:DC13DG14_BB B 10 ? B 14 ? B 2  ? B 13 ? 
# 
loop_
_pdbx_audit_support.funding_organization 
_pdbx_audit_support.country 
_pdbx_audit_support.grant_number 
_pdbx_audit_support.ordinal 
'Novo Nordisk Foundation'                                                Denmark          NNF22OC0073734                   1 
'Independent Research Fund Denmark - Technology and Production Sciences' Denmark          0136-00024B                      2 
'Independent Research Fund Denmark - Technology and Production Sciences' Denmark          3103-00279B                      3 
'Marie Sklodowska-Curie Actions, FragNET ITN'                            'European Union' 'NIR-emitting Ag-DNAs 101151897' 4 
'Japan Agency for Medical Research and Development (AMED)'               Japan            JP24ama121014                    5 
# 
loop_
_pdbx_serial_crystallography_sample_delivery.diffrn_id 
_pdbx_serial_crystallography_sample_delivery.description 
_pdbx_serial_crystallography_sample_delivery.method 
1 ? 'fixed target' 
2 ? 'fixed target' 
# 
_atom_sites.entry_id                    9KHW 
_atom_sites.Cartn_transf_matrix[1][1]   ? 
_atom_sites.Cartn_transf_matrix[1][2]   ? 
_atom_sites.Cartn_transf_matrix[1][3]   ? 
_atom_sites.Cartn_transf_matrix[2][1]   ? 
_atom_sites.Cartn_transf_matrix[2][2]   ? 
_atom_sites.Cartn_transf_matrix[2][3]   ? 
_atom_sites.Cartn_transf_matrix[3][1]   ? 
_atom_sites.Cartn_transf_matrix[3][2]   ? 
_atom_sites.Cartn_transf_matrix[3][3]   ? 
_atom_sites.Cartn_transf_vector[1]      ? 
_atom_sites.Cartn_transf_vector[2]      ? 
_atom_sites.Cartn_transf_vector[3]      ? 
_atom_sites.Cartn_transform_axes        ? 
_atom_sites.fract_transf_matrix[1][1]   0.02180902 
_atom_sites.fract_transf_matrix[1][2]   -0.03073632 
_atom_sites.fract_transf_matrix[1][3]   -0.00310436 
_atom_sites.fract_transf_matrix[2][1]   0.01536303 
_atom_sites.fract_transf_matrix[2][2]   0.01076800 
_atom_sites.fract_transf_matrix[2][3]   0.00131558 
_atom_sites.fract_transf_matrix[3][1]   0.00479220 
_atom_sites.fract_transf_matrix[3][2]   -0.01121066 
_atom_sites.fract_transf_matrix[3][3]   0.03579673 
_atom_sites.fract_transf_vector[1]      0.134056 
_atom_sites.fract_transf_vector[2]      0.434097 
_atom_sites.fract_transf_vector[3]      0.362904 
_atom_sites.solution_primary            ? 
_atom_sites.solution_secondary          ? 
_atom_sites.solution_hydrogens          ? 
_atom_sites.special_details             ? 
# 
loop_
_atom_type.symbol 
AG 
C  
CL 
N  
O  
P  
# 
loop_
_atom_site.group_PDB 
_atom_site.id 
_atom_site.type_symbol 
_atom_site.label_atom_id 
_atom_site.label_alt_id 
_atom_site.label_comp_id 
_atom_site.label_asym_id 
_atom_site.label_entity_id 
_atom_site.label_seq_id 
_atom_site.pdbx_PDB_ins_code 
_atom_site.Cartn_x 
_atom_site.Cartn_y 
_atom_site.Cartn_z 
_atom_site.occupancy 
_atom_site.B_iso_or_equiv 
_atom_site.pdbx_formal_charge 
_atom_site.auth_seq_id 
_atom_site.auth_comp_id 
_atom_site.auth_asym_id 
_atom_site.auth_atom_id 
_atom_site.pdbx_PDB_model_num 
ATOM   1   O  "O5'" . DC  A  1 1  ? -9.046  -3.940  -2.934  1.00 13.18 ? 1   DC  A "O5'" 1 
ATOM   2   C  "C5'" . DC  A  1 1  ? -8.730  -4.843  -3.976  1.00 11.37 ? 1   DC  A "C5'" 1 
ATOM   3   C  "C4'" . DC  A  1 1  ? -7.617  -5.779  -3.552  1.00 11.09 ? 1   DC  A "C4'" 1 
ATOM   4   O  "O4'" . DC  A  1 1  ? -6.457  -4.997  -3.183  1.00 11.78 ? 1   DC  A "O4'" 1 
ATOM   5   C  "C3'" . DC  A  1 1  ? -7.911  -6.613  -2.324  1.00 10.97 ? 1   DC  A "C3'" 1 
ATOM   6   O  "O3'" . DC  A  1 1  ? -8.625  -7.782  -2.685  1.00 11.69 ? 1   DC  A "O3'" 1 
ATOM   7   C  "C2'" . DC  A  1 1  ? -6.508  -6.949  -1.849  1.00 9.57  ? 1   DC  A "C2'" 1 
ATOM   8   C  "C1'" . DC  A  1 1  ? -5.775  -5.641  -2.122  1.00 10.06 ? 1   DC  A "C1'" 1 
ATOM   9   N  N1    . DC  A  1 1  ? -5.738  -4.722  -0.950  1.00 8.91  ? 1   DC  A N1    1 
ATOM   10  C  C2    . DC  A  1 1  ? -4.764  -4.904  0.029   1.00 8.87  ? 1   DC  A C2    1 
ATOM   11  O  O2    . DC  A  1 1  ? -3.965  -5.841  -0.089  1.00 10.23 ? 1   DC  A O2    1 
ATOM   12  N  N3    . DC  A  1 1  ? -4.731  -4.049  1.081   1.00 8.38  ? 1   DC  A N3    1 
ATOM   13  C  C4    . DC  A  1 1  ? -5.611  -3.046  1.179   1.00 9.09  ? 1   DC  A C4    1 
ATOM   14  N  N4    . DC  A  1 1  ? -5.529  -2.239  2.225   1.00 9.22  ? 1   DC  A N4    1 
ATOM   15  C  C5    . DC  A  1 1  ? -6.623  -2.842  0.189   1.00 9.56  ? 1   DC  A C5    1 
ATOM   16  C  C6    . DC  A  1 1  ? -6.636  -3.708  -0.859  1.00 7.39  ? 1   DC  A C6    1 
ATOM   17  P  P     . DC  A  1 2  ? -9.992  -8.154  -1.934  1.00 12.16 ? 2   DC  A P     1 
ATOM   18  O  OP1   . DC  A  1 2  ? -10.441 -9.463  -2.452  1.00 16.62 ? 2   DC  A OP1   1 
ATOM   19  O  OP2   . DC  A  1 2  ? -10.885 -6.984  -1.979  1.00 15.42 ? 2   DC  A OP2   1 
ATOM   20  O  "O5'" . DC  A  1 2  ? -9.547  -8.346  -0.421  1.00 10.33 ? 2   DC  A "O5'" 1 
ATOM   21  C  "C5'" . DC  A  1 2  ? -10.523 -8.499  0.567   1.00 11.12 ? 2   DC  A "C5'" 1 
ATOM   22  C  "C4'" . DC  A  1 2  ? -9.986  -8.087  1.921   1.00 11.05 ? 2   DC  A "C4'" 1 
ATOM   23  O  "O4'" . DC  A  1 2  ? -8.819  -8.875  2.258   1.00 11.83 ? 2   DC  A "O4'" 1 
ATOM   24  C  "C3'" . DC  A  1 2  ? -9.524  -6.650  2.039   1.00 11.16 ? 2   DC  A "C3'" 1 
ATOM   25  O  "O3'" . DC  A  1 2  ? -9.607  -6.313  3.400   1.00 10.89 ? 2   DC  A "O3'" 1 
ATOM   26  C  "C2'" . DC  A  1 2  ? -8.062  -6.750  1.593   1.00 8.52  ? 2   DC  A "C2'" 1 
ATOM   27  C  "C1'" . DC  A  1 2  ? -7.672  -8.037  2.292   1.00 9.93  ? 2   DC  A "C1'" 1 
ATOM   28  N  N1    . DC  A  1 2  ? -6.560  -8.795  1.710   1.00 11.42 ? 2   DC  A N1    1 
ATOM   29  C  C2    . DC  A  1 2  ? -5.245  -8.445  2.009   1.00 9.22  ? 2   DC  A C2    1 
ATOM   30  O  O2    . DC  A  1 2  ? -5.036  -7.450  2.714   1.00 13.27 ? 2   DC  A O2    1 
ATOM   31  N  N3    . DC  A  1 2  ? -4.238  -9.205  1.511   1.00 11.36 ? 2   DC  A N3    1 
ATOM   32  C  C4    . DC  A  1 2  ? -4.499  -10.276 0.751   1.00 6.93  ? 2   DC  A C4    1 
ATOM   33  N  N4    . DC  A  1 2  ? -3.479  -10.985 0.295   1.00 13.00 ? 2   DC  A N4    1 
ATOM   34  C  C5    . DC  A  1 2  ? -5.840  -10.653 0.426   1.00 9.88  ? 2   DC  A C5    1 
ATOM   35  C  C6    . DC  A  1 2  ? -6.833  -9.877  0.938   1.00 11.40 ? 2   DC  A C6    1 
ATOM   36  P  P     . DG  A  1 3  ? -9.758  -4.800  3.883   1.00 12.72 ? 3   DG  A P     1 
ATOM   37  O  OP1   . DG  A  1 3  ? -11.096 -4.333  3.440   1.00 12.38 ? 3   DG  A OP1   1 
ATOM   38  O  OP2   . DG  A  1 3  ? -8.554  -4.031  3.502   1.00 13.70 ? 3   DG  A OP2   1 
ATOM   39  O  "O5'" . DG  A  1 3  ? -9.695  -4.927  5.477   1.00 9.08  ? 3   DG  A "O5'" 1 
ATOM   40  C  "C5'" . DG  A  1 3  ? -10.774 -5.505  6.180   1.00 10.72 ? 3   DG  A "C5'" 1 
ATOM   41  C  "C4'" . DG  A  1 3  ? -10.308 -6.666  7.027   1.00 10.49 ? 3   DG  A "C4'" 1 
ATOM   42  O  "O4'" . DG  A  1 3  ? -9.608  -7.610  6.205   1.00 12.44 ? 3   DG  A "O4'" 1 
ATOM   43  C  "C3'" . DG  A  1 3  ? -9.296  -6.334  8.101   1.00 10.82 ? 3   DG  A "C3'" 1 
ATOM   44  O  "O3'" . DG  A  1 3  ? -9.952  -5.822  9.243   1.00 8.96  ? 3   DG  A "O3'" 1 
ATOM   45  C  "C2'" . DG  A  1 3  ? -8.671  -7.699  8.387   1.00 10.92 ? 3   DG  A "C2'" 1 
ATOM   46  C  "C1'" . DG  A  1 3  ? -8.859  -8.442  7.057   1.00 9.56  ? 3   DG  A "C1'" 1 
ATOM   47  N  N9    . DG  A  1 3  ? -7.661  -8.802  6.383   1.00 9.26  ? 3   DG  A N9    1 
ATOM   48  C  C8    . DG  A  1 3  ? -6.384  -8.339  6.628   1.00 9.34  ? 3   DG  A C8    1 
ATOM   49  N  N7    . DG  A  1 3  ? -5.446  -8.934  5.922   1.00 11.33 ? 3   DG  A N7    1 
ATOM   50  C  C5    . DG  A  1 3  ? -6.148  -9.884  5.187   1.00 9.16  ? 3   DG  A C5    1 
ATOM   51  C  C6    . DG  A  1 3  ? -5.673  -10.851 4.264   1.00 10.24 ? 3   DG  A C6    1 
ATOM   52  O  O6    . DG  A  1 3  ? -4.519  -11.089 3.897   1.00 9.52  ? 3   DG  A O6    1 
ATOM   53  N  N1    . DG  A  1 3  ? -6.719  -11.613 3.758   1.00 10.02 ? 3   DG  A N1    1 
ATOM   54  C  C2    . DG  A  1 3  ? -8.040  -11.486 4.101   1.00 8.48  ? 3   DG  A C2    1 
ATOM   55  N  N2    . DG  A  1 3  ? -8.896  -12.329 3.508   1.00 9.75  ? 3   DG  A N2    1 
ATOM   56  N  N3    . DG  A  1 3  ? -8.493  -10.602 4.986   1.00 8.43  ? 3   DG  A N3    1 
ATOM   57  C  C4    . DG  A  1 3  ? -7.498  -9.835  5.487   1.00 10.37 ? 3   DG  A C4    1 
ATOM   58  P  P     . DC  A  1 4  ? -9.665  -4.307  9.674   1.00 10.54 ? 4   DC  A P     1 
ATOM   59  O  OP1   . DC  A  1 4  ? -10.488 -4.029  10.920  1.00 10.59 ? 4   DC  A OP1   1 
ATOM   60  O  OP2   . DC  A  1 4  ? -9.872  -3.382  8.502   1.00 11.78 ? 4   DC  A OP2   1 
ATOM   61  O  "O5'" . DC  A  1 4  ? -8.086  -4.286  10.042  1.00 12.30 ? 4   DC  A "O5'" 1 
ATOM   62  C  "C5'" . DC  A  1 4  ? -7.569  -5.125  11.105  1.00 10.92 ? 4   DC  A "C5'" 1 
ATOM   63  C  "C4'" . DC  A  1 4  ? -6.058  -5.232  11.037  1.00 9.91  ? 4   DC  A "C4'" 1 
ATOM   64  O  "O4'" . DC  A  1 4  ? -5.651  -6.102  9.971   1.00 11.16 ? 4   DC  A "O4'" 1 
ATOM   65  C  "C3'" . DC  A  1 4  ? -5.280  -3.946  10.782  1.00 9.56  ? 4   DC  A "C3'" 1 
ATOM   66  O  "O3'" . DC  A  1 4  ? -5.090  -3.363  12.059  1.00 11.07 ? 4   DC  A "O3'" 1 
ATOM   67  C  "C2'" . DC  A  1 4  ? -3.956  -4.423  10.185  1.00 10.26 ? 4   DC  A "C2'" 1 
ATOM   68  C  "C1'" . DC  A  1 4  ? -4.480  -5.580  9.324   1.00 10.28 ? 4   DC  A "C1'" 1 
ATOM   69  N  N1    . DC  A  1 4  ? -4.812  -5.308  7.884   1.00 8.70  ? 4   DC  A N1    1 
ATOM   70  C  C2    . DC  A  1 4  ? -3.896  -5.655  6.871   1.00 7.97  ? 4   DC  A C2    1 
ATOM   71  O  O2    . DC  A  1 4  ? -2.771  -6.067  7.190   1.00 9.23  ? 4   DC  A O2    1 
ATOM   72  N  N3    . DC  A  1 4  ? -4.241  -5.494  5.558   1.00 9.02  ? 4   DC  A N3    1 
ATOM   73  C  C4    . DC  A  1 4  ? -5.458  -5.017  5.252   1.00 7.60  ? 4   DC  A C4    1 
ATOM   74  N  N4    . DC  A  1 4  ? -5.753  -4.875  3.971   1.00 10.93 ? 4   DC  A N4    1 
ATOM   75  C  C5    . DC  A  1 4  ? -6.395  -4.644  6.262   1.00 8.04  ? 4   DC  A C5    1 
ATOM   76  C  C6    . DC  A  1 4  ? -6.033  -4.817  7.542   1.00 9.04  ? 4   DC  A C6    1 
ATOM   77  P  P     . DG  A  1 5  ? -4.668  -1.815  12.032  1.00 11.89 ? 5   DG  A P     1 
ATOM   78  O  OP1   . DG  A  1 5  ? -4.733  -1.313  13.460  1.00 15.06 ? 5   DG  A OP1   1 
ATOM   79  O  OP2   . DG  A  1 5  ? -5.403  -0.970  11.029  1.00 12.01 ? 5   DG  A OP2   1 
ATOM   80  O  "O5'" . DG  A  1 5  ? -3.117  -1.804  11.613  1.00 13.03 ? 5   DG  A "O5'" 1 
ATOM   81  C  "C5'" . DG  A  1 5  ? -2.154  -2.606  12.316  1.00 12.31 ? 5   DG  A "C5'" 1 
ATOM   82  C  "C4'" . DG  A  1 5  ? -0.869  -2.563  11.532  1.00 12.72 ? 5   DG  A "C4'" 1 
ATOM   83  O  "O4'" . DG  A  1 5  ? -1.064  -3.262  10.283  1.00 9.83  ? 5   DG  A "O4'" 1 
ATOM   84  C  "C3'" . DG  A  1 5  ? -0.384  -1.150  11.189  1.00 14.06 ? 5   DG  A "C3'" 1 
ATOM   85  O  "O3'" . DG  A  1 5  ? 0.970   -1.010  11.596  1.00 13.50 ? 5   DG  A "O3'" 1 
ATOM   86  C  "C2'" . DG  A  1 5  ? -0.500  -1.087  9.671   1.00 10.12 ? 5   DG  A "C2'" 1 
ATOM   87  C  "C1'" . DG  A  1 5  ? -0.370  -2.547  9.274   1.00 9.58  ? 5   DG  A "C1'" 1 
ATOM   88  N  N9    . DG  A  1 5  ? -0.963  -2.844  8.013   1.00 8.59  ? 5   DG  A N9    1 
ATOM   89  C  C8    . DG  A  1 5  ? -0.278  -3.388  6.954   1.00 9.64  ? 5   DG  A C8    1 
ATOM   90  N  N7    . DG  A  1 5  ? -0.967  -3.462  5.835   1.00 8.43  ? 5   DG  A N7    1 
ATOM   91  C  C5    . DG  A  1 5  ? -2.168  -2.850  6.166   1.00 8.79  ? 5   DG  A C5    1 
ATOM   92  C  C6    . DG  A  1 5  ? -3.305  -2.617  5.356   1.00 9.53  ? 5   DG  A C6    1 
ATOM   93  O  O6    . DG  A  1 5  ? -3.487  -2.913  4.172   1.00 8.91  ? 5   DG  A O6    1 
ATOM   94  N  N1    . DG  A  1 5  ? -4.325  -2.014  6.088   1.00 7.81  ? 5   DG  A N1    1 
ATOM   95  C  C2    . DG  A  1 5  ? -4.251  -1.646  7.412   1.00 7.62  ? 5   DG  A C2    1 
ATOM   96  N  N2    . DG  A  1 5  ? -5.332  -1.064  7.947   1.00 10.88 ? 5   DG  A N2    1 
ATOM   97  N  N3    . DG  A  1 5  ? -3.182  -1.850  8.171   1.00 8.79  ? 5   DG  A N3    1 
ATOM   98  C  C4    . DG  A  1 5  ? -2.178  -2.453  7.492   1.00 7.54  ? 5   DG  A C4    1 
ATOM   99  P  P     . DC  A  1 6  ? 1.601   0.473   11.624  1.00 15.64 ? 6   DC  A P     1 
ATOM   100 O  OP1   . DC  A  1 6  ? 2.797   0.416   12.517  1.00 18.80 ? 6   DC  A OP1   1 
ATOM   101 O  OP2   . DC  A  1 6  ? 0.618   1.552   11.890  1.00 17.77 ? 6   DC  A OP2   1 
ATOM   102 O  "O5'" . DC  A  1 6  ? 2.128   0.738   10.115  1.00 12.79 ? 6   DC  A "O5'" 1 
ATOM   103 C  "C5'" . DC  A  1 6  ? 2.953   -0.239  9.457   1.00 12.04 ? 6   DC  A "C5'" 1 
ATOM   104 C  "C4'" . DC  A  1 6  ? 2.950   0.054   7.974   1.00 11.15 ? 6   DC  A "C4'" 1 
ATOM   105 O  "O4'" . DC  A  1 6  ? 1.657   -0.268  7.380   1.00 11.16 ? 6   DC  A "O4'" 1 
ATOM   106 C  "C3'" . DC  A  1 6  ? 3.261   1.508   7.578   1.00 10.36 ? 6   DC  A "C3'" 1 
ATOM   107 O  "O3'" . DC  A  1 6  ? 4.198   1.489   6.502   1.00 10.89 ? 6   DC  A "O3'" 1 
ATOM   108 C  "C2'" . DC  A  1 6  ? 1.914   1.999   7.073   1.00 11.93 ? 6   DC  A "C2'" 1 
ATOM   109 C  "C1'" . DC  A  1 6  ? 1.418   0.717   6.423   1.00 10.21 ? 6   DC  A "C1'" 1 
ATOM   110 N  N1    . DC  A  1 6  ? -0.003  0.666   6.055   1.00 9.46  ? 6   DC  A N1    1 
ATOM   111 C  C2    . DC  A  1 6  ? -0.337  -0.095  4.935   1.00 8.49  ? 6   DC  A C2    1 
ATOM   112 O  O2    . DC  A  1 6  ? 0.562   -0.759  4.406   1.00 10.21 ? 6   DC  A O2    1 
ATOM   113 N  N3    . DC  A  1 6  ? -1.618  -0.092  4.489   1.00 9.47  ? 6   DC  A N3    1 
ATOM   114 C  C4    . DC  A  1 6  ? -2.535  0.625   5.157   1.00 8.05  ? 6   DC  A C4    1 
ATOM   115 N  N4    . DC  A  1 6  ? -3.772  0.613   4.700   1.00 10.82 ? 6   DC  A N4    1 
ATOM   116 C  C5    . DC  A  1 6  ? -2.207  1.394   6.310   1.00 9.30  ? 6   DC  A C5    1 
ATOM   117 C  C6    . DC  A  1 6  ? -0.938  1.381   6.731   1.00 11.07 ? 6   DC  A C6    1 
ATOM   118 P  P     . DG  A  1 7  ? 5.273   2.649   6.217   1.00 11.68 ? 7   DG  A P     1 
ATOM   119 O  OP1   . DG  A  1 7  ? 5.891   3.017   7.508   1.00 15.65 ? 7   DG  A OP1   1 
ATOM   120 O  OP2   . DG  A  1 7  ? 4.653   3.693   5.366   1.00 13.88 ? 7   DG  A OP2   1 
ATOM   121 O  "O5'" . DG  A  1 7  ? 6.356   1.868   5.345   1.00 10.57 ? 7   DG  A "O5'" 1 
ATOM   122 C  "C5'" . DG  A  1 7  ? 6.994   0.757   5.921   1.00 11.32 ? 7   DG  A "C5'" 1 
ATOM   123 C  "C4'" . DG  A  1 7  ? 7.339   -0.259  4.862   1.00 10.44 ? 7   DG  A "C4'" 1 
ATOM   124 O  "O4'" . DG  A  1 7  ? 6.135   -0.773  4.266   1.00 10.05 ? 7   DG  A "O4'" 1 
ATOM   125 C  "C3'" . DG  A  1 7  ? 8.179   0.281   3.710   1.00 11.94 ? 7   DG  A "C3'" 1 
ATOM   126 O  "O3'" . DG  A  1 7  ? 9.334   -0.480  3.659   1.00 13.97 ? 7   DG  A "O3'" 1 
ATOM   127 C  "C2'" . DG  A  1 7  ? 7.297   0.064   2.466   1.00 12.20 ? 7   DG  A "C2'" 1 
ATOM   128 C  "C1'" . DG  A  1 7  ? 6.413   -1.074  2.933   1.00 11.08 ? 7   DG  A "C1'" 1 
ATOM   129 N  N9    . DG  A  1 7  ? 5.159   -1.191  2.226   1.00 8.15  ? 7   DG  A N9    1 
ATOM   130 C  C8    . DG  A  1 7  ? 3.966   -0.575  2.527   1.00 10.36 ? 7   DG  A C8    1 
ATOM   131 N  N7    . DG  A  1 7  ? 2.989   -0.899  1.719   1.00 10.53 ? 7   DG  A N7    1 
ATOM   132 C  C5    . DG  A  1 7  ? 3.559   -1.790  0.816   1.00 9.56  ? 7   DG  A C5    1 
ATOM   133 C  C6    . DG  A  1 7  ? 3.006   -2.482  -0.288  1.00 7.54  ? 7   DG  A C6    1 
ATOM   134 O  O6    . DG  A  1 7  ? 1.842   -2.446  -0.712  1.00 9.09  ? 7   DG  A O6    1 
ATOM   135 N  N1    . DG  A  1 7  ? 3.955   -3.284  -0.924  1.00 10.16 ? 7   DG  A N1    1 
ATOM   136 C  C2    . DG  A  1 7  ? 5.273   -3.406  -0.544  1.00 9.40  ? 7   DG  A C2    1 
ATOM   137 N  N2    . DG  A  1 7  ? 6.044   -4.226  -1.277  1.00 11.62 ? 7   DG  A N2    1 
ATOM   138 N  N3    . DG  A  1 7  ? 5.801   -2.762  0.488   1.00 10.11 ? 7   DG  A N3    1 
ATOM   139 C  C4    . DG  A  1 7  ? 4.894   -1.976  1.120   1.00 7.39  ? 7   DG  A C4    1 
ATOM   140 P  P     . DC  A  1 8  ? 10.773  0.209   3.525   1.00 12.46 ? 8   DC  A P     1 
ATOM   141 O  OP1   . DC  A  1 8  ? 11.724  -0.523  4.388   1.00 17.45 ? 8   DC  A OP1   1 
ATOM   142 O  OP2   . DC  A  1 8  ? 10.702  1.682   3.558   1.00 11.56 ? 8   DC  A OP2   1 
ATOM   143 O  "O5'" . DC  A  1 8  ? 11.116  -0.156  2.018   1.00 18.83 ? 8   DC  A "O5'" 1 
ATOM   144 C  "C5'" . DC  A  1 8  ? 12.446  -0.224  1.590   1.00 12.60 ? 8   DC  A "C5'" 1 
ATOM   145 C  "C4'" . DC  A  1 8  ? 12.792  -1.638  1.169   1.00 13.18 ? 8   DC  A "C4'" 1 
ATOM   146 O  "O4'" . DC  A  1 8  ? 13.799  -1.579  0.133   1.00 14.33 ? 8   DC  A "O4'" 1 
ATOM   147 C  "C3'" . DC  A  1 8  ? 13.383  -2.508  2.271   1.00 14.09 ? 8   DC  A "C3'" 1 
ATOM   148 O  "O3'" . DC  A  1 8  ? 13.056  -3.872  2.046   1.00 14.36 ? 8   DC  A "O3'" 1 
ATOM   149 C  "C2'" . DC  A  1 8  ? 14.873  -2.269  2.104   1.00 12.64 ? 8   DC  A "C2'" 1 
ATOM   150 C  "C1'" . DC  A  1 8  ? 14.986  -2.195  0.592   1.00 13.13 ? 8   DC  A "C1'" 1 
ATOM   151 N  N1    . DC  A  1 8  ? 16.122  -1.398  0.137   1.00 11.90 ? 8   DC  A N1    1 
ATOM   152 C  C2    . DC  A  1 8  ? 17.212  -2.039  -0.448  1.00 12.86 ? 8   DC  A C2    1 
ATOM   153 O  O2    . DC  A  1 8  ? 17.192  -3.270  -0.562  1.00 11.13 ? 8   DC  A O2    1 
ATOM   154 N  N3    . DC  A  1 8  ? 18.262  -1.289  -0.866  1.00 8.75  ? 8   DC  A N3    1 
ATOM   155 C  C4    . DC  A  1 8  ? 18.253  0.043   -0.729  1.00 11.38 ? 8   DC  A C4    1 
ATOM   156 N  N4    . DC  A  1 8  ? 19.302  0.725   -1.159  1.00 10.25 ? 8   DC  A N4    1 
ATOM   157 C  C5    . DC  A  1 8  ? 17.148  0.723   -0.127  1.00 12.30 ? 8   DC  A C5    1 
ATOM   158 C  C6    . DC  A  1 8  ? 16.106  -0.048  0.283   1.00 12.14 ? 8   DC  A C6    1 
ATOM   159 P  P     . DG  A  1 9  ? 12.904  -4.875  3.291   1.00 17.21 ? 9   DG  A P     1 
ATOM   160 O  OP1   . DG  A  1 9  ? 14.121  -4.784  4.121   1.00 19.82 ? 9   DG  A OP1   1 
ATOM   161 O  OP2   . DG  A  1 9  ? 12.483  -6.179  2.739   1.00 18.89 ? 9   DG  A OP2   1 
ATOM   162 O  "O5'" . DG  A  1 9  ? 11.705  -4.248  4.140   1.00 14.96 ? 9   DG  A "O5'" 1 
ATOM   163 C  "C5'" . DG  A  1 9  ? 10.454  -4.030  3.541   1.00 14.66 ? 9   DG  A "C5'" 1 
ATOM   164 C  "C4'" . DG  A  1 9  ? 9.384   -4.055  4.596   1.00 12.85 ? 9   DG  A "C4'" 1 
ATOM   165 O  "O4'" . DG  A  1 9  ? 8.098   -3.823  3.966   1.00 11.48 ? 9   DG  A "O4'" 1 
ATOM   166 C  "C3'" . DG  A  1 9  ? 9.264   -5.396  5.334   1.00 15.29 ? 9   DG  A "C3'" 1 
ATOM   167 O  "O3'" . DG  A  1 9  ? 9.174   -5.175  6.735   1.00 15.16 ? 9   DG  A "O3'" 1 
ATOM   168 C  "C2'" . DG  A  1 9  ? 7.977   -5.987  4.772   1.00 13.21 ? 9   DG  A "C2'" 1 
ATOM   169 C  "C1'" . DG  A  1 9  ? 7.184   -4.729  4.501   1.00 12.27 ? 9   DG  A "C1'" 1 
ATOM   170 N  N9    . DG  A  1 9  ? 6.124   -4.924  3.563   1.00 10.03 ? 9   DG  A N9    1 
ATOM   171 C  C8    . DG  A  1 9  ? 6.133   -5.665  2.403   1.00 11.63 ? 9   DG  A C8    1 
ATOM   172 N  N7    . DG  A  1 9  ? 4.989   -5.657  1.766   1.00 8.30  ? 9   DG  A N7    1 
ATOM   173 C  C5    . DG  A  1 9  ? 4.157   -4.860  2.547   1.00 8.74  ? 9   DG  A C5    1 
ATOM   174 C  C6    . DG  A  1 9  ? 2.805   -4.478  2.378   1.00 9.08  ? 9   DG  A C6    1 
ATOM   175 O  O6    . DG  A  1 9  ? 2.029   -4.781  1.461   1.00 9.30  ? 9   DG  A O6    1 
ATOM   176 N  N1    . DG  A  1 9  ? 2.365   -3.658  3.419   1.00 9.66  ? 9   DG  A N1    1 
ATOM   177 C  C2    . DG  A  1 9  ? 3.134   -3.255  4.488   1.00 8.05  ? 9   DG  A C2    1 
ATOM   178 N  N2    . DG  A  1 9  ? 2.541   -2.462  5.399   1.00 10.22 ? 9   DG  A N2    1 
ATOM   179 N  N3    . DG  A  1 9  ? 4.401   -3.607  4.655   1.00 7.83  ? 9   DG  A N3    1 
ATOM   180 C  C4    . DG  A  1 9  ? 4.847   -4.405  3.654   1.00 8.94  ? 9   DG  A C4    1 
ATOM   181 P  P     . DC  A  1 10 ? 8.928   -6.407  7.746   1.00 18.81 ? 10  DC  A P     1 
ATOM   182 O  OP1   . DC  A  1 10 ? 9.519   -5.979  9.030   1.00 17.71 ? 10  DC  A OP1   1 
ATOM   183 O  OP2   . DC  A  1 10 ? 9.305   -7.689  7.115   1.00 17.80 ? 10  DC  A OP2   1 
ATOM   184 O  "O5'" . DC  A  1 10 ? 7.336   -6.458  7.909   1.00 16.65 ? 10  DC  A "O5'" 1 
ATOM   185 C  "C5'" . DC  A  1 10 ? 6.684   -5.470  8.668   1.00 12.06 ? 10  DC  A "C5'" 1 
ATOM   186 C  "C4'" . DC  A  1 10 ? 5.175   -5.576  8.531   1.00 10.61 ? 10  DC  A "C4'" 1 
ATOM   187 O  "O4'" . DC  A  1 10 ? 4.793   -5.443  7.152   1.00 9.49  ? 10  DC  A "O4'" 1 
ATOM   188 C  "C3'" . DC  A  1 10 ? 4.566   -6.903  8.931   1.00 10.96 ? 10  DC  A "C3'" 1 
ATOM   189 O  "O3'" . DC  A  1 10 ? 4.419   -6.963  10.344  1.00 11.78 ? 10  DC  A "O3'" 1 
ATOM   190 C  "C2'" . DC  A  1 10 ? 3.201   -6.841  8.232   1.00 9.87  ? 10  DC  A "C2'" 1 
ATOM   191 C  "C1'" . DC  A  1 10 ? 3.458   -5.911  7.033   1.00 8.80  ? 10  DC  A "C1'" 1 
ATOM   192 N  N1    . DC  A  1 10 ? 3.285   -6.614  5.739   1.00 9.57  ? 10  DC  A N1    1 
ATOM   193 C  C2    . DC  A  1 10 ? 2.045   -6.574  5.106   1.00 8.47  ? 10  DC  A C2    1 
ATOM   194 O  O2    . DC  A  1 10 ? 1.121   -5.948  5.638   1.00 9.27  ? 10  DC  A O2    1 
ATOM   195 N  N3    . DC  A  1 10 ? 1.892   -7.234  3.931   1.00 9.51  ? 10  DC  A N3    1 
ATOM   196 C  C4    . DC  A  1 10 ? 2.912   -7.903  3.381   1.00 8.61  ? 10  DC  A C4    1 
ATOM   197 N  N4    . DC  A  1 10 ? 2.708   -8.524  2.230   1.00 9.18  ? 10  DC  A N4    1 
ATOM   198 C  C5    . DC  A  1 10 ? 4.193   -7.961  4.013   1.00 8.56  ? 10  DC  A C5    1 
ATOM   199 C  C6    . DC  A  1 10 ? 4.325   -7.292  5.191   1.00 9.38  ? 10  DC  A C6    1 
ATOM   200 P  P     . DC  A  1 11 ? 4.980   -8.225  11.159  1.00 13.27 ? 11  DC  A P     1 
ATOM   201 O  OP1   . DC  A  1 11 ? 4.681   -7.981  12.585  1.00 14.58 ? 11  DC  A OP1   1 
ATOM   202 O  OP2   . DC  A  1 11 ? 6.372   -8.481  10.736  1.00 13.97 ? 11  DC  A OP2   1 
ATOM   203 O  "O5'" . DC  A  1 11 ? 4.083   -9.441  10.637  1.00 15.36 ? 11  DC  A "O5'" 1 
ATOM   204 C  "C5'" . DC  A  1 11 ? 4.281   -10.759 11.151  1.00 12.22 ? 11  DC  A "C5'" 1 
ATOM   205 C  "C4'" . DC  A  1 11 ? 3.542   -11.795 10.312  1.00 15.65 ? 11  DC  A "C4'" 1 
ATOM   206 O  "O4'" . DC  A  1 11 ? 2.143   -11.439 10.219  1.00 12.35 ? 11  DC  A "O4'" 1 
ATOM   207 C  "C3'" . DC  A  1 11 ? 4.007   -11.917 8.869   1.00 15.81 ? 11  DC  A "C3'" 1 
ATOM   208 O  "O3'" . DC  A  1 11 ? 3.651   -13.192 8.363   1.00 16.24 ? 11  DC  A "O3'" 1 
ATOM   209 C  "C2'" . DC  A  1 11 ? 3.195   -10.829 8.187   1.00 14.46 ? 11  DC  A "C2'" 1 
ATOM   210 C  "C1'" . DC  A  1 11 ? 1.863   -10.947 8.925   1.00 12.19 ? 11  DC  A "C1'" 1 
ATOM   211 N  N1    . DC  A  1 11 ? 1.148   -9.676  9.072   1.00 10.96 ? 11  DC  A N1    1 
ATOM   212 C  C2    . DC  A  1 11 ? 0.554   -9.110  7.947   1.00 9.96  ? 11  DC  A C2    1 
ATOM   213 O  O2    . DC  A  1 11 ? 0.663   -9.688  6.858   1.00 10.87 ? 11  DC  A O2    1 
ATOM   214 N  N3    . DC  A  1 11 ? -0.118  -7.940  8.083   1.00 8.61  ? 11  DC  A N3    1 
ATOM   215 C  C4    . DC  A  1 11 ? -0.216  -7.340  9.276   1.00 11.22 ? 11  DC  A C4    1 
ATOM   216 N  N4    . DC  A  1 11 ? -0.888  -6.202  9.353   1.00 10.80 ? 11  DC  A N4    1 
ATOM   217 C  C5    . DC  A  1 11 ? 0.389   -7.899  10.445  1.00 9.88  ? 11  DC  A C5    1 
ATOM   218 C  C6    . DC  A  1 11 ? 1.055   -9.075  10.285  1.00 12.02 ? 11  DC  A C6    1 
ATOM   219 P  P     . DG  A  1 12 ? 4.541   -13.879 7.219   1.00 20.22 ? 12  DG  A P     1 
ATOM   220 O  OP1   . DG  A  1 12 ? 5.546   -14.717 7.902   1.00 24.24 ? 12  DG  A OP1   1 
ATOM   221 O  OP2   . DG  A  1 12 ? 5.014   -12.813 6.315   1.00 19.76 ? 12  DG  A OP2   1 
ATOM   222 O  "O5'" . DG  A  1 12 ? 3.539   -14.833 6.429   1.00 21.07 ? 12  DG  A "O5'" 1 
ATOM   223 C  "C5'" . DG  A  1 12 ? 2.361   -14.307 5.835   1.00 17.62 ? 12  DG  A "C5'" 1 
ATOM   224 C  "C4'" . DG  A  1 12 ? 1.139   -14.813 6.574   1.00 17.01 ? 12  DG  A "C4'" 1 
ATOM   225 O  "O4'" . DG  A  1 12 ? 0.622   -13.774 7.422   1.00 16.87 ? 12  DG  A "O4'" 1 
ATOM   226 C  "C3'" . DG  A  1 12 ? -0.027  -15.211 5.695   1.00 16.40 ? 12  DG  A "C3'" 1 
ATOM   227 O  "O3'" . DG  A  1 12 ? 0.134   -16.575 5.303   1.00 17.37 ? 12  DG  A "O3'" 1 
ATOM   228 C  "C2'" . DG  A  1 12 ? -1.232  -15.031 6.624   1.00 16.72 ? 12  DG  A "C2'" 1 
ATOM   229 C  "C1'" . DG  A  1 12 ? -0.754  -13.990 7.644   1.00 14.57 ? 12  DG  A "C1'" 1 
ATOM   230 N  N9    . DG  A  1 12 ? -1.416  -12.720 7.519   1.00 15.79 ? 12  DG  A N9    1 
ATOM   231 C  C8    . DG  A  1 12 ? -1.906  -12.141 6.370   1.00 14.07 ? 12  DG  A C8    1 
ATOM   232 N  N7    . DG  A  1 12 ? -2.447  -10.966 6.562   1.00 11.73 ? 12  DG  A N7    1 
ATOM   233 C  C5    . DG  A  1 12 ? -2.315  -10.737 7.928   1.00 11.99 ? 12  DG  A C5    1 
ATOM   234 C  C6    . DG  A  1 12 ? -2.709  -9.641  8.733   1.00 12.35 ? 12  DG  A C6    1 
ATOM   235 O  O6    . DG  A  1 12 ? -3.281  -8.599  8.385   1.00 12.25 ? 12  DG  A O6    1 
ATOM   236 N  N1    . DG  A  1 12 ? -2.373  -9.837  10.073  1.00 12.88 ? 12  DG  A N1    1 
ATOM   237 C  C2    . DG  A  1 12 ? -1.737  -10.950 10.577  1.00 14.84 ? 12  DG  A C2    1 
ATOM   238 N  N2    . DG  A  1 12 ? -1.493  -10.965 11.899  1.00 17.97 ? 12  DG  A N2    1 
ATOM   239 N  N3    . DG  A  1 12 ? -1.365  -11.981 9.832   1.00 12.72 ? 12  DG  A N3    1 
ATOM   240 C  C4    . DG  A  1 12 ? -1.682  -11.811 8.524   1.00 12.74 ? 12  DG  A C4    1 
ATOM   241 P  P     . DC  A  1 13 ? -0.919  -17.284 4.316   1.00 19.61 ? 13  DC  A P     1 
ATOM   242 O  OP1   . DC  A  1 13 ? -2.238  -17.375 4.977   1.00 21.48 ? 13  DC  A OP1   1 
ATOM   243 O  OP2   . DC  A  1 13 ? -0.262  -18.506 3.800   1.00 21.05 ? 13  DC  A OP2   1 
ATOM   244 O  "O5'" . DC  A  1 13 ? -1.048  -16.276 3.090   1.00 17.05 ? 13  DC  A "O5'" 1 
ATOM   245 C  "C5'" . DC  A  1 13 ? 0.033   -16.113 2.199   1.00 16.72 ? 13  DC  A "C5'" 1 
ATOM   246 C  "C4'" . DC  A  1 13 ? -0.438  -15.449 0.923   1.00 14.55 ? 13  DC  A "C4'" 1 
ATOM   247 O  "O4'" . DC  A  1 13 ? -0.985  -14.142 1.226   1.00 15.05 ? 13  DC  A "O4'" 1 
ATOM   248 C  "C3'" . DC  A  1 13 ? 0.645   -15.261 -0.124  1.00 14.07 ? 13  DC  A "C3'" 1 
ATOM   249 O  "O3'" . DC  A  1 13 ? 0.358   -16.089 -1.242  1.00 16.36 ? 13  DC  A "O3'" 1 
ATOM   250 C  "C2'" . DC  A  1 13 ? 0.602   -13.767 -0.491  1.00 13.61 ? 13  DC  A "C2'" 1 
ATOM   251 C  "C1'" . DC  A  1 13 ? -0.230  -13.122 0.618   1.00 12.96 ? 13  DC  A "C1'" 1 
ATOM   252 N  N1    . DC  A  1 13 ? 0.552   -12.475 1.689   1.00 11.90 ? 13  DC  A N1    1 
ATOM   253 C  C2    . DC  A  1 13 ? -0.096  -11.591 2.548   1.00 12.04 ? 13  DC  A C2    1 
ATOM   254 O  O2    . DC  A  1 13 ? -1.295  -11.349 2.365   1.00 8.65  ? 13  DC  A O2    1 
ATOM   255 N  N3    . DC  A  1 13 ? 0.615   -11.018 3.551   1.00 11.13 ? 13  DC  A N3    1 
ATOM   256 C  C4    . DC  A  1 13 ? 1.913   -11.300 3.721   1.00 11.48 ? 13  DC  A C4    1 
ATOM   257 N  N4    . DC  A  1 13 ? 2.557   -10.716 4.719   1.00 10.88 ? 13  DC  A N4    1 
ATOM   258 C  C5    . DC  A  1 13 ? 2.601   -12.201 2.850   1.00 10.66 ? 13  DC  A C5    1 
ATOM   259 C  C6    . DC  A  1 13 ? 1.868   -12.766 1.852   1.00 13.69 ? 13  DC  A C6    1 
ATOM   260 P  P     . DG  A  1 14 ? 1.346   -16.108 -2.507  1.00 19.43 ? 14  DG  A P     1 
ATOM   261 O  OP1   . DG  A  1 14 ? 1.143   -17.394 -3.209  1.00 21.44 ? 14  DG  A OP1   1 
ATOM   262 O  OP2   . DG  A  1 14 ? 2.696   -15.705 -2.065  1.00 17.19 ? 14  DG  A OP2   1 
ATOM   263 O  "O5'" . DG  A  1 14 ? 0.811   -14.928 -3.431  1.00 15.89 ? 14  DG  A "O5'" 1 
ATOM   264 C  "C5'" . DG  A  1 14 ? -0.507  -14.969 -3.916  1.00 18.28 ? 14  DG  A "C5'" 1 
ATOM   265 C  "C4'" . DG  A  1 14 ? -0.879  -13.655 -4.569  1.00 17.60 ? 14  DG  A "C4'" 1 
ATOM   266 O  "O4'" . DG  A  1 14 ? -1.005  -12.614 -3.566  1.00 16.84 ? 14  DG  A "O4'" 1 
ATOM   267 C  "C3'" . DG  A  1 14 ? 0.117   -13.121 -5.596  1.00 18.28 ? 14  DG  A "C3'" 1 
ATOM   268 O  "O3'" . DG  A  1 14 ? -0.621  -12.531 -6.649  1.00 21.47 ? 14  DG  A "O3'" 1 
ATOM   269 C  "C2'" . DG  A  1 14 ? 0.906   -12.076 -4.796  1.00 16.82 ? 14  DG  A "C2'" 1 
ATOM   270 C  "C1'" . DG  A  1 14 ? -0.202  -11.506 -3.928  1.00 15.29 ? 14  DG  A "C1'" 1 
ATOM   271 N  N9    . DG  A  1 14 ? 0.231   -10.880 -2.695  1.00 11.68 ? 14  DG  A N9    1 
ATOM   272 C  C8    . DG  A  1 14 ? 1.430   -11.007 -2.030  1.00 13.73 ? 14  DG  A C8    1 
ATOM   273 N  N7    . DG  A  1 14 ? 1.487   -10.328 -0.914  1.00 11.91 ? 14  DG  A N7    1 
ATOM   274 C  C5    . DG  A  1 14 ? 0.248   -9.703  -0.818  1.00 12.87 ? 14  DG  A C5    1 
ATOM   275 C  C6    . DG  A  1 14 ? -0.288  -8.836  0.165   1.00 12.79 ? 14  DG  A C6    1 
ATOM   276 O  O6    . DG  A  1 14 ? 0.251   -8.428  1.203   1.00 9.25  ? 14  DG  A O6    1 
ATOM   277 N  N1    . DG  A  1 14 ? -1.588  -8.440  -0.147  1.00 10.55 ? 14  DG  A N1    1 
ATOM   278 C  C2    . DG  A  1 14 ? -2.288  -8.829  -1.269  1.00 10.86 ? 14  DG  A C2    1 
ATOM   279 N  N2    . DG  A  1 14 ? -3.535  -8.345  -1.407  1.00 11.00 ? 14  DG  A N2    1 
ATOM   280 N  N3    . DG  A  1 14 ? -1.795  -9.639  -2.196  1.00 11.60 ? 14  DG  A N3    1 
ATOM   281 C  C4    . DG  A  1 14 ? -0.531  -10.036 -1.910  1.00 12.63 ? 14  DG  A C4    1 
ATOM   282 P  P     . DA  A  1 15 ? 0.065   -12.220 -8.061  1.00 24.74 ? 15  DA  A P     1 
ATOM   283 O  OP1   . DA  A  1 15 ? -1.023  -12.011 -9.040  1.00 23.21 ? 15  DA  A OP1   1 
ATOM   284 O  OP2   . DA  A  1 15 ? 1.092   -13.264 -8.309  1.00 24.10 ? 15  DA  A OP2   1 
ATOM   285 O  "O5'" . DA  A  1 15 ? 0.824   -10.843 -7.801  1.00 21.39 ? 15  DA  A "O5'" 1 
ATOM   286 C  "C5'" . DA  A  1 15 ? 0.320   -9.632  -8.365  1.00 20.96 ? 15  DA  A "C5'" 1 
ATOM   287 C  "C4'" . DA  A  1 15 ? -0.869  -9.081  -7.588  1.00 21.61 ? 15  DA  A "C4'" 1 
ATOM   288 O  "O4'" . DA  A  1 15 ? -0.583  -9.099  -6.166  1.00 19.86 ? 15  DA  A "O4'" 1 
ATOM   289 C  "C3'" . DA  A  1 15 ? -1.213  -7.635  -7.947  1.00 20.17 ? 15  DA  A "C3'" 1 
ATOM   290 O  "O3'" . DA  A  1 15 ? -2.569  -7.508  -8.310  1.00 22.80 ? 15  DA  A "O3'" 1 
ATOM   291 C  "C2'" . DA  A  1 15 ? -0.880  -6.820  -6.697  1.00 17.56 ? 15  DA  A "C2'" 1 
ATOM   292 C  "C1'" . DA  A  1 15 ? -0.910  -7.851  -5.584  1.00 16.81 ? 15  DA  A "C1'" 1 
ATOM   293 N  N9    . DA  A  1 15 ? 0.063   -7.575  -4.543  1.00 13.10 ? 15  DA  A N9    1 
ATOM   294 C  C8    . DA  A  1 15 ? 1.385   -7.944  -4.541  1.00 14.81 ? 15  DA  A C8    1 
ATOM   295 N  N7    . DA  A  1 15 ? 2.035   -7.566  -3.471  1.00 14.77 ? 15  DA  A N7    1 
ATOM   296 C  C5    . DA  A  1 15 ? 1.086   -6.896  -2.709  1.00 12.35 ? 15  DA  A C5    1 
ATOM   297 C  C6    . DA  A  1 15 ? 1.150   -6.259  -1.443  1.00 11.25 ? 15  DA  A C6    1 
ATOM   298 N  N6    . DA  A  1 15 ? 2.261   -6.206  -0.697  1.00 10.25 ? 15  DA  A N6    1 
ATOM   299 N  N1    . DA  A  1 15 ? 0.024   -5.684  -0.964  1.00 9.62  ? 15  DA  A N1    1 
ATOM   300 C  C2    . DA  A  1 15 ? -1.090  -5.751  -1.704  1.00 8.50  ? 15  DA  A C2    1 
ATOM   301 N  N3    . DA  A  1 15 ? -1.279  -6.328  -2.906  1.00 11.13 ? 15  DA  A N3    1 
ATOM   302 C  C4    . DA  A  1 15 ? -0.137  -6.888  -3.357  1.00 13.13 ? 15  DA  A C4    1 
ATOM   303 P  P     . DA  A  1 16 ? -2.982  -6.362  -9.357  1.00 22.92 ? 16  DA  A P     1 
ATOM   304 O  OP1   . DA  A  1 16 ? -3.831  -6.985  -10.400 1.00 24.62 ? 16  DA  A OP1   1 
ATOM   305 O  OP2   . DA  A  1 16 ? -1.743  -5.647  -9.728  1.00 23.45 ? 16  DA  A OP2   1 
ATOM   306 O  "O5'" . DA  A  1 16 ? -3.862  -5.349  -8.494  1.00 17.04 ? 16  DA  A "O5'" 1 
ATOM   307 C  "C5'" . DA  A  1 16 ? -5.251  -5.546  -8.370  1.00 16.39 ? 16  DA  A "C5'" 1 
ATOM   308 C  "C4'" . DA  A  1 16 ? -5.839  -4.490  -7.466  1.00 14.22 ? 16  DA  A "C4'" 1 
ATOM   309 O  "O4'" . DA  A  1 16 ? -5.329  -4.691  -6.126  1.00 13.21 ? 16  DA  A "O4'" 1 
ATOM   310 C  "C3'" . DA  A  1 16 ? -5.455  -3.066  -7.826  1.00 14.41 ? 16  DA  A "C3'" 1 
ATOM   311 O  "O3'" . DA  A  1 16 ? -6.388  -2.523  -8.760  1.00 16.75 ? 16  DA  A "O3'" 1 
ATOM   312 C  "C2'" . DA  A  1 16 ? -5.547  -2.359  -6.482  1.00 11.74 ? 16  DA  A "C2'" 1 
ATOM   313 C  "C1'" . DA  A  1 16 ? -5.076  -3.445  -5.514  1.00 11.81 ? 16  DA  A "C1'" 1 
ATOM   314 N  N9    . DA  A  1 16 ? -3.666  -3.388  -5.207  1.00 9.41  ? 16  DA  A N9    1 
ATOM   315 C  C8    . DA  A  1 16 ? -2.612  -3.622  -6.055  1.00 9.80  ? 16  DA  A C8    1 
ATOM   316 N  N7    . DA  A  1 16 ? -1.441  -3.505  -5.483  1.00 10.74 ? 16  DA  A N7    1 
ATOM   317 C  C5    . DA  A  1 16 ? -1.732  -3.165  -4.168  1.00 9.07  ? 16  DA  A C5    1 
ATOM   318 C  C6    . DA  A  1 16 ? -0.907  -2.910  -3.042  1.00 7.96  ? 16  DA  A C6    1 
ATOM   319 N  N6    . DA  A  1 16 ? 0.430   -2.971  -3.073  1.00 9.26  ? 16  DA  A N6    1 
ATOM   320 N  N1    . DA  A  1 16 ? -1.510  -2.597  -1.872  1.00 8.72  ? 16  DA  A N1    1 
ATOM   321 C  C2    . DA  A  1 16 ? -2.848  -2.551  -1.837  1.00 8.78  ? 16  DA  A C2    1 
ATOM   322 N  N3    . DA  A  1 16 ? -3.732  -2.780  -2.827  1.00 8.79  ? 16  DA  A N3    1 
ATOM   323 C  C4    . DA  A  1 16 ? -3.100  -3.085  -3.979  1.00 9.00  ? 16  DA  A C4    1 
ATOM   324 O  "O5'" . DC  B  1 1  ? 9.626   3.148   1.665   1.00 11.84 ? 1   DC  B "O5'" 1 
ATOM   325 C  "C5'" . DC  B  1 1  ? 10.289  2.918   0.431   1.00 12.13 ? 1   DC  B "C5'" 1 
ATOM   326 C  "C4'" . DC  B  1 1  ? 9.481   3.472   -0.732  1.00 10.38 ? 1   DC  B "C4'" 1 
ATOM   327 O  "O4'" . DC  B  1 1  ? 8.164   2.862   -0.736  1.00 11.16 ? 1   DC  B "O4'" 1 
ATOM   328 C  "C3'" . DC  B  1 1  ? 9.197   4.958   -0.666  1.00 10.32 ? 1   DC  B "C3'" 1 
ATOM   329 O  "O3'" . DC  B  1 1  ? 10.300  5.693   -1.180  1.00 10.57 ? 1   DC  B "O3'" 1 
ATOM   330 C  "C2'" . DC  B  1 1  ? 7.979   5.071   -1.566  1.00 10.32 ? 1   DC  B "C2'" 1 
ATOM   331 C  "C1'" . DC  B  1 1  ? 7.211   3.806   -1.191  1.00 10.96 ? 1   DC  B "C1'" 1 
ATOM   332 N  N1    . DC  B  1 1  ? 6.193   4.009   -0.118  1.00 8.52  ? 1   DC  B N1    1 
ATOM   333 C  C2    . DC  B  1 1  ? 4.940   4.518   -0.455  1.00 7.09  ? 1   DC  B C2    1 
ATOM   334 O  O2    . DC  B  1 1  ? 4.710   4.808   -1.634  1.00 11.57 ? 1   DC  B O2    1 
ATOM   335 N  N3    . DC  B  1 1  ? 4.020   4.684   0.527   1.00 8.81  ? 1   DC  B N3    1 
ATOM   336 C  C4    . DC  B  1 1  ? 4.301   4.360   1.795   1.00 8.80  ? 1   DC  B C4    1 
ATOM   337 N  N4    . DC  B  1 1  ? 3.363   4.539   2.712   1.00 9.31  ? 1   DC  B N4    1 
ATOM   338 C  C5    . DC  B  1 1  ? 5.580   3.840   2.165   1.00 10.94 ? 1   DC  B C5    1 
ATOM   339 C  C6    . DC  B  1 1  ? 6.488   3.680   1.165   1.00 6.28  ? 1   DC  B C6    1 
ATOM   340 P  P     . DC  B  1 2  ? 10.958  6.866   -0.307  1.00 12.33 ? 2   DC  B P     1 
ATOM   341 O  OP1   . DC  B  1 2  ? 12.028  7.480   -1.122  1.00 14.85 ? 2   DC  B OP1   1 
ATOM   342 O  OP2   . DC  B  1 2  ? 11.271  6.326   1.026   1.00 15.24 ? 2   DC  B OP2   1 
ATOM   343 O  "O5'" . DC  B  1 2  ? 9.778   7.917   -0.124  1.00 9.85  ? 2   DC  B "O5'" 1 
ATOM   344 C  "C5'" . DC  B  1 2  ? 9.945   8.981   0.764   1.00 11.42 ? 2   DC  B "C5'" 1 
ATOM   345 C  "C4'" . DC  B  1 2  ? 8.606   9.496   1.244   1.00 11.59 ? 2   DC  B "C4'" 1 
ATOM   346 O  "O4'" . DC  B  1 2  ? 7.785   9.895   0.121   1.00 12.24 ? 2   DC  B "O4'" 1 
ATOM   347 C  "C3'" . DC  B  1 2  ? 7.751   8.509   2.007   1.00 11.92 ? 2   DC  B "C3'" 1 
ATOM   348 O  "O3'" . DC  B  1 2  ? 6.872   9.266   2.800   1.00 12.12 ? 2   DC  B "O3'" 1 
ATOM   349 C  "C2'" . DC  B  1 2  ? 6.994   7.812   0.868   1.00 9.05  ? 2   DC  B "C2'" 1 
ATOM   350 C  "C1'" . DC  B  1 2  ? 6.672   9.020   0.010   1.00 11.08 ? 2   DC  B "C1'" 1 
ATOM   351 N  N1    . DC  B  1 2  ? 6.439   8.773   -1.429  1.00 11.20 ? 2   DC  B N1    1 
ATOM   352 C  C2    . DC  B  1 2  ? 5.176   8.387   -1.873  1.00 10.60 ? 2   DC  B C2    1 
ATOM   353 O  O2    . DC  B  1 2  ? 4.283   8.192   -1.039  1.00 13.51 ? 2   DC  B O2    1 
ATOM   354 N  N3    . DC  B  1 2  ? 4.972   8.232   -3.204  1.00 11.99 ? 2   DC  B N3    1 
ATOM   355 C  C4    . DC  B  1 2  ? 5.959   8.451   -4.080  1.00 7.10  ? 2   DC  B C4    1 
ATOM   356 N  N4    . DC  B  1 2  ? 5.703   8.289   -5.369  1.00 12.39 ? 2   DC  B N4    1 
ATOM   357 C  C5    . DC  B  1 2  ? 7.265   8.844   -3.650  1.00 10.43 ? 2   DC  B C5    1 
ATOM   358 C  C6    . DC  B  1 2  ? 7.447   8.995   -2.310  1.00 11.23 ? 2   DC  B C6    1 
ATOM   359 P  P     . DG  B  1 3  ? 6.219   8.670   4.128   1.00 12.82 ? 3   DG  B P     1 
ATOM   360 O  OP1   . DG  B  1 3  ? 7.328   8.481   5.095   1.00 12.91 ? 3   DG  B OP1   1 
ATOM   361 O  OP2   . DG  B  1 3  ? 5.370   7.512   3.774   1.00 13.44 ? 3   DG  B OP2   1 
ATOM   362 O  "O5'" . DG  B  1 3  ? 5.252   9.845   4.614   1.00 10.00 ? 3   DG  B "O5'" 1 
ATOM   363 C  "C5'" . DG  B  1 3  ? 5.801   11.034  5.131   1.00 11.80 ? 3   DG  B "C5'" 1 
ATOM   364 C  "C4'" . DG  B  1 3  ? 5.310   12.238  4.362   1.00 10.19 ? 3   DG  B "C4'" 1 
ATOM   365 O  "O4'" . DG  B  1 3  ? 5.567   12.051  2.965   1.00 12.39 ? 3   DG  B "O4'" 1 
ATOM   366 C  "C3'" . DG  B  1 3  ? 3.816   12.476  4.398   1.00 10.37 ? 3   DG  B "C3'" 1 
ATOM   367 O  "O3'" . DG  B  1 3  ? 3.450   13.130  5.593   1.00 9.27  ? 3   DG  B "O3'" 1 
ATOM   368 C  "C2'" . DG  B  1 3  ? 3.610   13.380  3.184   1.00 10.13 ? 3   DG  B "C2'" 1 
ATOM   369 C  "C1'" . DG  B  1 3  ? 4.773   12.980  2.268   1.00 9.81  ? 3   DG  B "C1'" 1 
ATOM   370 N  N9    . DG  B  1 3  ? 4.388   12.393  1.028   1.00 9.26  ? 3   DG  B N9    1 
ATOM   371 C  C8    . DG  B  1 3  ? 3.156   11.893  0.674   1.00 9.22  ? 3   DG  B C8    1 
ATOM   372 N  N7    . DG  B  1 3  ? 3.071   11.510  -0.584  1.00 9.62  ? 3   DG  B N7    1 
ATOM   373 C  C5    . DG  B  1 3  ? 4.322   11.824  -1.103  1.00 9.94  ? 3   DG  B C5    1 
ATOM   374 C  C6    . DG  B  1 3  ? 4.828   11.666  -2.419  1.00 9.87  ? 3   DG  B C6    1 
ATOM   375 O  O6    . DG  B  1 3  ? 4.268   11.234  -3.431  1.00 8.36  ? 3   DG  B O6    1 
ATOM   376 N  N1    . DG  B  1 3  ? 6.142   12.112  -2.503  1.00 9.87  ? 3   DG  B N1    1 
ATOM   377 C  C2    . DG  B  1 3  ? 6.873   12.650  -1.472  1.00 8.71  ? 3   DG  B C2    1 
ATOM   378 N  N2    . DG  B  1 3  ? 8.124   13.030  -1.754  1.00 9.32  ? 3   DG  B N2    1 
ATOM   379 N  N3    . DG  B  1 3  ? 6.396   12.828  -0.244  1.00 9.68  ? 3   DG  B N3    1 
ATOM   380 C  C4    . DG  B  1 3  ? 5.124   12.392  -0.131  1.00 11.34 ? 3   DG  B C4    1 
ATOM   381 P  P     . DC  B  1 4  ? 2.507   12.338  6.620   1.00 10.87 ? 4   DC  B P     1 
ATOM   382 O  OP1   . DC  B  1 4  ? 2.327   13.294  7.768   1.00 11.11 ? 4   DC  B OP1   1 
ATOM   383 O  OP2   . DC  B  1 4  ? 3.080   10.994  6.939   1.00 11.84 ? 4   DC  B OP2   1 
ATOM   384 O  "O5'" . DC  B  1 4  ? 1.106   12.093  5.871   1.00 12.17 ? 4   DC  B "O5'" 1 
ATOM   385 C  "C5'" . DC  B  1 4  ? 0.403   13.222  5.298   1.00 9.77  ? 4   DC  B "C5'" 1 
ATOM   386 C  "C4'" . DC  B  1 4  ? -0.598  12.745  4.270   1.00 10.57 ? 4   DC  B "C4'" 1 
ATOM   387 O  "O4'" . DC  B  1 4  ? 0.068   12.316  3.061   1.00 9.56  ? 4   DC  B "O4'" 1 
ATOM   388 C  "C3'" . DC  B  1 4  ? -1.422  11.537  4.692   1.00 9.50  ? 4   DC  B "C3'" 1 
ATOM   389 O  "O3'" . DC  B  1 4  ? -2.573  11.967  5.410   1.00 10.65 ? 4   DC  B "O3'" 1 
ATOM   390 C  "C2'" . DC  B  1 4  ? -1.820  10.932  3.356   1.00 11.04 ? 4   DC  B "C2'" 1 
ATOM   391 C  "C1'" . DC  B  1 4  ? -0.626  11.233  2.471   1.00 10.15 ? 4   DC  B "C1'" 1 
ATOM   392 N  N1    . DC  B  1 4  ? 0.384   10.163  2.312   1.00 9.62  ? 4   DC  B N1    1 
ATOM   393 C  C2    . DC  B  1 4  ? 0.435   9.459   1.104   1.00 7.95  ? 4   DC  B C2    1 
ATOM   394 O  O2    . DC  B  1 4  ? -0.466  9.648   0.273   1.00 9.79  ? 4   DC  B O2    1 
ATOM   395 N  N3    . DC  B  1 4  ? 1.439   8.564   0.907   1.00 9.08  ? 4   DC  B N3    1 
ATOM   396 C  C4    . DC  B  1 4  ? 2.356   8.380   1.876   1.00 6.79  ? 4   DC  B C4    1 
ATOM   397 N  N4    . DC  B  1 4  ? 3.314   7.497   1.652   1.00 11.00 ? 4   DC  B N4    1 
ATOM   398 C  C5    . DC  B  1 4  ? 2.313   9.090   3.110   1.00 7.07  ? 4   DC  B C5    1 
ATOM   399 C  C6    . DC  B  1 4  ? 1.323   9.972   3.272   1.00 8.86  ? 4   DC  B C6    1 
ATOM   400 P  P     . DG  B  1 5  ? -3.376  10.859  6.256   1.00 12.92 ? 5   DG  B P     1 
ATOM   401 O  OP1   . DG  B  1 5  ? -4.351  11.524  7.210   1.00 14.97 ? 5   DG  B OP1   1 
ATOM   402 O  OP2   . DG  B  1 5  ? -2.470  9.858   6.892   1.00 12.50 ? 5   DG  B OP2   1 
ATOM   403 O  "O5'" . DG  B  1 5  ? -4.231  10.070  5.151   1.00 12.69 ? 5   DG  B "O5'" 1 
ATOM   404 C  "C5'" . DG  B  1 5  ? -5.170  10.769  4.320   1.00 11.56 ? 5   DG  B "C5'" 1 
ATOM   405 C  "C4'" . DG  B  1 5  ? -5.625  9.819   3.244   1.00 13.48 ? 5   DG  B "C4'" 1 
ATOM   406 O  "O4'" . DG  B  1 5  ? -4.495  9.476   2.414   1.00 10.94 ? 5   DG  B "O4'" 1 
ATOM   407 C  "C3'" . DG  B  1 5  ? -6.205  8.511   3.789   1.00 14.07 ? 5   DG  B "C3'" 1 
ATOM   408 O  "O3'" . DG  B  1 5  ? -7.494  8.307   3.228   1.00 12.96 ? 5   DG  B "O3'" 1 
ATOM   409 C  "C2'" . DG  B  1 5  ? -5.221  7.451   3.311   1.00 11.21 ? 5   DG  B "C2'" 1 
ATOM   410 C  "C1'" . DG  B  1 5  ? -4.614  8.101   2.079   1.00 9.71  ? 5   DG  B "C1'" 1 
ATOM   411 N  N9    . DG  B  1 5  ? -3.268  7.596   1.716   1.00 9.20  ? 5   DG  B N9    1 
ATOM   412 C  C8    . DG  B  1 5  ? -2.953  7.064   0.491   1.00 9.66  ? 5   DG  B C8    1 
ATOM   413 N  N7    . DG  B  1 5  ? -1.760  6.524   0.436   1.00 6.94  ? 5   DG  B N7    1 
ATOM   414 C  C5    . DG  B  1 5  ? -1.293  6.645   1.740   1.00 9.87  ? 5   DG  B C5    1 
ATOM   415 C  C6    . DG  B  1 5  ? -0.060  6.226   2.294   1.00 9.99  ? 5   DG  B C6    1 
ATOM   416 O  O6    . DG  B  1 5  ? 0.891   5.662   1.737   1.00 9.06  ? 5   DG  B O6    1 
ATOM   417 N  N1    . DG  B  1 5  ? 0.016   6.576   3.643   1.00 7.78  ? 5   DG  B N1    1 
ATOM   418 C  C2    . DG  B  1 5  ? -0.972  7.202   4.371   1.00 9.16  ? 5   DG  B C2    1 
ATOM   419 N  N2    . DG  B  1 5  ? -0.724  7.462   5.659   1.00 13.78 ? 5   DG  B N2    1 
ATOM   420 N  N3    . DG  B  1 5  ? -2.126  7.593   3.851   1.00 9.74  ? 5   DG  B N3    1 
ATOM   421 C  C4    . DG  B  1 5  ? -2.224  7.273   2.543   1.00 8.18  ? 5   DG  B C4    1 
ATOM   422 P  P     . DC  B  1 6  ? -8.393  7.165   3.916   1.00 15.51 ? 6   DC  B P     1 
ATOM   423 O  OP1   . DC  B  1 6  ? -9.825  7.439   3.577   1.00 17.42 ? 6   DC  B OP1   1 
ATOM   424 O  OP2   . DC  B  1 6  ? -8.077  6.888   5.338   1.00 16.75 ? 6   DC  B OP2   1 
ATOM   425 O  "O5'" . DC  B  1 6  ? -7.975  5.787   3.169   1.00 13.56 ? 6   DC  B "O5'" 1 
ATOM   426 C  "C5'" . DC  B  1 6  ? -7.971  5.720   1.737   1.00 11.53 ? 6   DC  B "C5'" 1 
ATOM   427 C  "C4'" . DC  B  1 6  ? -7.177  4.504   1.328   1.00 11.11 ? 6   DC  B "C4'" 1 
ATOM   428 O  "O4'" . DC  B  1 6  ? -5.772  4.727   1.604   1.00 10.35 ? 6   DC  B "O4'" 1 
ATOM   429 C  "C3'" . DC  B  1 6  ? -7.554  3.193   2.030   1.00 10.55 ? 6   DC  B "C3'" 1 
ATOM   430 O  "O3'" . DC  B  1 6  ? -7.496  2.142   1.067   1.00 10.83 ? 6   DC  B "O3'" 1 
ATOM   431 C  "C2'" . DC  B  1 6  ? -6.419  3.030   3.026   1.00 11.23 ? 6   DC  B "C2'" 1 
ATOM   432 C  "C1'" . DC  B  1 6  ? -5.277  3.531   2.150   1.00 10.94 ? 6   DC  B "C1'" 1 
ATOM   433 N  N1    . DC  B  1 6  ? -3.975  3.780   2.807   1.00 9.87  ? 6   DC  B N1    1 
ATOM   434 C  C2    . DC  B  1 6  ? -2.810  3.459   2.096   1.00 8.15  ? 6   DC  B C2    1 
ATOM   435 O  O2    . DC  B  1 6  ? -2.927  3.231   0.890   1.00 9.88  ? 6   DC  B O2    1 
ATOM   436 N  N3    . DC  B  1 6  ? -1.601  3.504   2.716   1.00 10.28 ? 6   DC  B N3    1 
ATOM   437 C  C4    . DC  B  1 6  ? -1.560  3.825   4.021   1.00 8.83  ? 6   DC  B C4    1 
ATOM   438 N  N4    . DC  B  1 6  ? -0.379  3.849   4.614   1.00 9.22  ? 6   DC  B N4    1 
ATOM   439 C  C5    . DC  B  1 6  ? -2.737  4.103   4.770   1.00 9.02  ? 6   DC  B C5    1 
ATOM   440 C  C6    . DC  B  1 6  ? -3.914  4.042   4.139   1.00 11.02 ? 6   DC  B C6    1 
ATOM   441 P  P     . DG  B  1 7  ? -8.492  0.878   1.085   1.00 11.95 ? 7   DG  B P     1 
ATOM   442 O  OP1   . DG  B  1 7  ? -9.842  1.348   1.448   1.00 15.09 ? 7   DG  B OP1   1 
ATOM   443 O  OP2   . DG  B  1 7  ? -7.855  -0.203  1.874   1.00 13.69 ? 7   DG  B OP2   1 
ATOM   444 O  "O5'" . DG  B  1 7  ? -8.520  0.455   -0.452  1.00 10.82 ? 7   DG  B "O5'" 1 
ATOM   445 C  "C5'" . DG  B  1 7  ? -8.989  1.397   -1.387  1.00 12.12 ? 7   DG  B "C5'" 1 
ATOM   446 C  "C4'" . DG  B  1 7  ? -8.299  1.211   -2.713  1.00 9.84  ? 7   DG  B "C4'" 1 
ATOM   447 O  "O4'" . DG  B  1 7  ? -6.895  1.499   -2.580  1.00 9.74  ? 7   DG  B "O4'" 1 
ATOM   448 C  "C3'" . DG  B  1 7  ? -8.389  -0.200  -3.277  1.00 9.24  ? 7   DG  B "C3'" 1 
ATOM   449 O  "O3'" . DG  B  1 7  ? -8.979  -0.104  -4.524  1.00 14.93 ? 7   DG  B "O3'" 1 
ATOM   450 C  "C2'" . DG  B  1 7  ? -6.922  -0.662  -3.371  1.00 9.17  ? 7   DG  B "C2'" 1 
ATOM   451 C  "C1'" . DG  B  1 7  ? -6.205  0.670   -3.470  1.00 10.61 ? 7   DG  B "C1'" 1 
ATOM   452 N  N9    . DG  B  1 7  ? -4.810  0.634   -3.076  1.00 8.40  ? 7   DG  B N9    1 
ATOM   453 C  C8    . DG  B  1 7  ? -4.299  0.794   -1.809  1.00 10.81 ? 7   DG  B C8    1 
ATOM   454 N  N7    . DG  B  1 7  ? -2.994  0.731   -1.757  1.00 11.57 ? 7   DG  B N7    1 
ATOM   455 C  C5    . DG  B  1 7  ? -2.598  0.515   -3.073  1.00 10.09 ? 7   DG  B C5    1 
ATOM   456 C  C6    . DG  B  1 7  ? -1.314  0.358   -3.649  1.00 6.97  ? 7   DG  B C6    1 
ATOM   457 O  O6    . DG  B  1 7  ? -0.212  0.383   -3.084  1.00 8.80  ? 7   DG  B O6    1 
ATOM   458 N  N1    . DG  B  1 7  ? -1.386  0.156   -5.028  1.00 10.09 ? 7   DG  B N1    1 
ATOM   459 C  C2    . DG  B  1 7  ? -2.551  0.112   -5.762  1.00 10.47 ? 7   DG  B C2    1 
ATOM   460 N  N2    . DG  B  1 7  ? -2.428  -0.093  -7.086  1.00 10.67 ? 7   DG  B N2    1 
ATOM   461 N  N3    . DG  B  1 7  ? -3.758  0.256   -5.233  1.00 11.54 ? 7   DG  B N3    1 
ATOM   462 C  C4    . DG  B  1 7  ? -3.710  0.452   -3.892  1.00 8.18  ? 7   DG  B C4    1 
ATOM   463 P  P     . DC  B  1 8  ? -10.154 -1.098  -4.963  1.00 11.89 ? 8   DC  B P     1 
ATOM   464 O  OP1   . DC  B  1 8  ? -11.164 -0.329  -5.721  1.00 17.20 ? 8   DC  B OP1   1 
ATOM   465 O  OP2   . DC  B  1 8  ? -10.551 -2.024  -3.889  1.00 10.53 ? 8   DC  B OP2   1 
ATOM   466 O  "O5'" . DC  B  1 8  ? -9.377  -1.992  -6.023  1.00 17.87 ? 8   DC  B "O5'" 1 
ATOM   467 C  "C5'" . DC  B  1 8  ? -10.066 -2.660  -7.047  1.00 11.92 ? 8   DC  B "C5'" 1 
ATOM   468 C  "C4'" . DC  B  1 8  ? -9.640  -2.133  -8.400  1.00 13.42 ? 8   DC  B "C4'" 1 
ATOM   469 O  "O4'" . DC  B  1 8  ? -9.769  -3.193  -9.377  1.00 14.32 ? 8   DC  B "O4'" 1 
ATOM   470 C  "C3'" . DC  B  1 8  ? -10.487 -0.984  -8.930  1.00 13.98 ? 8   DC  B "C3'" 1 
ATOM   471 O  "O3'" . DC  B  1 8  ? -9.710  -0.161  -9.788  1.00 13.69 ? 8   DC  B "O3'" 1 
ATOM   472 C  "C2'" . DC  B  1 8  ? -11.568 -1.718  -9.704  1.00 13.67 ? 8   DC  B "C2'" 1 
ATOM   473 C  "C1'" . DC  B  1 8  ? -10.757 -2.843  -10.326 1.00 12.85 ? 8   DC  B "C1'" 1 
ATOM   474 N  N1    . DC  B  1 8  ? -11.551 -4.033  -10.633 1.00 11.10 ? 8   DC  B N1    1 
ATOM   475 C  C2    . DC  B  1 8  ? -11.803 -4.360  -11.963 1.00 13.56 ? 8   DC  B C2    1 
ATOM   476 O  O2    . DC  B  1 8  ? -11.352 -3.630  -12.855 1.00 11.83 ? 8   DC  B O2    1 
ATOM   477 N  N3    . DC  B  1 8  ? -12.543 -5.463  -12.235 1.00 9.57  ? 8   DC  B N3    1 
ATOM   478 C  C4    . DC  B  1 8  ? -13.017 -6.232  -11.247 1.00 11.03 ? 8   DC  B C4    1 
ATOM   479 N  N4    . DC  B  1 8  ? -13.728 -7.301  -11.569 1.00 10.64 ? 8   DC  B N4    1 
ATOM   480 C  C5    . DC  B  1 8  ? -12.776 -5.915  -9.873  1.00 13.02 ? 8   DC  B C5    1 
ATOM   481 C  C6    . DC  B  1 8  ? -12.030 -4.804  -9.624  1.00 11.47 ? 8   DC  B C6    1 
ATOM   482 P  P     . DG  B  1 9  ? -10.042 1.403   -9.898  1.00 17.62 ? 9   DG  B P     1 
ATOM   483 O  OP1   . DG  B  1 9  ? -11.464 1.561   -10.242 1.00 19.77 ? 9   DG  B OP1   1 
ATOM   484 O  OP2   . DG  B  1 9  ? -8.999  1.996   -10.767 1.00 17.48 ? 9   DG  B OP2   1 
ATOM   485 O  "O5'" . DG  B  1 9  ? -9.864  1.932   -8.401  1.00 16.75 ? 9   DG  B "O5'" 1 
ATOM   486 C  "C5'" . DG  B  1 9  ? -8.636  1.779   -7.738  1.00 15.29 ? 9   DG  B "C5'" 1 
ATOM   487 C  "C4'" . DG  B  1 9  ? -8.494  2.853   -6.695  1.00 13.21 ? 9   DG  B "C4'" 1 
ATOM   488 O  "O4'" . DG  B  1 9  ? -7.241  2.660   -5.989  1.00 12.05 ? 9   DG  B "O4'" 1 
ATOM   489 C  "C3'" . DG  B  1 9  ? -8.451  4.277   -7.263  1.00 16.36 ? 9   DG  B "C3'" 1 
ATOM   490 O  "O3'" . DG  B  1 9  ? -9.305  5.138   -6.509  1.00 15.66 ? 9   DG  B "O3'" 1 
ATOM   491 C  "C2'" . DG  B  1 9  ? -6.985  4.667   -7.119  1.00 12.17 ? 9   DG  B "C2'" 1 
ATOM   492 C  "C1'" . DG  B  1 9  ? -6.613  3.903   -5.867  1.00 11.17 ? 9   DG  B "C1'" 1 
ATOM   493 N  N9    . DG  B  1 9  ? -5.204  3.696   -5.724  1.00 9.30  ? 9   DG  B N9    1 
ATOM   494 C  C8    . DG  B  1 9  ? -4.283  3.362   -6.690  1.00 11.76 ? 9   DG  B C8    1 
ATOM   495 N  N7    . DG  B  1 9  ? -3.059  3.260   -6.238  1.00 8.97  ? 9   DG  B N7    1 
ATOM   496 C  C5    . DG  B  1 9  ? -3.161  3.543   -4.880  1.00 9.39  ? 9   DG  B C5    1 
ATOM   497 C  C6    . DG  B  1 9  ? -2.180  3.590   -3.860  1.00 9.21  ? 9   DG  B C6    1 
ATOM   498 O  O6    . DG  B  1 9  ? -0.963  3.381   -3.956  1.00 10.65 ? 9   DG  B O6    1 
ATOM   499 N  N1    . DG  B  1 9  ? -2.735  3.921   -2.623  1.00 8.86  ? 9   DG  B N1    1 
ATOM   500 C  C2    . DG  B  1 9  ? -4.070  4.174   -2.395  1.00 8.99  ? 9   DG  B C2    1 
ATOM   501 N  N2    . DG  B  1 9  ? -4.426  4.478   -1.135  1.00 9.71  ? 9   DG  B N2    1 
ATOM   502 N  N3    . DG  B  1 9  ? -4.996  4.133   -3.344  1.00 7.95  ? 9   DG  B N3    1 
ATOM   503 C  C4    . DG  B  1 9  ? -4.477  3.813   -4.554  1.00 9.31  ? 9   DG  B C4    1 
ATOM   504 P  P     . DC  B  1 10 ? -9.349  6.718   -6.822  1.00 18.39 ? 10  DC  B P     1 
ATOM   505 O  OP1   . DC  B  1 10 ? -10.687 7.155   -6.377  1.00 17.15 ? 10  DC  B OP1   1 
ATOM   506 O  OP2   . DC  B  1 10 ? -8.872  6.991   -8.201  1.00 18.16 ? 10  DC  B OP2   1 
ATOM   507 O  "O5'" . DC  B  1 10 ? -8.250  7.332   -5.833  1.00 16.18 ? 10  DC  B "O5'" 1 
ATOM   508 C  "C5'" . DC  B  1 10 ? -8.527  7.393   -4.456  1.00 10.77 ? 10  DC  B "C5'" 1 
ATOM   509 C  "C4'" . DC  B  1 10 ? -7.309  7.845   -3.671  1.00 11.01 ? 10  DC  B "C4'" 1 
ATOM   510 O  "O4'" . DC  B  1 10 ? -6.229  6.924   -3.875  1.00 9.53  ? 10  DC  B "O4'" 1 
ATOM   511 C  "C3'" . DC  B  1 10 ? -6.710  9.173   -4.083  1.00 10.52 ? 10  DC  B "C3'" 1 
ATOM   512 O  "O3'" . DC  B  1 10 ? -7.434  10.235  -3.494  1.00 11.57 ? 10  DC  B "O3'" 1 
ATOM   513 C  "C2'" . DC  B  1 10 ? -5.298  9.073   -3.490  1.00 9.77  ? 10  DC  B "C2'" 1 
ATOM   514 C  "C1'" . DC  B  1 10 ? -5.033  7.560   -3.454  1.00 9.53  ? 10  DC  B "C1'" 1 
ATOM   515 N  N1    . DC  B  1 10 ? -3.912  7.166   -4.340  1.00 9.83  ? 10  DC  B N1    1 
ATOM   516 C  C2    . DC  B  1 10 ? -2.623  7.081   -3.818  1.00 7.73  ? 10  DC  B C2    1 
ATOM   517 O  O2    . DC  B  1 10 ? -2.445  7.328   -2.619  1.00 9.30  ? 10  DC  B O2    1 
ATOM   518 N  N3    . DC  B  1 10 ? -1.606  6.737   -4.647  1.00 9.60  ? 10  DC  B N3    1 
ATOM   519 C  C4    . DC  B  1 10 ? -1.833  6.475   -5.940  1.00 8.85  ? 10  DC  B C4    1 
ATOM   520 N  N4    . DC  B  1 10 ? -0.804  6.139   -6.703  1.00 9.45  ? 10  DC  B N4    1 
ATOM   521 C  C5    . DC  B  1 10 ? -3.146  6.560   -6.499  1.00 8.87  ? 10  DC  B C5    1 
ATOM   522 C  C6    . DC  B  1 10 ? -4.151  6.905   -5.650  1.00 10.35 ? 10  DC  B C6    1 
ATOM   523 P  P     . DC  B  1 11 ? -7.949  11.460  -4.394  1.00 13.41 ? 11  DC  B P     1 
ATOM   524 O  OP1   . DC  B  1 11 ? -8.682  12.369  -3.491  1.00 14.15 ? 11  DC  B OP1   1 
ATOM   525 O  OP2   . DC  B  1 11 ? -8.636  10.909  -5.575  1.00 13.95 ? 11  DC  B OP2   1 
ATOM   526 O  "O5'" . DC  B  1 11 ? -6.609  12.167  -4.892  1.00 14.12 ? 11  DC  B "O5'" 1 
ATOM   527 C  "C5'" . DC  B  1 11 ? -6.665  13.324  -5.728  1.00 12.29 ? 11  DC  B "C5'" 1 
ATOM   528 C  "C4'" . DC  B  1 11 ? -5.300  13.633  -6.328  1.00 15.17 ? 11  DC  B "C4'" 1 
ATOM   529 O  "O4'" . DC  B  1 11 ? -4.328  13.761  -5.265  1.00 11.27 ? 11  DC  B "O4'" 1 
ATOM   530 C  "C3'" . DC  B  1 11 ? -4.734  12.558  -7.247  1.00 15.38 ? 11  DC  B "C3'" 1 
ATOM   531 O  "O3'" . DC  B  1 11 ? -3.772  13.133  -8.121  1.00 16.22 ? 11  DC  B "O3'" 1 
ATOM   532 C  "C2'" . DC  B  1 11 ? -4.063  11.623  -6.255  1.00 13.68 ? 11  DC  B "C2'" 1 
ATOM   533 C  "C1'" . DC  B  1 11 ? -3.492  12.619  -5.245  1.00 12.36 ? 11  DC  B "C1'" 1 
ATOM   534 N  N1    . DC  B  1 11 ? -3.438  12.105  -3.858  1.00 11.74 ? 11  DC  B N1    1 
ATOM   535 C  C2    . DC  B  1 11 ? -2.490  11.133  -3.549  1.00 10.68 ? 11  DC  B C2    1 
ATOM   536 O  O2    . DC  B  1 11 ? -1.739  10.722  -4.444  1.00 11.03 ? 11  DC  B O2    1 
ATOM   537 N  N3    . DC  B  1 11 ? -2.426  10.665  -2.278  1.00 8.38  ? 11  DC  B N3    1 
ATOM   538 C  C4    . DC  B  1 11 ? -3.252  11.130  -1.333  1.00 11.34 ? 11  DC  B C4    1 
ATOM   539 N  N4    . DC  B  1 11 ? -3.143  10.642  -0.107  1.00 11.26 ? 11  DC  B N4    1 
ATOM   540 C  C5    . DC  B  1 11 ? -4.237  12.125  -1.627  1.00 10.31 ? 11  DC  B C5    1 
ATOM   541 C  C6    . DC  B  1 11 ? -4.282  12.581  -2.908  1.00 11.60 ? 11  DC  B C6    1 
ATOM   542 P  P     . DG  B  1 12 ? -3.518  12.494  -9.572  1.00 20.34 ? 12  DG  B P     1 
ATOM   543 O  OP1   . DG  B  1 12 ? -4.448  13.163  -10.503 1.00 24.65 ? 12  DG  B OP1   1 
ATOM   544 O  OP2   . DG  B  1 12 ? -3.605  11.025  -9.438  1.00 20.63 ? 12  DG  B OP2   1 
ATOM   545 O  "O5'" . DG  B  1 12 ? -2.023  12.910  -9.948  1.00 21.76 ? 12  DG  B "O5'" 1 
ATOM   546 C  "C5'" . DG  B  1 12 ? -0.934  12.519  -9.116  1.00 18.57 ? 12  DG  B "C5'" 1 
ATOM   547 C  "C4'" . DG  B  1 12 ? -0.351  13.730  -8.415  1.00 16.63 ? 12  DG  B "C4'" 1 
ATOM   548 O  "O4'" . DG  B  1 12 ? -0.808  13.766  -7.054  1.00 17.46 ? 12  DG  B "O4'" 1 
ATOM   549 C  "C3'" . DG  B  1 12 ? 1.160   13.755  -8.310  1.00 16.46 ? 12  DG  B "C3'" 1 
ATOM   550 O  "O3'" . DG  B  1 12 ? 1.696   14.326  -9.495  1.00 18.06 ? 12  DG  B "O3'" 1 
ATOM   551 C  "C2'" . DG  B  1 12 ? 1.397   14.660  -7.095  1.00 17.35 ? 12  DG  B "C2'" 1 
ATOM   552 C  "C1'" . DG  B  1 12 ? 0.110   14.502  -6.273  1.00 14.89 ? 12  DG  B "C1'" 1 
ATOM   553 N  N9    . DG  B  1 12 ? 0.297   13.795  -5.031  1.00 15.33 ? 12  DG  B N9    1 
ATOM   554 C  C8    . DG  B  1 12 ? 1.186   12.776  -4.773  1.00 13.85 ? 12  DG  B C8    1 
ATOM   555 N  N7    . DG  B  1 12 ? 1.119   12.317  -3.550  1.00 11.79 ? 12  DG  B N7    1 
ATOM   556 C  C5    . DG  B  1 12 ? 0.122   13.074  -2.944  1.00 11.69 ? 12  DG  B C5    1 
ATOM   557 C  C6    . DG  B  1 12 ? -0.405  13.045  -1.629  1.00 11.70 ? 12  DG  B C6    1 
ATOM   558 O  O6    . DG  B  1 12 ? -0.079  12.306  -0.689  1.00 13.53 ? 12  DG  B O6    1 
ATOM   559 N  N1    . DG  B  1 12 ? -1.409  13.996  -1.452  1.00 12.70 ? 12  DG  B N1    1 
ATOM   560 C  C2    . DG  B  1 12 ? -1.855  14.868  -2.421  1.00 14.25 ? 12  DG  B C2    1 
ATOM   561 N  N2    . DG  B  1 12 ? -2.835  15.719  -2.071  1.00 18.16 ? 12  DG  B N2    1 
ATOM   562 N  N3    . DG  B  1 12 ? -1.369  14.904  -3.655  1.00 14.27 ? 12  DG  B N3    1 
ATOM   563 C  C4    . DG  B  1 12 ? -0.390  13.986  -3.847  1.00 12.50 ? 12  DG  B C4    1 
ATOM   564 P  P     . DC  B  1 13 ? 3.282   14.389  -9.737  1.00 19.32 ? 13  DC  B P     1 
ATOM   565 O  OP1   . DC  B  1 13 ? 3.893   15.285  -8.731  1.00 21.82 ? 13  DC  B OP1   1 
ATOM   566 O  OP2   . DC  B  1 13 ? 3.472   14.631  -11.187 1.00 20.49 ? 13  DC  B OP2   1 
ATOM   567 O  "O5'" . DC  B  1 13 ? 3.788   12.911  -9.426  1.00 16.73 ? 13  DC  B "O5'" 1 
ATOM   568 C  "C5'" . DC  B  1 13 ? 3.510   11.865  -10.334 1.00 15.77 ? 13  DC  B "C5'" 1 
ATOM   569 C  "C4'" . DC  B  1 13 ? 4.422   10.688  -10.064 1.00 13.65 ? 13  DC  B "C4'" 1 
ATOM   570 O  "O4'" . DC  B  1 13 ? 4.230   10.227  -8.703  1.00 13.86 ? 13  DC  B "O4'" 1 
ATOM   571 C  "C3'" . DC  B  1 13 ? 4.209   9.502   -10.988 1.00 14.03 ? 13  DC  B "C3'" 1 
ATOM   572 O  "O3'" . DC  B  1 13 ? 5.357   9.353   -11.820 1.00 15.85 ? 13  DC  B "O3'" 1 
ATOM   573 C  "C2'" . DC  B  1 13 ? 4.017   8.293   -10.055 1.00 13.01 ? 13  DC  B "C2'" 1 
ATOM   574 C  "C1'" . DC  B  1 13 ? 3.749   8.907   -8.679  1.00 12.59 ? 13  DC  B "C1'" 1 
ATOM   575 N  N1    . DC  B  1 13 ? 2.331   8.989   -8.294  1.00 12.06 ? 13  DC  B N1    1 
ATOM   576 C  C2    . DC  B  1 13 ? 2.007   9.225   -6.960  1.00 11.03 ? 13  DC  B C2    1 
ATOM   577 O  O2    . DC  B  1 13 ? 2.921   9.319   -6.130  1.00 8.97  ? 13  DC  B O2    1 
ATOM   578 N  N3    . DC  B  1 13 ? 0.701   9.334   -6.615  1.00 11.17 ? 13  DC  B N3    1 
ATOM   579 C  C4    . DC  B  1 13 ? -0.264  9.226   -7.535  1.00 11.80 ? 13  DC  B C4    1 
ATOM   580 N  N4    . DC  B  1 13 ? -1.523  9.346   -7.144  1.00 10.54 ? 13  DC  B N4    1 
ATOM   581 C  C5    . DC  B  1 13 ? 0.042   8.980   -8.911  1.00 11.06 ? 13  DC  B C5    1 
ATOM   582 C  C6    . DC  B  1 13 ? 1.359   8.877   -9.235  1.00 12.73 ? 13  DC  B C6    1 
ATOM   583 P  P     . DG  B  1 14 ? 5.423   8.185   -12.920 1.00 20.17 ? 14  DG  B P     1 
ATOM   584 O  OP1   . DG  B  1 14 ? 6.412   8.621   -13.934 1.00 19.66 ? 14  DG  B OP1   1 
ATOM   585 O  OP2   . DG  B  1 14 ? 4.056   7.796   -13.320 1.00 16.92 ? 14  DG  B OP2   1 
ATOM   586 O  "O5'" . DG  B  1 14 ? 6.016   6.944   -12.122 1.00 17.74 ? 14  DG  B "O5'" 1 
ATOM   587 C  "C5'" . DG  B  1 14 ? 7.298   7.026   -11.555 1.00 18.14 ? 14  DG  B "C5'" 1 
ATOM   588 C  "C4'" . DG  B  1 14 ? 7.562   5.837   -10.654 1.00 17.25 ? 14  DG  B "C4'" 1 
ATOM   589 O  "O4'" . DG  B  1 14 ? 6.715   5.906   -9.481  1.00 16.64 ? 14  DG  B "O4'" 1 
ATOM   590 C  "C3'" . DG  B  1 14 ? 7.298   4.468   -11.278 1.00 17.88 ? 14  DG  B "C3'" 1 
ATOM   591 O  "O3'" . DG  B  1 14 ? 8.312   3.585   -10.840 1.00 22.00 ? 14  DG  B "O3'" 1 
ATOM   592 C  "C2'" . DG  B  1 14 ? 5.919   4.089   -10.713 1.00 15.89 ? 14  DG  B "C2'" 1 
ATOM   593 C  "C1'" . DG  B  1 14 ? 6.019   4.684   -9.319  1.00 14.50 ? 14  DG  B "C1'" 1 
ATOM   594 N  N9    . DG  B  1 14 ? 4.754   5.006   -8.682  1.00 11.79 ? 14  DG  B N9    1 
ATOM   595 C  C8    . DG  B  1 14 ? 3.512   5.180   -9.250  1.00 12.72 ? 14  DG  B C8    1 
ATOM   596 N  N7    . DG  B  1 14 ? 2.581   5.503   -8.389  1.00 10.82 ? 14  DG  B N7    1 
ATOM   597 C  C5    . DG  B  1 14 ? 3.234   5.548   -7.163  1.00 11.23 ? 14  DG  B C5    1 
ATOM   598 C  C6    . DG  B  1 14 ? 2.759   5.840   -5.862  1.00 11.96 ? 14  DG  B C6    1 
ATOM   599 O  O6    . DG  B  1 14 ? 1.606   6.132   -5.514  1.00 9.67  ? 14  DG  B O6    1 
ATOM   600 N  N1    . DG  B  1 14 ? 3.777   5.768   -4.910  1.00 8.89  ? 14  DG  B N1    1 
ATOM   601 C  C2    . DG  B  1 14 ? 5.091   5.454   -5.177  1.00 9.72  ? 14  DG  B C2    1 
ATOM   602 N  N2    . DG  B  1 14 ? 5.936   5.433   -4.133  1.00 10.78 ? 14  DG  B N2    1 
ATOM   603 N  N3    . DG  B  1 14 ? 5.547   5.180   -6.392  1.00 11.56 ? 14  DG  B N3    1 
ATOM   604 C  C4    . DG  B  1 14 ? 4.572   5.244   -7.333  1.00 12.41 ? 14  DG  B C4    1 
ATOM   605 P  P     . DA  B  1 15 ? 8.566   2.190   -11.583 1.00 23.60 ? 15  DA  B P     1 
ATOM   606 O  OP1   . DA  B  1 15 ? 9.886   1.687   -11.142 1.00 24.53 ? 15  DA  B OP1   1 
ATOM   607 O  OP2   . DA  B  1 15 ? 8.306   2.391   -13.031 1.00 24.91 ? 15  DA  B OP2   1 
ATOM   608 O  "O5'" . DA  B  1 15 ? 7.414   1.255   -11.000 1.00 20.73 ? 15  DA  B "O5'" 1 
ATOM   609 C  "C5'" . DA  B  1 15 ? 7.733   0.220   -10.074 1.00 20.05 ? 15  DA  B "C5'" 1 
ATOM   610 C  "C4'" . DA  B  1 15 ? 7.972   0.755   -8.668  1.00 20.24 ? 15  DA  B "C4'" 1 
ATOM   611 O  "O4'" . DA  B  1 15 ? 6.913   1.679   -8.300  1.00 19.20 ? 15  DA  B "O4'" 1 
ATOM   612 C  "C3'" . DA  B  1 15 ? 7.992   -0.338  -7.598  1.00 19.14 ? 15  DA  B "C3'" 1 
ATOM   613 O  "O3'" . DA  B  1 15 ? 9.162   -0.266  -6.805  1.00 22.10 ? 15  DA  B "O3'" 1 
ATOM   614 C  "C2'" . DA  B  1 15 ? 6.730   -0.107  -6.771  1.00 16.78 ? 15  DA  B "C2'" 1 
ATOM   615 C  "C1'" . DA  B  1 15 ? 6.406   1.356   -7.019  1.00 16.66 ? 15  DA  B "C1'" 1 
ATOM   616 N  N9    . DA  B  1 15 ? 4.974   1.615   -7.020  1.00 13.35 ? 15  DA  B N9    1 
ATOM   617 C  C8    . DA  B  1 15 ? 4.111   1.448   -8.073  1.00 13.90 ? 15  DA  B C8    1 
ATOM   618 N  N7    . DA  B  1 15 ? 2.871   1.752   -7.790  1.00 13.35 ? 15  DA  B N7    1 
ATOM   619 C  C5    . DA  B  1 15 ? 2.907   2.144   -6.458  1.00 12.19 ? 15  DA  B C5    1 
ATOM   620 C  C6    . DA  B  1 15 ? 1.900   2.598   -5.566  1.00 10.76 ? 15  DA  B C6    1 
ATOM   621 N  N6    . DA  B  1 15 ? 0.616   2.744   -5.913  1.00 10.14 ? 15  DA  B N6    1 
ATOM   622 N  N1    . DA  B  1 15 ? 2.267   2.908   -4.302  1.00 9.29  ? 15  DA  B N1    1 
ATOM   623 C  C2    . DA  B  1 15 ? 3.555   2.776   -3.961  1.00 8.15  ? 15  DA  B C2    1 
ATOM   624 N  N3    . DA  B  1 15 ? 4.595   2.367   -4.712  1.00 10.36 ? 15  DA  B N3    1 
ATOM   625 C  C4    . DA  B  1 15 ? 4.196   2.063   -5.964  1.00 13.97 ? 15  DA  B C4    1 
ATOM   626 P  P     . DA  B  1 16 ? 9.766   -1.624  -6.191  1.00 23.14 ? 16  DA  B P     1 
ATOM   627 O  OP1   . DA  B  1 16 ? 11.204  -1.687  -6.541  1.00 24.45 ? 16  DA  B OP1   1 
ATOM   628 O  OP2   . DA  B  1 16 ? 8.854   -2.718  -6.589  1.00 24.13 ? 16  DA  B OP2   1 
ATOM   629 O  "O5'" . DA  B  1 16 ? 9.616   -1.438  -4.613  1.00 15.82 ? 16  DA  B "O5'" 1 
ATOM   630 C  "C5'" . DA  B  1 16 ? 10.568  -0.694  -3.889  1.00 16.49 ? 16  DA  B "C5'" 1 
ATOM   631 C  "C4'" . DA  B  1 16 ? 10.147  -0.598  -2.440  1.00 13.98 ? 16  DA  B "C4'" 1 
ATOM   632 O  "O4'" . DA  B  1 16 ? 9.011   0.298   -2.344  1.00 12.98 ? 16  DA  B "O4'" 1 
ATOM   633 C  "C3'" . DA  B  1 16 ? 9.673   -1.907  -1.829  1.00 15.27 ? 16  DA  B "C3'" 1 
ATOM   634 O  "O3'" . DA  B  1 16 ? 10.773  -2.609  -1.249  1.00 17.79 ? 16  DA  B "O3'" 1 
ATOM   635 C  "C2'" . DA  B  1 16 ? 8.699   -1.435  -0.761  1.00 12.15 ? 16  DA  B "C2'" 1 
ATOM   636 C  "C1'" . DA  B  1 16 ? 8.085   -0.190  -1.400  1.00 12.16 ? 16  DA  B "C1'" 1 
ATOM   637 N  N9    . DA  B  1 16 ? 6.843   -0.434  -2.098  1.00 10.15 ? 16  DA  B N9    1 
ATOM   638 C  C8    . DA  B  1 16 ? 6.648   -1.180  -3.234  1.00 10.41 ? 16  DA  B C8    1 
ATOM   639 N  N7    . DA  B  1 16 ? 5.405   -1.203  -3.641  1.00 10.45 ? 16  DA  B N7    1 
ATOM   640 C  C5    . DA  B  1 16 ? 4.723   -0.425  -2.713  1.00 9.88  ? 16  DA  B C5    1 
ATOM   641 C  C6    . DA  B  1 16 ? 3.359   -0.051  -2.597  1.00 6.90  ? 16  DA  B C6    1 
ATOM   642 N  N6    . DA  B  1 16 ? 2.412   -0.427  -3.465  1.00 9.32  ? 16  DA  B N6    1 
ATOM   643 N  N1    . DA  B  1 16 ? 3.005   0.735   -1.556  1.00 7.88  ? 16  DA  B N1    1 
ATOM   644 C  C2    . DA  B  1 16 ? 3.956   1.123   -0.695  1.00 8.57  ? 16  DA  B C2    1 
ATOM   645 N  N3    . DA  B  1 16 ? 5.273   0.844   -0.704  1.00 9.34  ? 16  DA  B N3    1 
ATOM   646 C  C4    . DA  B  1 16 ? 5.594   0.055   -1.752  1.00 8.00  ? 16  DA  B C4    1 
HETATM 647 AG AG    . AG  C  2 .  ? -3.165  -8.863  5.615   0.95 9.14  ? 101 AG  A AG    1 
HETATM 648 AG AG    . AG  D  2 .  ? -2.460  -9.092  2.941   0.96 9.14  ? 102 AG  A AG    1 
HETATM 649 AG AG    . AG  E  2 .  ? -0.591  -9.540  4.860   1.00 9.88  ? 103 AG  A AG    1 
HETATM 650 AG AG    . AG  F  2 .  ? -1.035  -7.127  5.973   0.96 8.64  ? 104 AG  A AG    1 
HETATM 651 AG AG    . AG  G  2 .  ? -2.932  -6.520  3.992   0.96 8.69  ? 105 AG  A AG    1 
HETATM 652 AG AG    . AG  H  2 .  ? -0.333  -7.294  3.180   0.97 8.48  ? 106 AG  A AG    1 
HETATM 653 AG AG    . AG  I  2 .  ? -2.298  -6.670  1.273   0.95 8.78  ? 107 AG  A AG    1 
HETATM 654 AG AG    . AG  J  2 .  ? -0.731  -4.705  3.993   0.92 8.77  ? 108 AG  A AG    1 
HETATM 655 AG AG    . AG  K  2 .  ? -0.154  -4.964  1.260   0.93 9.01  ? 109 AG  A AG    1 
HETATM 656 AG AG    . AG  L  2 .  ? -2.577  -3.941  2.067   0.90 9.23  ? 110 AG  A AG    1 
HETATM 657 AG AG    . AG  M  2 .  ? 0.474   -2.563  2.685   1.00 8.94  ? 111 AG  A AG    1 
HETATM 658 AG AG    . AG  N  2 .  ? -1.748  -0.914  2.425   0.94 9.10  ? 112 AG  A AG    1 
HETATM 659 AG AG    . AG  O  2 .  ? -0.635  -2.073  0.157   0.94 9.37  ? 113 AG  A AG    1 
HETATM 660 AG AG    . AG  P  2 .  ? 0.862   -0.021  1.494   1.00 9.07  ? 114 AG  A AG    1 
HETATM 661 CL CL    . CL  Q  3 .  ? 1.748   1.959   3.196   1.00 9.82  ? 115 CL  A CL    1 
HETATM 662 AG AG    . AG  R  2 .  ? -1.563  0.658   0.089   0.99 8.94  ? 101 AG  B AG    1 
HETATM 663 AG AG    . AG  S  2 .  ? 0.057   2.686   1.411   0.92 8.81  ? 102 AG  B AG    1 
HETATM 664 AG AG    . AG  T  2 .  ? -1.225  3.266   -0.981  1.00 9.09  ? 103 AG  B AG    1 
HETATM 665 AG AG    . AG  U  2 .  ? 0.966   1.525   -0.950  0.95 9.67  ? 104 AG  B AG    1 
HETATM 666 AG AG    . AG  V  2 .  ? 0.819   4.028   -2.826  0.98 9.79  ? 105 AG  B AG    1 
HETATM 667 AG AG    . AG  W  2 .  ? 1.802   4.661   -0.329  0.89 9.19  ? 106 AG  B AG    1 
HETATM 668 AG AG    . AG  X  2 .  ? -0.363  5.832   -1.343  0.92 9.93  ? 107 AG  B AG    1 
HETATM 669 AG AG    . AG  Y  2 .  ? 2.910   5.795   -2.703  0.96 8.88  ? 108 AG  B AG    1 
HETATM 670 AG AG    . AG  Z  2 .  ? 0.503   6.935   -3.595  0.97 8.66  ? 109 AG  B AG    1 
HETATM 671 AG AG    . AG  AA 2 .  ? 1.676   7.783   -1.171  0.96 8.57  ? 110 AG  B AG    1 
HETATM 672 AG AG    . AG  BA 2 .  ? -0.732  8.982   -1.981  0.97 8.68  ? 111 AG  B AG    1 
HETATM 673 AG AG    . AG  CA 2 .  ? 2.754   8.581   -3.651  0.94 8.73  ? 112 AG  B AG    1 
HETATM 674 AG AG    . AG  DA 2 .  ? 0.356   9.647   -4.352  1.00 9.85  ? 113 AG  B AG    1 
HETATM 675 AG AG    . AG  EA 2 .  ? 1.581   10.506  -2.030  0.95 8.99  ? 114 AG  B AG    1 
HETATM 676 CL CL    . CL  FA 3 .  ? -3.856  0.278   1.575   1.00 9.61  ? 115 CL  B CL    1 
HETATM 677 O  O     . HOH GA 4 .  ? 5.563   -2.614  6.478   1.00 8.93  ? 201 HOH A O     1 
HETATM 678 O  O     . HOH GA 4 .  ? 4.445   6.113   5.766   1.00 18.16 ? 202 HOH A O     1 
HETATM 679 O  O     . HOH GA 4 .  ? -3.405  -10.832 -3.907  1.00 19.05 ? 203 HOH A O     1 
HETATM 680 O  O     . HOH GA 4 .  ? -8.408  -1.355  7.574   1.00 18.13 ? 204 HOH A O     1 
HETATM 681 O  O     . HOH GA 4 .  ? 7.423   -10.422 9.170   1.00 18.47 ? 205 HOH A O     1 
HETATM 682 O  O     . HOH GA 4 .  ? 8.531   -6.888  11.571  1.00 17.50 ? 206 HOH A O     1 
HETATM 683 O  O     . HOH GA 4 .  ? 5.067   -7.414  -0.449  1.00 13.68 ? 207 HOH A O     1 
HETATM 684 O  O     . HOH GA 4 .  ? 4.132   -10.034 0.104   1.00 14.76 ? 208 HOH A O     1 
HETATM 685 O  O     . HOH GA 4 .  ? -6.831  -1.016  4.959   1.00 17.82 ? 209 HOH A O     1 
HETATM 686 O  O     . HOH GA 4 .  ? 8.816   -4.862  -0.525  1.00 19.41 ? 210 HOH A O     1 
HETATM 687 O  O     . HOH GA 4 .  ? -3.951  -6.830  -4.315  1.00 16.45 ? 211 HOH A O     1 
HETATM 688 O  O     . HOH GA 4 .  ? 3.801   -4.809  -3.674  1.00 15.04 ? 212 HOH A O     1 
HETATM 689 O  O     . HOH GA 4 .  ? -3.315  -13.807 -1.333  1.00 18.54 ? 213 HOH A O     1 
HETATM 690 O  O     . HOH GA 4 .  ? 2.903   -3.450  9.022   1.00 16.69 ? 214 HOH A O     1 
HETATM 691 O  O     . HOH GA 4 .  ? 13.610  -5.177  -1.136  1.00 19.98 ? 215 HOH A O     1 
HETATM 692 O  O     . HOH GA 4 .  ? -1.997  -6.996  12.736  1.00 20.33 ? 216 HOH A O     1 
HETATM 693 O  O     . HOH GA 4 .  ? -6.255  2.420   6.738   1.00 20.88 ? 217 HOH A O     1 
HETATM 694 O  O     . HOH HA 4 .  ? 1.646   13.796  9.852   1.00 18.73 ? 201 HOH B O     1 
HETATM 695 O  O     . HOH HA 4 .  ? 1.970   8.690   6.956   1.00 19.34 ? 202 HOH B O     1 
HETATM 696 O  O     . HOH HA 4 .  ? -8.790  -1.450  3.907   1.00 16.84 ? 203 HOH B O     1 
HETATM 697 O  O     . HOH HA 4 .  ? 8.110   5.485   -6.931  1.00 19.71 ? 204 HOH B O     1 
HETATM 698 O  O     . HOH HA 4 .  ? -7.852  10.806  -8.168  1.00 17.87 ? 205 HOH B O     1 
HETATM 699 O  O     . HOH HA 4 .  ? -11.554 7.698   5.682   1.00 19.69 ? 206 HOH B O     1 
HETATM 700 O  O     . HOH HA 4 .  ? -11.222 9.859   -5.454  1.00 17.64 ? 207 HOH B O     1 
HETATM 701 O  O     . HOH HA 4 .  ? -1.205  2.792   -8.322  1.00 13.13 ? 208 HOH B O     1 
HETATM 702 O  O     . HOH HA 4 .  ? 0.298   15.140  8.608   1.00 20.93 ? 209 HOH B O     1 
HETATM 703 O  O     . HOH HA 4 .  ? -0.128  5.182   -9.324  1.00 15.86 ? 210 HOH B O     1 
HETATM 704 O  O     . HOH HA 4 .  ? 2.140   5.955   5.485   1.00 16.65 ? 211 HOH B O     1 
HETATM 705 O  O     . HOH HA 4 .  ? -4.882  0.124   -8.831  1.00 20.44 ? 212 HOH B O     1 
HETATM 706 O  O     . HOH HA 4 .  ? 0.833   -0.669  -6.983  1.00 15.63 ? 213 HOH B O     1 
HETATM 707 O  O     . HOH HA 4 .  ? 7.654   2.579   -3.987  1.00 16.41 ? 214 HOH B O     1 
HETATM 708 O  O     . HOH HA 4 .  ? -6.694  10.986  -11.317 1.00 24.87 ? 215 HOH B O     1 
HETATM 709 O  O     . HOH HA 4 .  ? 11.054  -5.769  -2.149  1.00 22.65 ? 216 HOH B O     1 
HETATM 710 O  O     . HOH HA 4 .  ? -0.130  4.808   7.775   1.00 20.07 ? 217 HOH B O     1 
HETATM 711 O  O     . HOH HA 4 .  ? -6.893  9.499   -0.248  1.00 20.17 ? 218 HOH B O     1 
HETATM 712 O  O     . HOH HA 4 .  ? -7.924  -1.753  -12.369 1.00 19.46 ? 219 HOH B O     1 
HETATM 713 O  O     . HOH HA 4 .  ? -3.948  13.950  1.345   1.00 19.70 ? 220 HOH B O     1 
HETATM 714 O  O     . HOH HA 4 .  ? 8.782   8.942   -8.475  1.00 23.07 ? 221 HOH B O     1 
HETATM 715 O  O     . HOH HA 4 .  ? 0.991   18.589  -9.619  1.00 24.90 ? 222 HOH B O     1 
# 
